data_1A0D
#
_entry.id   1A0D
#
_cell.length_a   86.290
_cell.length_b   141.850
_cell.length_c   160.660
_cell.angle_alpha   90.00
_cell.angle_beta   90.00
_cell.angle_gamma   90.00
#
_symmetry.space_group_name_H-M   'P 21 21 21'
#
loop_
_entity.id
_entity.type
_entity.pdbx_description
1 polymer 'XYLOSE ISOMERASE'
2 non-polymer 'MANGANESE (II) ION'
3 water water
#
_entity_poly.entity_id   1
_entity_poly.type   'polypeptide(L)'
_entity_poly.pdbx_seq_one_letter_code
;PYFDNISTIAYEGPASKNPLAFKFYNPEEKVGDKTMEEHLRFSVAYWHTFTGDGSDPFGAGNMIRPWNKYSGMDLAKARV
EAAFEFFEKLNIPFFCFHDVDIAPEGETLKETYKNLDIIVDMIEEYMKTSKTKLLWNTANLFTHPRFVHGAATSCNADVF
AYAAAKVKKGLEIAKRLGAENYVFWGGREGYETLLNTDMKLELDNLARFLHMAVDYAKEIGFDGQFLIEPKPKEPTKHQY
DFDVATALAFLQTYGLKDYFKFNIEANHATLAGHTFEHELRVARIHGMLGSVDANQGDMLLGWDTDEFPTDLYSTTLAMY
EILKNGGLGRGGLNFDAKVRRGSFEPEDLFYAHIAGMDSFAVGLKVAHRLIEDRVFDEFIEERYKSYTEGIGREIVEGTA
DFHKLEAHALQLGEIQNQSGRQERLKTLLNQYLLEVCAAR
;
_entity_poly.pdbx_strand_id   A,B,C,D
#
loop_
_chem_comp.id
_chem_comp.type
_chem_comp.name
_chem_comp.formula
MN non-polymer 'MANGANESE (II) ION' 'Mn 2'
#
# COMPACT_ATOMS: atom_id res chain seq x y z
N PRO A 1 -2.56 -1.87 46.51
CA PRO A 1 -3.95 -2.05 46.08
C PRO A 1 -4.08 -2.70 44.70
N TYR A 2 -3.81 -1.97 43.63
CA TYR A 2 -3.91 -2.57 42.30
C TYR A 2 -2.60 -3.06 41.72
N PHE A 3 -1.59 -2.19 41.74
CA PHE A 3 -0.26 -2.51 41.27
C PHE A 3 0.68 -2.58 42.47
N ASP A 4 0.66 -3.73 43.15
CA ASP A 4 1.45 -3.95 44.36
C ASP A 4 2.89 -4.28 44.07
N ASN A 5 3.10 -5.07 43.02
CA ASN A 5 4.44 -5.43 42.59
C ASN A 5 5.19 -4.14 42.29
N ILE A 6 4.55 -3.28 41.50
CA ILE A 6 5.17 -2.06 41.03
C ILE A 6 5.26 -0.97 42.08
N SER A 7 6.46 -0.46 42.28
CA SER A 7 6.69 0.66 43.17
C SER A 7 6.84 1.87 42.26
N THR A 8 6.74 3.08 42.80
CA THR A 8 6.86 4.30 42.00
C THR A 8 8.13 4.27 41.12
N ILE A 9 7.93 4.46 39.81
CA ILE A 9 9.00 4.41 38.79
C ILE A 9 9.92 5.65 38.83
N ALA A 10 11.22 5.42 38.91
CA ALA A 10 12.14 6.54 39.01
C ALA A 10 13.14 6.60 37.86
N TYR A 11 13.69 7.80 37.64
CA TYR A 11 14.74 7.98 36.64
C TYR A 11 16.06 7.44 37.18
N GLU A 12 16.60 6.43 36.52
CA GLU A 12 17.87 5.85 36.97
C GLU A 12 19.05 6.03 36.05
N GLY A 13 18.86 6.64 34.88
CA GLY A 13 19.97 6.86 33.99
C GLY A 13 20.22 5.71 33.04
N PRO A 14 20.96 5.96 31.95
CA PRO A 14 21.34 5.06 30.85
C PRO A 14 21.94 3.73 31.25
N ALA A 15 22.96 3.77 32.09
CA ALA A 15 23.58 2.54 32.53
C ALA A 15 22.84 2.12 33.78
N SER A 16 21.77 1.36 33.58
CA SER A 16 20.94 0.86 34.66
C SER A 16 20.25 -0.36 34.12
N LYS A 17 20.45 -1.49 34.81
CA LYS A 17 19.91 -2.75 34.35
C LYS A 17 18.46 -2.99 34.84
N ASN A 18 17.86 -1.95 35.42
CA ASN A 18 16.51 -2.07 35.96
C ASN A 18 15.40 -1.81 34.95
N PRO A 19 14.66 -2.86 34.56
CA PRO A 19 13.56 -2.76 33.60
C PRO A 19 12.46 -1.77 33.99
N LEU A 20 12.26 -1.57 35.29
CA LEU A 20 11.23 -0.64 35.73
C LEU A 20 11.76 0.72 36.17
N ALA A 21 12.50 1.38 35.27
CA ALA A 21 13.05 2.69 35.56
C ALA A 21 13.24 3.48 34.26
N PHE A 22 13.22 4.80 34.36
CA PHE A 22 13.47 5.64 33.20
C PHE A 22 14.96 5.70 32.96
N LYS A 23 15.39 5.39 31.74
CA LYS A 23 16.79 5.49 31.41
C LYS A 23 17.15 6.85 30.85
N PHE A 24 16.18 7.54 30.27
CA PHE A 24 16.42 8.84 29.66
C PHE A 24 15.49 9.95 30.10
N TYR A 25 14.28 9.60 30.51
CA TYR A 25 13.31 10.60 30.92
C TYR A 25 13.53 10.98 32.38
N ASN A 26 14.07 12.17 32.58
CA ASN A 26 14.29 12.72 33.91
C ASN A 26 13.40 13.96 33.99
N PRO A 27 12.23 13.83 34.63
CA PRO A 27 11.22 14.87 34.78
C PRO A 27 11.76 16.27 35.00
N GLU A 28 12.81 16.39 35.82
CA GLU A 28 13.31 17.71 36.14
C GLU A 28 14.63 18.11 35.47
N GLU A 29 15.13 17.27 34.58
CA GLU A 29 16.33 17.62 33.82
C GLU A 29 15.95 18.77 32.91
N LYS A 30 16.80 19.79 32.85
CA LYS A 30 16.52 20.93 32.00
C LYS A 30 17.05 20.71 30.61
N VAL A 31 16.22 21.04 29.62
CA VAL A 31 16.64 20.97 28.24
C VAL A 31 16.29 22.35 27.73
N GLY A 32 17.29 23.22 27.68
CA GLY A 32 17.04 24.61 27.33
C GLY A 32 16.47 25.29 28.55
N ASP A 33 15.44 26.10 28.38
CA ASP A 33 14.88 26.80 29.52
C ASP A 33 13.71 26.10 30.22
N LYS A 34 13.33 24.91 29.75
CA LYS A 34 12.25 24.14 30.39
C LYS A 34 12.74 22.74 30.73
N THR A 35 12.14 22.16 31.77
CA THR A 35 12.47 20.79 32.17
C THR A 35 11.81 19.81 31.23
N MET A 36 12.29 18.58 31.22
CA MET A 36 11.72 17.54 30.37
C MET A 36 10.21 17.38 30.60
N GLU A 37 9.79 17.48 31.86
CA GLU A 37 8.38 17.34 32.19
C GLU A 37 7.55 18.46 31.57
N GLU A 38 8.07 19.68 31.60
CA GLU A 38 7.34 20.83 31.04
C GLU A 38 7.27 20.76 29.52
N HIS A 39 8.34 20.26 28.92
CA HIS A 39 8.43 20.10 27.47
C HIS A 39 7.50 19.01 26.95
N LEU A 40 7.58 17.84 27.57
CA LEU A 40 6.88 16.68 27.06
C LEU A 40 5.40 16.57 27.40
N ARG A 41 4.97 17.16 28.51
CA ARG A 41 3.56 17.14 28.92
C ARG A 41 2.86 15.80 28.62
N PHE A 42 3.43 14.71 29.14
CA PHE A 42 2.89 13.38 28.90
C PHE A 42 1.47 13.18 29.42
N SER A 43 0.70 12.34 28.72
CA SER A 43 -0.69 12.08 29.07
C SER A 43 -1.02 10.61 28.78
N VAL A 44 -1.85 9.99 29.62
CA VAL A 44 -2.24 8.61 29.34
C VAL A 44 -3.69 8.51 28.89
N ALA A 45 -3.90 7.65 27.90
CA ALA A 45 -5.20 7.42 27.32
C ALA A 45 -5.96 6.44 28.20
N TYR A 46 -7.04 6.92 28.80
CA TYR A 46 -7.87 6.11 29.68
C TYR A 46 -8.35 4.85 28.98
N TRP A 47 -8.86 5.03 27.77
CA TRP A 47 -9.42 3.94 26.99
C TRP A 47 -8.53 2.72 26.87
N HIS A 48 -7.37 2.88 26.24
CA HIS A 48 -6.48 1.75 26.03
C HIS A 48 -5.96 1.19 27.33
N THR A 49 -5.54 2.08 28.22
CA THR A 49 -4.89 1.67 29.44
C THR A 49 -5.81 1.02 30.48
N PHE A 50 -7.02 1.55 30.66
CA PHE A 50 -7.90 1.01 31.69
C PHE A 50 -9.13 0.24 31.23
N THR A 51 -9.53 0.41 29.98
CA THR A 51 -10.70 -0.31 29.48
C THR A 51 -10.37 -1.26 28.33
N GLY A 52 -9.15 -1.18 27.81
CA GLY A 52 -8.73 -2.07 26.74
C GLY A 52 -8.65 -3.52 27.20
N ASP A 53 -9.03 -4.46 26.33
CA ASP A 53 -9.02 -5.88 26.69
C ASP A 53 -8.18 -6.77 25.80
N GLY A 54 -7.44 -6.16 24.87
CA GLY A 54 -6.58 -6.94 24.01
C GLY A 54 -7.32 -7.76 22.96
N SER A 55 -8.62 -7.50 22.81
CA SER A 55 -9.39 -8.17 21.78
C SER A 55 -8.87 -7.71 20.42
N ASP A 56 -9.27 -8.44 19.40
CA ASP A 56 -8.59 -8.46 18.13
C ASP A 56 -9.72 -8.89 17.19
N PRO A 57 -9.69 -8.48 15.91
CA PRO A 57 -10.77 -8.88 15.00
C PRO A 57 -11.00 -10.39 14.94
N PHE A 58 -9.98 -11.16 15.36
CA PHE A 58 -10.03 -12.61 15.34
C PHE A 58 -9.76 -13.22 16.73
N GLY A 59 -9.65 -12.36 17.74
CA GLY A 59 -9.36 -12.85 19.07
C GLY A 59 -10.20 -12.24 20.17
N ALA A 60 -10.47 -13.03 21.21
CA ALA A 60 -11.24 -12.57 22.35
C ALA A 60 -10.34 -11.73 23.25
N GLY A 61 -10.92 -11.02 24.20
CA GLY A 61 -10.10 -10.24 25.11
C GLY A 61 -9.18 -11.14 25.91
N ASN A 62 -7.89 -10.82 25.94
CA ASN A 62 -6.94 -11.67 26.64
C ASN A 62 -6.17 -10.96 27.75
N MET A 63 -6.36 -9.65 27.89
CA MET A 63 -5.63 -8.87 28.89
C MET A 63 -5.89 -9.29 30.33
N ILE A 64 -4.84 -9.35 31.13
CA ILE A 64 -4.95 -9.69 32.54
C ILE A 64 -4.88 -8.41 33.38
N ARG A 65 -6.00 -8.04 34.01
CA ARG A 65 -6.03 -6.86 34.85
C ARG A 65 -6.70 -7.11 36.20
N PRO A 66 -6.17 -6.51 37.29
CA PRO A 66 -6.70 -6.71 38.66
C PRO A 66 -8.18 -6.33 38.86
N TRP A 67 -8.65 -5.33 38.14
CA TRP A 67 -10.02 -4.87 38.29
C TRP A 67 -11.03 -5.67 37.47
N ASN A 68 -10.59 -6.78 36.86
CA ASN A 68 -11.47 -7.59 36.01
C ASN A 68 -12.59 -8.31 36.73
N LYS A 69 -12.41 -8.56 38.03
CA LYS A 69 -13.42 -9.25 38.84
C LYS A 69 -14.75 -8.47 38.92
N TYR A 70 -14.68 -7.14 38.78
CA TYR A 70 -15.85 -6.28 38.89
C TYR A 70 -16.69 -6.11 37.63
N SER A 71 -17.95 -5.70 37.84
CA SER A 71 -18.88 -5.44 36.74
C SER A 71 -19.50 -4.07 36.95
N GLY A 72 -20.24 -3.60 35.95
CA GLY A 72 -20.93 -2.32 36.11
C GLY A 72 -20.22 -1.16 36.78
N MET A 73 -20.94 -0.43 37.63
CA MET A 73 -20.38 0.72 38.33
C MET A 73 -19.21 0.39 39.25
N ASP A 74 -19.20 -0.84 39.78
CA ASP A 74 -18.09 -1.26 40.62
C ASP A 74 -16.82 -1.25 39.78
N LEU A 75 -16.94 -1.75 38.56
CA LEU A 75 -15.84 -1.74 37.60
C LEU A 75 -15.42 -0.31 37.24
N ALA A 76 -16.40 0.56 37.02
CA ALA A 76 -16.13 1.94 36.67
C ALA A 76 -15.34 2.62 37.78
N LYS A 77 -15.80 2.43 39.01
CA LYS A 77 -15.14 3.01 40.18
C LYS A 77 -13.75 2.41 40.36
N ALA A 78 -13.67 1.09 40.26
CA ALA A 78 -12.40 0.38 40.43
C ALA A 78 -11.36 0.97 39.49
N ARG A 79 -11.76 1.17 38.25
CA ARG A 79 -10.86 1.73 37.25
C ARG A 79 -10.37 3.11 37.62
N VAL A 80 -11.23 3.93 38.23
CA VAL A 80 -10.81 5.28 38.61
C VAL A 80 -9.72 5.21 39.67
N GLU A 81 -9.93 4.37 40.69
CA GLU A 81 -8.93 4.16 41.73
C GLU A 81 -7.63 3.70 41.10
N ALA A 82 -7.74 2.68 40.25
CA ALA A 82 -6.58 2.12 39.54
C ALA A 82 -5.89 3.19 38.71
N ALA A 83 -6.70 3.97 38.00
CA ALA A 83 -6.19 5.00 37.09
C ALA A 83 -5.25 5.93 37.85
N PHE A 84 -5.76 6.50 38.94
CA PHE A 84 -4.96 7.42 39.72
C PHE A 84 -3.74 6.81 40.39
N GLU A 85 -3.82 5.52 40.71
CA GLU A 85 -2.67 4.83 41.26
C GLU A 85 -1.59 4.76 40.17
N PHE A 86 -2.00 4.40 38.96
CA PHE A 86 -1.10 4.29 37.82
C PHE A 86 -0.45 5.64 37.52
N PHE A 87 -1.26 6.70 37.50
CA PHE A 87 -0.77 8.06 37.28
C PHE A 87 0.34 8.43 38.26
N GLU A 88 0.11 8.14 39.53
CA GLU A 88 1.06 8.44 40.58
C GLU A 88 2.36 7.66 40.41
N LYS A 89 2.26 6.35 40.22
CA LYS A 89 3.44 5.51 40.08
C LYS A 89 4.26 5.82 38.84
N LEU A 90 3.61 6.29 37.80
CA LEU A 90 4.31 6.57 36.55
C LEU A 90 4.72 8.04 36.49
N ASN A 91 4.08 8.87 37.30
CA ASN A 91 4.42 10.27 37.40
C ASN A 91 3.97 11.05 36.18
N ILE A 92 2.74 10.79 35.74
CA ILE A 92 2.20 11.45 34.55
C ILE A 92 1.42 12.70 34.89
N PRO A 93 1.72 13.81 34.21
CA PRO A 93 1.06 15.10 34.42
C PRO A 93 -0.40 15.15 33.96
N PHE A 94 -0.76 14.34 32.96
CA PHE A 94 -2.09 14.41 32.33
C PHE A 94 -2.70 13.08 31.96
N PHE A 95 -4.00 13.12 31.65
CA PHE A 95 -4.69 11.98 31.06
C PHE A 95 -5.83 12.48 30.16
N CYS A 96 -6.40 11.56 29.37
CA CYS A 96 -7.51 11.87 28.46
C CYS A 96 -8.53 10.76 28.49
N PHE A 97 -9.77 11.07 28.11
CA PHE A 97 -10.79 10.03 28.07
C PHE A 97 -11.99 10.39 27.20
N HIS A 98 -12.70 9.35 26.77
CA HIS A 98 -13.99 9.48 26.10
C HIS A 98 -14.97 9.25 27.23
N ASP A 99 -16.14 9.86 27.12
CA ASP A 99 -17.21 9.66 28.08
C ASP A 99 -17.50 8.18 28.39
N VAL A 100 -17.55 7.34 27.36
CA VAL A 100 -17.84 5.91 27.57
C VAL A 100 -16.71 5.12 28.22
N ASP A 101 -15.54 5.74 28.32
CA ASP A 101 -14.39 5.07 28.93
C ASP A 101 -14.54 5.05 30.45
N ILE A 102 -15.08 6.14 30.98
CA ILE A 102 -15.12 6.32 32.43
C ILE A 102 -16.38 5.80 33.11
N ALA A 103 -17.50 5.80 32.41
CA ALA A 103 -18.74 5.31 33.00
C ALA A 103 -19.58 4.50 32.02
N PRO A 104 -20.31 3.50 32.52
CA PRO A 104 -21.15 2.66 31.65
C PRO A 104 -22.38 3.41 31.13
N GLU A 105 -22.66 3.21 29.85
CA GLU A 105 -23.81 3.84 29.20
C GLU A 105 -25.11 3.24 29.75
N GLY A 106 -26.16 4.05 29.81
CA GLY A 106 -27.42 3.59 30.35
C GLY A 106 -28.37 3.12 29.27
N GLU A 107 -29.56 2.70 29.67
CA GLU A 107 -30.54 2.30 28.68
C GLU A 107 -31.20 3.53 28.07
N THR A 108 -31.21 4.64 28.81
CA THR A 108 -31.72 5.91 28.30
C THR A 108 -30.70 7.02 28.58
N LEU A 109 -30.79 8.10 27.82
CA LEU A 109 -29.86 9.21 27.99
C LEU A 109 -29.80 9.73 29.42
N LYS A 110 -30.96 9.83 30.08
CA LYS A 110 -31.01 10.31 31.47
C LYS A 110 -30.16 9.41 32.37
N GLU A 111 -30.26 8.10 32.16
CA GLU A 111 -29.43 7.16 32.92
C GLU A 111 -27.96 7.40 32.67
N THR A 112 -27.56 7.40 31.40
CA THR A 112 -26.16 7.66 31.02
C THR A 112 -25.60 8.86 31.76
N TYR A 113 -26.37 9.96 31.75
CA TYR A 113 -25.98 11.16 32.47
C TYR A 113 -25.75 10.91 33.97
N LYS A 114 -26.60 10.11 34.59
CA LYS A 114 -26.47 9.83 36.03
C LYS A 114 -25.15 9.14 36.34
N ASN A 115 -24.88 8.05 35.63
CA ASN A 115 -23.69 7.24 35.82
C ASN A 115 -22.44 8.09 35.59
N LEU A 116 -22.52 8.93 34.57
CA LEU A 116 -21.43 9.82 34.22
C LEU A 116 -21.17 10.76 35.39
N ASP A 117 -22.19 11.48 35.85
CA ASP A 117 -22.03 12.42 36.95
C ASP A 117 -21.40 11.79 38.18
N ILE A 118 -21.89 10.61 38.55
CA ILE A 118 -21.32 9.86 39.67
C ILE A 118 -19.81 9.70 39.50
N ILE A 119 -19.40 9.13 38.38
CA ILE A 119 -17.99 8.93 38.10
C ILE A 119 -17.21 10.25 38.02
N VAL A 120 -17.80 11.28 37.40
CA VAL A 120 -17.14 12.58 37.34
C VAL A 120 -16.92 13.16 38.76
N ASP A 121 -17.89 12.96 39.65
CA ASP A 121 -17.74 13.42 41.04
C ASP A 121 -16.50 12.79 41.64
N MET A 122 -16.38 11.48 41.42
CA MET A 122 -15.28 10.70 41.95
C MET A 122 -13.95 11.15 41.36
N ILE A 123 -13.93 11.42 40.06
CA ILE A 123 -12.72 11.87 39.40
C ILE A 123 -12.31 13.23 39.95
N GLU A 124 -13.27 14.13 40.06
CA GLU A 124 -13.01 15.49 40.53
C GLU A 124 -12.32 15.50 41.89
N GLU A 125 -12.86 14.73 42.82
CA GLU A 125 -12.31 14.65 44.16
C GLU A 125 -11.30 13.51 44.18
N TYR A 126 -10.18 13.73 43.52
CA TYR A 126 -9.11 12.74 43.33
C TYR A 126 -8.07 13.59 42.65
N MET A 127 -8.55 14.42 41.72
CA MET A 127 -7.73 15.44 41.07
C MET A 127 -7.30 16.35 42.21
N LYS A 128 -8.19 16.47 43.19
CA LYS A 128 -7.98 17.27 44.40
C LYS A 128 -6.65 16.95 45.09
N THR A 129 -6.24 15.69 45.05
CA THR A 129 -5.04 15.24 45.74
C THR A 129 -3.97 14.70 44.78
N SER A 130 -4.11 14.97 43.49
CA SER A 130 -3.17 14.42 42.51
C SER A 130 -2.55 15.52 41.65
N LYS A 131 -1.34 15.27 41.16
CA LYS A 131 -0.68 16.25 40.27
C LYS A 131 -1.26 16.12 38.86
N THR A 132 -1.87 14.96 38.58
CA THR A 132 -2.43 14.69 37.27
C THR A 132 -3.66 15.53 36.97
N LYS A 133 -3.71 16.05 35.75
CA LYS A 133 -4.81 16.88 35.31
C LYS A 133 -5.35 16.40 33.98
N LEU A 134 -6.56 16.82 33.66
CA LEU A 134 -7.20 16.44 32.43
C LEU A 134 -6.66 17.28 31.27
N LEU A 135 -5.98 16.63 30.33
CA LEU A 135 -5.47 17.31 29.14
C LEU A 135 -6.65 17.63 28.24
N TRP A 136 -7.40 16.59 27.86
CA TRP A 136 -8.64 16.76 27.10
C TRP A 136 -9.55 15.56 27.23
N ASN A 137 -10.84 15.79 27.08
CA ASN A 137 -11.82 14.71 27.05
C ASN A 137 -12.56 14.82 25.72
N THR A 138 -13.43 13.87 25.45
CA THR A 138 -14.12 13.83 24.17
C THR A 138 -15.37 12.94 24.24
N ALA A 139 -16.24 13.08 23.25
CA ALA A 139 -17.47 12.29 23.15
C ALA A 139 -17.28 11.18 22.15
N ASN A 140 -17.58 9.95 22.55
CA ASN A 140 -17.43 8.78 21.67
C ASN A 140 -18.65 8.68 20.77
N LEU A 141 -18.52 9.13 19.53
CA LEU A 141 -19.64 9.10 18.61
C LEU A 141 -19.47 8.03 17.51
N PHE A 142 -18.95 6.86 17.88
CA PHE A 142 -18.70 5.82 16.89
C PHE A 142 -18.98 4.38 17.32
N THR A 143 -18.85 4.11 18.62
CA THR A 143 -19.00 2.76 19.12
C THR A 143 -20.42 2.21 19.14
N HIS A 144 -21.39 3.06 19.46
CA HIS A 144 -22.77 2.61 19.57
C HIS A 144 -23.41 2.35 18.20
N PRO A 145 -24.29 1.34 18.12
CA PRO A 145 -24.99 0.95 16.89
C PRO A 145 -25.78 2.07 16.24
N ARG A 146 -26.10 3.06 17.06
CA ARG A 146 -26.91 4.20 16.64
C ARG A 146 -26.13 5.08 15.68
N PHE A 147 -24.80 5.04 15.77
CA PHE A 147 -23.94 5.87 14.93
C PHE A 147 -23.46 5.14 13.67
N VAL A 148 -24.16 4.07 13.33
CA VAL A 148 -23.82 3.22 12.21
C VAL A 148 -23.66 3.98 10.88
N HIS A 149 -24.45 5.03 10.68
CA HIS A 149 -24.39 5.83 9.45
C HIS A 149 -23.73 7.20 9.68
N GLY A 150 -23.03 7.33 10.79
CA GLY A 150 -22.39 8.57 11.15
C GLY A 150 -23.03 9.13 12.40
N ALA A 151 -22.56 10.31 12.81
CA ALA A 151 -23.14 11.00 13.95
C ALA A 151 -23.76 12.30 13.40
N ALA A 152 -22.93 13.33 13.22
CA ALA A 152 -23.39 14.58 12.64
C ALA A 152 -23.62 14.39 11.15
N THR A 153 -22.99 13.37 10.58
CA THR A 153 -23.14 13.07 9.16
C THR A 153 -24.17 11.97 8.93
N SER A 154 -24.89 11.61 9.98
CA SER A 154 -25.90 10.58 9.90
C SER A 154 -27.08 11.06 9.07
N CYS A 155 -27.73 10.12 8.38
CA CYS A 155 -28.90 10.44 7.56
C CYS A 155 -30.14 10.48 8.43
N ASN A 156 -29.98 10.14 9.71
CA ASN A 156 -31.07 10.12 10.66
C ASN A 156 -30.89 11.34 11.58
N ALA A 157 -31.77 12.31 11.44
CA ALA A 157 -31.72 13.53 12.26
C ALA A 157 -31.81 13.27 13.78
N ASP A 158 -32.44 12.17 14.20
CA ASP A 158 -32.47 11.82 15.63
C ASP A 158 -31.06 11.55 16.14
N VAL A 159 -30.25 10.88 15.32
CA VAL A 159 -28.86 10.59 15.67
C VAL A 159 -28.06 11.88 15.75
N PHE A 160 -28.35 12.83 14.87
CA PHE A 160 -27.69 14.13 14.95
C PHE A 160 -28.00 14.73 16.32
N ALA A 161 -29.26 14.72 16.72
CA ALA A 161 -29.69 15.25 18.02
C ALA A 161 -28.97 14.57 19.17
N TYR A 162 -28.96 13.23 19.15
CA TYR A 162 -28.31 12.44 20.20
C TYR A 162 -26.82 12.78 20.30
N ALA A 163 -26.13 12.86 19.16
CA ALA A 163 -24.70 13.19 19.14
C ALA A 163 -24.48 14.57 19.75
N ALA A 164 -25.34 15.52 19.38
CA ALA A 164 -25.28 16.86 19.93
C ALA A 164 -25.40 16.86 21.47
N ALA A 165 -26.28 16.02 22.00
CA ALA A 165 -26.48 15.96 23.44
C ALA A 165 -25.22 15.44 24.12
N LYS A 166 -24.66 14.37 23.57
CA LYS A 166 -23.44 13.80 24.13
C LYS A 166 -22.23 14.73 24.03
N VAL A 167 -22.23 15.60 23.04
CA VAL A 167 -21.16 16.59 22.93
C VAL A 167 -21.42 17.75 23.89
N LYS A 168 -22.69 18.07 24.11
CA LYS A 168 -23.08 19.13 25.04
C LYS A 168 -22.64 18.76 26.45
N LYS A 169 -23.01 17.56 26.88
CA LYS A 169 -22.60 17.02 28.16
C LYS A 169 -21.07 16.95 28.21
N GLY A 170 -20.47 16.55 27.08
CA GLY A 170 -19.02 16.49 26.99
C GLY A 170 -18.34 17.80 27.33
N LEU A 171 -18.83 18.89 26.75
CA LEU A 171 -18.27 20.22 26.99
C LEU A 171 -18.50 20.67 28.45
N GLU A 172 -19.62 20.28 29.04
CA GLU A 172 -19.90 20.63 30.42
C GLU A 172 -18.89 19.96 31.35
N ILE A 173 -18.61 18.69 31.09
CA ILE A 173 -17.64 17.96 31.87
C ILE A 173 -16.26 18.58 31.69
N ALA A 174 -15.95 19.01 30.47
CA ALA A 174 -14.67 19.63 30.18
C ALA A 174 -14.51 20.88 31.03
N LYS A 175 -15.52 21.74 30.99
CA LYS A 175 -15.56 22.99 31.76
C LYS A 175 -15.38 22.72 33.25
N ARG A 176 -16.09 21.70 33.74
CA ARG A 176 -16.11 21.31 35.13
C ARG A 176 -14.77 20.81 35.64
N LEU A 177 -14.11 19.93 34.89
CA LEU A 177 -12.82 19.37 35.29
C LEU A 177 -11.65 20.20 34.79
N GLY A 178 -11.94 21.29 34.07
CA GLY A 178 -10.90 22.16 33.59
C GLY A 178 -9.98 21.56 32.55
N ALA A 179 -10.56 20.88 31.57
CA ALA A 179 -9.82 20.33 30.46
C ALA A 179 -9.17 21.48 29.70
N GLU A 180 -7.94 21.28 29.23
CA GLU A 180 -7.23 22.28 28.46
C GLU A 180 -7.70 22.29 27.01
N ASN A 181 -8.21 21.15 26.55
CA ASN A 181 -8.63 21.01 25.16
C ASN A 181 -9.88 20.13 25.11
N TYR A 182 -10.54 20.12 23.97
CA TYR A 182 -11.67 19.21 23.72
C TYR A 182 -11.49 18.65 22.31
N VAL A 183 -11.43 17.34 22.20
CA VAL A 183 -11.15 16.68 20.94
C VAL A 183 -12.36 16.11 20.23
N PHE A 184 -12.40 16.31 18.91
CA PHE A 184 -13.39 15.73 18.02
C PHE A 184 -12.69 14.74 17.09
N TRP A 185 -13.18 13.50 17.04
CA TRP A 185 -12.68 12.52 16.07
C TRP A 185 -13.84 11.94 15.27
N GLY A 186 -13.87 12.20 13.97
CA GLY A 186 -14.99 11.74 13.17
C GLY A 186 -14.93 10.29 12.70
N GLY A 187 -14.90 9.36 13.66
CA GLY A 187 -14.79 7.95 13.33
C GLY A 187 -15.80 7.43 12.32
N ARG A 188 -17.05 7.85 12.44
CA ARG A 188 -18.09 7.46 11.50
C ARG A 188 -18.46 8.62 10.56
N GLU A 189 -17.72 9.72 10.64
CA GLU A 189 -18.00 10.89 9.82
C GLU A 189 -17.22 10.74 8.50
N GLY A 190 -17.79 9.94 7.63
CA GLY A 190 -17.21 9.67 6.33
C GLY A 190 -18.24 8.87 5.57
N TYR A 191 -17.79 7.88 4.80
CA TYR A 191 -18.72 7.02 4.09
C TYR A 191 -18.19 5.60 3.94
N GLU A 192 -19.10 4.68 3.71
CA GLU A 192 -18.74 3.28 3.49
C GLU A 192 -18.86 3.05 1.99
N THR A 193 -19.75 3.80 1.36
CA THR A 193 -19.93 3.77 -0.09
C THR A 193 -20.56 5.06 -0.55
N LEU A 194 -20.03 5.61 -1.63
CA LEU A 194 -20.56 6.82 -2.22
C LEU A 194 -21.96 6.59 -2.80
N LEU A 195 -22.23 5.35 -3.19
CA LEU A 195 -23.49 4.97 -3.82
C LEU A 195 -24.78 5.44 -3.14
N ASN A 196 -24.77 5.53 -1.81
CA ASN A 196 -25.95 5.94 -1.06
C ASN A 196 -25.71 7.24 -0.29
N THR A 197 -24.66 7.97 -0.68
CA THR A 197 -24.22 9.13 0.09
C THR A 197 -24.49 10.50 -0.52
N ASP A 198 -25.12 11.36 0.26
CA ASP A 198 -25.28 12.75 -0.15
C ASP A 198 -24.18 13.47 0.61
N MET A 199 -23.01 13.52 -0.02
CA MET A 199 -21.80 14.09 0.58
C MET A 199 -21.94 15.57 0.93
N LYS A 200 -22.50 16.38 0.02
CA LYS A 200 -22.64 17.80 0.32
C LYS A 200 -23.52 18.02 1.55
N LEU A 201 -24.58 17.25 1.68
CA LEU A 201 -25.45 17.37 2.86
C LEU A 201 -24.69 16.97 4.12
N GLU A 202 -24.04 15.82 4.09
CA GLU A 202 -23.28 15.34 5.24
C GLU A 202 -22.24 16.37 5.70
N LEU A 203 -21.53 16.95 4.75
CA LEU A 203 -20.52 17.94 5.08
C LEU A 203 -21.17 19.21 5.63
N ASP A 204 -22.28 19.63 5.02
CA ASP A 204 -23.02 20.80 5.49
C ASP A 204 -23.43 20.61 6.94
N ASN A 205 -23.92 19.43 7.26
CA ASN A 205 -24.37 19.11 8.61
C ASN A 205 -23.24 18.99 9.61
N LEU A 206 -22.11 18.46 9.16
CA LEU A 206 -20.93 18.36 10.02
C LEU A 206 -20.51 19.77 10.44
N ALA A 207 -20.59 20.70 9.49
CA ALA A 207 -20.26 22.09 9.76
C ALA A 207 -21.27 22.75 10.72
N ARG A 208 -22.55 22.44 10.52
CA ARG A 208 -23.62 22.98 11.38
C ARG A 208 -23.40 22.48 12.80
N PHE A 209 -23.07 21.20 12.92
CA PHE A 209 -22.78 20.57 14.19
C PHE A 209 -21.62 21.29 14.89
N LEU A 210 -20.49 21.41 14.22
CA LEU A 210 -19.33 22.08 14.82
C LEU A 210 -19.63 23.53 15.18
N HIS A 211 -20.45 24.20 14.40
CA HIS A 211 -20.80 25.56 14.72
C HIS A 211 -21.56 25.65 16.03
N MET A 212 -22.53 24.76 16.20
CA MET A 212 -23.32 24.68 17.41
C MET A 212 -22.44 24.44 18.64
N ALA A 213 -21.40 23.63 18.46
CA ALA A 213 -20.48 23.34 19.54
C ALA A 213 -19.71 24.57 19.97
N VAL A 214 -19.09 25.29 19.03
CA VAL A 214 -18.30 26.46 19.42
C VAL A 214 -19.19 27.53 20.03
N ASP A 215 -20.48 27.49 19.68
CA ASP A 215 -21.47 28.42 20.23
C ASP A 215 -21.79 28.06 21.67
N TYR A 216 -21.99 26.77 21.92
CA TYR A 216 -22.28 26.30 23.26
C TYR A 216 -21.08 26.53 24.17
N ALA A 217 -19.90 26.27 23.64
CA ALA A 217 -18.66 26.49 24.37
C ALA A 217 -18.59 27.94 24.85
N LYS A 218 -19.05 28.89 24.04
CA LYS A 218 -19.03 30.30 24.43
C LYS A 218 -20.06 30.58 25.49
N GLU A 219 -21.26 30.03 25.27
CA GLU A 219 -22.36 30.20 26.19
C GLU A 219 -22.01 29.76 27.60
N ILE A 220 -21.45 28.56 27.76
CA ILE A 220 -21.06 28.08 29.10
C ILE A 220 -19.69 28.61 29.56
N GLY A 221 -19.02 29.35 28.69
CA GLY A 221 -17.72 29.88 29.02
C GLY A 221 -16.65 28.81 29.12
N PHE A 222 -16.52 27.93 28.14
CA PHE A 222 -15.51 26.87 28.23
C PHE A 222 -14.09 27.42 28.16
N ASP A 223 -13.72 28.04 27.05
CA ASP A 223 -12.39 28.60 26.82
C ASP A 223 -11.20 27.59 26.72
N GLY A 224 -11.49 26.35 26.42
CA GLY A 224 -10.42 25.37 26.21
C GLY A 224 -10.21 25.27 24.71
N GLN A 225 -9.11 24.65 24.27
CA GLN A 225 -8.85 24.57 22.82
C GLN A 225 -9.60 23.44 22.12
N PHE A 226 -10.42 23.79 21.12
CA PHE A 226 -11.10 22.79 20.31
C PHE A 226 -10.08 22.14 19.37
N LEU A 227 -10.15 20.82 19.29
CA LEU A 227 -9.22 20.07 18.46
C LEU A 227 -9.94 19.09 17.55
N ILE A 228 -9.43 18.94 16.34
CA ILE A 228 -9.97 17.96 15.41
C ILE A 228 -8.84 16.98 15.12
N GLU A 229 -9.15 15.69 15.21
CA GLU A 229 -8.16 14.65 14.98
C GLU A 229 -8.40 13.97 13.63
N PRO A 230 -7.59 14.29 12.62
CA PRO A 230 -7.79 13.64 11.32
C PRO A 230 -7.41 12.16 11.25
N LYS A 231 -7.99 11.49 10.31
CA LYS A 231 -7.71 10.10 9.95
C LYS A 231 -8.25 9.78 8.56
N PRO A 232 -7.51 9.05 7.75
CA PRO A 232 -7.94 8.76 6.37
C PRO A 232 -9.15 7.84 6.25
N LYS A 233 -9.20 6.82 7.11
CA LYS A 233 -10.19 5.76 6.99
C LYS A 233 -10.08 4.88 8.23
N GLU A 234 -10.89 3.82 8.27
CA GLU A 234 -11.01 2.90 9.41
C GLU A 234 -11.68 3.57 10.61
N PRO A 235 -12.94 3.17 10.94
CA PRO A 235 -13.84 2.16 10.34
C PRO A 235 -14.32 2.48 8.91
N THR A 236 -14.55 3.76 8.62
CA THR A 236 -15.05 4.20 7.33
C THR A 236 -14.12 3.85 6.17
N LYS A 237 -14.69 3.68 4.98
CA LYS A 237 -13.88 3.47 3.78
C LYS A 237 -13.13 4.79 3.49
N HIS A 238 -13.81 5.89 3.78
CA HIS A 238 -13.20 7.21 3.67
C HIS A 238 -13.73 8.08 4.80
N GLN A 239 -12.82 8.64 5.59
CA GLN A 239 -13.21 9.54 6.65
C GLN A 239 -13.01 10.96 6.14
N TYR A 240 -13.97 11.84 6.39
CA TYR A 240 -13.92 13.19 5.84
C TYR A 240 -12.67 13.99 6.22
N ASP A 241 -12.32 14.05 7.50
CA ASP A 241 -11.08 14.74 7.90
C ASP A 241 -9.90 13.77 7.70
N PHE A 242 -9.67 13.47 6.44
CA PHE A 242 -8.65 12.55 5.95
C PHE A 242 -7.22 12.95 6.37
N ASP A 243 -6.99 14.25 6.34
CA ASP A 243 -5.67 14.85 6.42
C ASP A 243 -5.74 16.07 7.28
N VAL A 244 -4.59 16.57 7.67
CA VAL A 244 -4.51 17.89 8.26
C VAL A 244 -5.01 18.86 7.18
N ALA A 245 -4.45 18.73 5.97
CA ALA A 245 -4.80 19.59 4.83
C ALA A 245 -6.26 19.46 4.43
N THR A 246 -6.75 18.23 4.34
CA THR A 246 -8.14 18.01 3.96
C THR A 246 -9.10 18.64 4.97
N ALA A 247 -8.83 18.43 6.26
CA ALA A 247 -9.65 19.02 7.31
C ALA A 247 -9.58 20.54 7.25
N LEU A 248 -8.38 21.05 6.96
CA LEU A 248 -8.19 22.49 6.81
C LEU A 248 -9.11 23.04 5.72
N ALA A 249 -9.15 22.37 4.57
CA ALA A 249 -10.01 22.75 3.47
C ALA A 249 -11.45 22.89 3.95
N PHE A 250 -11.90 21.91 4.72
CA PHE A 250 -13.25 21.89 5.27
C PHE A 250 -13.51 23.10 6.16
N LEU A 251 -12.63 23.31 7.14
CA LEU A 251 -12.77 24.41 8.08
C LEU A 251 -12.80 25.75 7.37
N GLN A 252 -12.02 25.88 6.31
CA GLN A 252 -11.97 27.12 5.54
C GLN A 252 -13.26 27.35 4.80
N THR A 253 -13.79 26.28 4.20
CA THR A 253 -15.04 26.35 3.48
C THR A 253 -16.20 26.85 4.33
N TYR A 254 -16.23 26.42 5.59
CA TYR A 254 -17.33 26.78 6.48
C TYR A 254 -16.98 27.82 7.53
N GLY A 255 -15.82 28.45 7.40
CA GLY A 255 -15.43 29.49 8.33
C GLY A 255 -15.29 29.07 9.78
N LEU A 256 -14.87 27.84 10.02
CA LEU A 256 -14.68 27.33 11.37
C LEU A 256 -13.19 27.36 11.72
N LYS A 257 -12.37 27.86 10.79
CA LYS A 257 -10.92 27.78 10.97
C LYS A 257 -10.33 28.42 12.21
N ASP A 258 -10.87 29.54 12.64
CA ASP A 258 -10.29 30.22 13.80
C ASP A 258 -10.57 29.56 15.13
N TYR A 259 -11.54 28.65 15.15
CA TYR A 259 -11.92 27.99 16.39
C TYR A 259 -11.20 26.67 16.64
N PHE A 260 -10.54 26.16 15.61
CA PHE A 260 -9.94 24.84 15.71
C PHE A 260 -8.45 24.75 15.51
N LYS A 261 -7.88 23.70 16.08
CA LYS A 261 -6.49 23.31 15.88
C LYS A 261 -6.54 21.80 15.72
N PHE A 262 -5.43 21.19 15.34
CA PHE A 262 -5.43 19.75 15.08
C PHE A 262 -4.78 18.91 16.13
N ASN A 263 -5.33 17.72 16.33
CA ASN A 263 -4.71 16.71 17.18
C ASN A 263 -4.14 15.68 16.22
N ILE A 264 -2.81 15.62 16.11
CA ILE A 264 -2.16 14.75 15.13
C ILE A 264 -1.69 13.44 15.76
N GLU A 265 -2.11 12.31 15.18
CA GLU A 265 -1.70 11.01 15.66
C GLU A 265 -0.83 10.36 14.60
N ALA A 266 0.34 9.89 15.01
CA ALA A 266 1.32 9.30 14.10
C ALA A 266 0.72 8.26 13.16
N ASN A 267 0.15 7.20 13.74
CA ASN A 267 -0.43 6.11 12.97
C ASN A 267 -1.40 6.60 11.91
N HIS A 268 -2.10 7.70 12.20
CA HIS A 268 -3.07 8.27 11.27
C HIS A 268 -2.39 8.92 10.09
N ALA A 269 -1.26 9.57 10.36
CA ALA A 269 -0.53 10.25 9.32
C ALA A 269 0.03 9.23 8.33
N THR A 270 0.63 8.16 8.85
CA THR A 270 1.23 7.13 8.02
C THR A 270 0.13 6.43 7.21
N LEU A 271 -1.04 6.27 7.81
CA LEU A 271 -2.16 5.62 7.15
C LEU A 271 -2.65 6.48 5.96
N ALA A 272 -2.49 7.79 6.04
CA ALA A 272 -2.85 8.68 4.95
C ALA A 272 -1.74 8.76 3.90
N GLY A 273 -0.64 8.05 4.14
CA GLY A 273 0.49 8.07 3.23
C GLY A 273 1.45 9.24 3.47
N HIS A 274 1.45 9.81 4.67
CA HIS A 274 2.35 10.90 5.01
C HIS A 274 3.21 10.44 6.17
N THR A 275 4.33 11.12 6.38
CA THR A 275 5.15 10.86 7.53
C THR A 275 4.59 11.70 8.68
N PHE A 276 4.78 11.22 9.89
CA PHE A 276 4.36 11.92 11.09
C PHE A 276 4.84 13.37 11.05
N GLU A 277 6.14 13.55 10.77
CA GLU A 277 6.72 14.89 10.71
C GLU A 277 5.97 15.76 9.73
N HIS A 278 5.68 15.20 8.56
CA HIS A 278 4.96 15.94 7.54
C HIS A 278 3.67 16.56 8.06
N GLU A 279 2.83 15.75 8.70
CA GLU A 279 1.57 16.25 9.24
C GLU A 279 1.79 17.34 10.29
N LEU A 280 2.79 17.17 11.14
CA LEU A 280 3.10 18.17 12.14
C LEU A 280 3.54 19.47 11.45
N ARG A 281 4.42 19.35 10.46
CA ARG A 281 4.94 20.50 9.70
C ARG A 281 3.81 21.34 9.08
N VAL A 282 2.90 20.64 8.41
CA VAL A 282 1.79 21.31 7.74
C VAL A 282 0.92 22.03 8.75
N ALA A 283 0.56 21.34 9.84
CA ALA A 283 -0.24 21.93 10.89
C ALA A 283 0.49 23.16 11.41
N ARG A 284 1.74 22.95 11.76
CA ARG A 284 2.62 23.97 12.31
C ARG A 284 2.71 25.25 11.48
N ILE A 285 2.96 25.13 10.17
CA ILE A 285 3.09 26.33 9.35
C ILE A 285 1.77 27.05 9.15
N HIS A 286 0.69 26.46 9.64
CA HIS A 286 -0.62 27.08 9.58
C HIS A 286 -1.06 27.50 10.98
N GLY A 287 -0.15 27.37 11.94
CA GLY A 287 -0.45 27.70 13.33
C GLY A 287 -1.55 26.86 13.91
N MET A 288 -1.64 25.60 13.48
CA MET A 288 -2.71 24.73 13.91
C MET A 288 -2.29 23.40 14.46
N LEU A 289 -1.08 23.35 15.02
CA LEU A 289 -0.58 22.18 15.69
C LEU A 289 -1.05 22.27 17.14
N GLY A 290 -2.19 21.65 17.42
CA GLY A 290 -2.80 21.76 18.73
C GLY A 290 -2.28 20.78 19.77
N SER A 291 -2.20 19.51 19.41
CA SER A 291 -1.74 18.50 20.35
C SER A 291 -1.36 17.22 19.59
N VAL A 292 -0.73 16.28 20.28
CA VAL A 292 -0.23 15.06 19.66
C VAL A 292 -0.70 13.78 20.34
N ASP A 293 -1.04 12.77 19.54
CA ASP A 293 -1.29 11.43 20.03
C ASP A 293 -0.03 10.66 19.67
N ALA A 294 0.82 10.42 20.66
CA ALA A 294 2.11 9.79 20.40
C ALA A 294 2.05 8.26 20.34
N ASN A 295 1.88 7.72 19.15
CA ASN A 295 1.94 6.28 18.95
C ASN A 295 2.83 5.99 17.75
N GLN A 296 2.62 4.85 17.12
CA GLN A 296 3.47 4.43 16.01
C GLN A 296 2.79 3.24 15.39
N GLY A 297 2.76 3.20 14.06
CA GLY A 297 2.12 2.08 13.37
C GLY A 297 3.22 1.29 12.69
N ASP A 298 2.81 0.30 11.91
CA ASP A 298 3.70 -0.53 11.11
C ASP A 298 3.38 -0.10 9.72
N MET A 299 4.40 0.22 8.93
CA MET A 299 4.11 0.71 7.60
C MET A 299 3.81 -0.39 6.61
N LEU A 300 3.98 -1.64 7.03
CA LEU A 300 3.66 -2.79 6.19
C LEU A 300 2.25 -3.30 6.50
N LEU A 301 1.58 -2.67 7.46
CA LEU A 301 0.24 -3.06 7.88
C LEU A 301 -0.71 -1.88 7.69
N GLY A 302 -1.77 -2.12 6.94
CA GLY A 302 -2.65 -1.04 6.55
C GLY A 302 -3.80 -0.71 7.47
N TRP A 303 -3.60 -0.93 8.76
CA TRP A 303 -4.61 -0.62 9.77
C TRP A 303 -3.92 0.00 10.99
N ASP A 304 -4.69 0.60 11.87
CA ASP A 304 -4.13 1.21 13.07
C ASP A 304 -3.62 0.12 14.00
N THR A 305 -2.36 0.23 14.41
CA THR A 305 -1.80 -0.74 15.34
C THR A 305 -1.60 -0.12 16.71
N ASP A 306 -1.55 1.21 16.77
CA ASP A 306 -1.45 1.93 18.03
C ASP A 306 -0.33 1.44 18.93
N GLU A 307 0.86 1.24 18.36
CA GLU A 307 2.00 0.82 19.14
C GLU A 307 2.60 1.99 19.90
N PHE A 308 3.31 1.66 20.97
CA PHE A 308 4.05 2.66 21.70
C PHE A 308 5.26 3.11 20.90
N PRO A 309 5.59 4.41 20.95
CA PRO A 309 6.71 5.01 20.22
C PRO A 309 8.07 4.54 20.72
N THR A 310 8.76 3.72 19.93
CA THR A 310 10.10 3.27 20.25
C THR A 310 11.09 3.71 19.19
N ASP A 311 10.62 3.95 17.97
CA ASP A 311 11.46 4.40 16.87
C ASP A 311 12.00 5.79 17.18
N LEU A 312 13.30 5.87 17.43
CA LEU A 312 13.91 7.14 17.78
C LEU A 312 14.02 8.18 16.66
N TYR A 313 13.99 7.75 15.41
CA TYR A 313 14.04 8.72 14.32
C TYR A 313 12.75 9.54 14.34
N SER A 314 11.64 8.84 14.53
CA SER A 314 10.33 9.46 14.57
C SER A 314 10.21 10.45 15.71
N THR A 315 10.52 9.99 16.93
CA THR A 315 10.43 10.85 18.10
C THR A 315 11.30 12.10 17.93
N THR A 316 12.54 11.91 17.48
CA THR A 316 13.45 13.03 17.21
C THR A 316 12.82 13.99 16.19
N LEU A 317 12.43 13.43 15.06
CA LEU A 317 11.85 14.22 13.98
C LEU A 317 10.55 14.91 14.35
N ALA A 318 9.76 14.28 15.21
CA ALA A 318 8.50 14.88 15.66
C ALA A 318 8.80 16.02 16.60
N MET A 319 9.69 15.76 17.57
CA MET A 319 10.07 16.76 18.55
C MET A 319 10.67 17.99 17.89
N TYR A 320 11.39 17.80 16.79
CA TYR A 320 11.97 18.91 16.06
C TYR A 320 10.86 19.86 15.60
N GLU A 321 9.76 19.27 15.13
CA GLU A 321 8.61 20.02 14.66
C GLU A 321 7.93 20.71 15.82
N ILE A 322 7.78 19.99 16.92
CA ILE A 322 7.13 20.52 18.11
C ILE A 322 7.92 21.67 18.71
N LEU A 323 9.24 21.54 18.80
CA LEU A 323 10.08 22.62 19.34
C LEU A 323 10.00 23.86 18.47
N LYS A 324 10.00 23.66 17.15
CA LYS A 324 9.91 24.79 16.24
C LYS A 324 8.56 25.49 16.30
N ASN A 325 7.57 24.77 16.76
CA ASN A 325 6.23 25.32 16.90
C ASN A 325 6.16 26.15 18.17
N GLY A 326 7.25 26.12 18.94
CA GLY A 326 7.28 26.80 20.21
C GLY A 326 6.78 25.90 21.31
N GLY A 327 6.78 24.60 21.04
CA GLY A 327 6.29 23.64 22.01
C GLY A 327 4.85 23.25 21.79
N LEU A 328 4.32 22.38 22.66
CA LEU A 328 2.97 21.88 22.53
C LEU A 328 1.94 22.89 23.02
N GLY A 329 2.42 23.90 23.73
CA GLY A 329 1.53 24.92 24.27
C GLY A 329 0.50 24.36 25.22
N ARG A 330 -0.73 24.25 24.73
CA ARG A 330 -1.85 23.79 25.54
C ARG A 330 -2.06 22.28 25.43
N GLY A 331 -1.53 21.68 24.36
CA GLY A 331 -1.68 20.25 24.15
C GLY A 331 -0.56 19.48 24.84
N GLY A 332 -0.45 18.19 24.52
CA GLY A 332 0.56 17.36 25.15
C GLY A 332 0.84 16.12 24.33
N LEU A 333 1.64 15.22 24.86
CA LEU A 333 1.94 13.98 24.15
C LEU A 333 1.12 12.87 24.77
N ASN A 334 -0.11 12.70 24.28
CA ASN A 334 -1.02 11.69 24.79
C ASN A 334 -0.68 10.34 24.17
N PHE A 335 -0.38 9.35 25.02
CA PHE A 335 -0.06 8.01 24.53
C PHE A 335 -1.31 7.26 24.13
N ASP A 336 -1.78 7.54 22.92
CA ASP A 336 -2.92 6.82 22.35
C ASP A 336 -2.29 5.55 21.77
N ALA A 337 -1.60 4.81 22.63
CA ALA A 337 -0.93 3.59 22.24
C ALA A 337 -1.54 2.49 23.07
N LYS A 338 -1.22 1.26 22.73
CA LYS A 338 -1.85 0.09 23.30
C LYS A 338 -0.81 -1.03 23.32
N VAL A 339 -0.77 -1.82 24.39
CA VAL A 339 0.21 -2.91 24.42
C VAL A 339 -0.14 -3.96 23.36
N ARG A 340 0.87 -4.66 22.84
CA ARG A 340 0.66 -5.72 21.86
C ARG A 340 -0.19 -6.81 22.54
N ARG A 341 -1.01 -7.52 21.77
CA ARG A 341 -1.85 -8.56 22.35
C ARG A 341 -0.99 -9.60 23.06
N GLY A 342 0.27 -9.73 22.63
CA GLY A 342 1.20 -10.65 23.27
C GLY A 342 1.73 -10.16 24.61
N SER A 343 1.62 -8.85 24.86
CA SER A 343 2.06 -8.25 26.11
C SER A 343 0.83 -8.07 26.99
N PHE A 344 0.26 -9.18 27.43
CA PHE A 344 -1.00 -9.17 28.17
C PHE A 344 -0.92 -9.08 29.68
N GLU A 345 0.29 -8.99 30.23
CA GLU A 345 0.47 -8.92 31.67
C GLU A 345 0.34 -7.49 32.16
N PRO A 346 -0.02 -7.29 33.44
CA PRO A 346 -0.20 -5.94 34.01
C PRO A 346 1.05 -5.08 33.92
N GLU A 347 2.21 -5.70 34.15
CA GLU A 347 3.47 -4.99 34.16
C GLU A 347 3.84 -4.44 32.78
N ASP A 348 3.20 -4.97 31.75
CA ASP A 348 3.47 -4.50 30.40
C ASP A 348 2.93 -3.08 30.18
N LEU A 349 1.93 -2.69 30.97
CA LEU A 349 1.41 -1.33 30.89
C LEU A 349 2.51 -0.35 31.26
N PHE A 350 3.35 -0.77 32.22
CA PHE A 350 4.46 0.03 32.68
C PHE A 350 5.62 -0.02 31.71
N TYR A 351 5.99 -1.22 31.28
CA TYR A 351 7.09 -1.36 30.33
C TYR A 351 6.81 -0.51 29.10
N ALA A 352 5.58 -0.61 28.59
CA ALA A 352 5.15 0.12 27.42
C ALA A 352 5.30 1.62 27.58
N HIS A 353 4.76 2.16 28.66
CA HIS A 353 4.84 3.60 28.88
C HIS A 353 6.25 4.09 29.09
N ILE A 354 7.06 3.31 29.80
CA ILE A 354 8.46 3.68 30.00
C ILE A 354 9.13 3.76 28.62
N ALA A 355 8.92 2.74 27.79
CA ALA A 355 9.49 2.71 26.44
C ALA A 355 9.14 3.99 25.66
N GLY A 356 7.87 4.37 25.68
CA GLY A 356 7.43 5.53 24.93
C GLY A 356 7.99 6.82 25.51
N MET A 357 8.03 6.91 26.83
CA MET A 357 8.51 8.10 27.50
C MET A 357 10.02 8.31 27.30
N ASP A 358 10.78 7.23 27.42
CA ASP A 358 12.22 7.32 27.21
C ASP A 358 12.50 7.70 25.77
N SER A 359 11.76 7.10 24.85
CA SER A 359 11.94 7.37 23.43
C SER A 359 11.69 8.84 23.10
N PHE A 360 10.69 9.43 23.73
CA PHE A 360 10.43 10.84 23.50
C PHE A 360 11.40 11.75 24.23
N ALA A 361 11.89 11.31 25.38
CA ALA A 361 12.94 12.02 26.11
C ALA A 361 14.18 12.11 25.21
N VAL A 362 14.61 10.98 24.66
CA VAL A 362 15.74 10.98 23.74
C VAL A 362 15.47 11.89 22.55
N GLY A 363 14.29 11.77 21.95
CA GLY A 363 13.92 12.61 20.83
C GLY A 363 13.99 14.09 21.15
N LEU A 364 13.54 14.47 22.35
CA LEU A 364 13.57 15.86 22.79
C LEU A 364 15.00 16.33 22.89
N LYS A 365 15.83 15.54 23.56
CA LYS A 365 17.24 15.86 23.76
C LYS A 365 17.94 16.12 22.43
N VAL A 366 17.90 15.16 21.51
CA VAL A 366 18.57 15.36 20.22
C VAL A 366 17.92 16.38 19.27
N ALA A 367 16.59 16.45 19.24
CA ALA A 367 15.91 17.43 18.38
C ALA A 367 16.34 18.83 18.79
N HIS A 368 16.51 19.02 20.08
CA HIS A 368 16.91 20.30 20.62
C HIS A 368 18.34 20.68 20.17
N ARG A 369 19.24 19.71 20.19
CA ARG A 369 20.61 19.97 19.77
C ARG A 369 20.66 20.34 18.30
N LEU A 370 19.93 19.58 17.49
CA LEU A 370 19.84 19.84 16.06
C LEU A 370 19.43 21.29 15.80
N ILE A 371 18.46 21.76 16.59
CA ILE A 371 17.98 23.12 16.48
C ILE A 371 18.97 24.16 16.97
N GLU A 372 19.57 23.96 18.14
CA GLU A 372 20.50 24.95 18.66
C GLU A 372 21.79 25.02 17.85
N ASP A 373 22.24 23.88 17.32
CA ASP A 373 23.41 23.87 16.44
C ASP A 373 23.10 24.30 15.00
N ARG A 374 21.84 24.66 14.74
CA ARG A 374 21.39 25.05 13.40
C ARG A 374 21.82 24.05 12.33
N VAL A 375 21.82 22.76 12.65
CA VAL A 375 22.32 21.73 11.73
C VAL A 375 21.67 21.78 10.35
N PHE A 376 20.34 21.79 10.34
CA PHE A 376 19.59 21.85 9.10
C PHE A 376 19.32 23.30 8.72
N ASP A 377 19.03 24.13 9.72
CA ASP A 377 18.73 25.53 9.46
C ASP A 377 19.84 26.29 8.74
N GLU A 378 21.09 26.02 9.15
CA GLU A 378 22.27 26.61 8.53
C GLU A 378 22.19 26.45 7.01
N PHE A 379 21.99 25.21 6.58
CA PHE A 379 21.93 24.84 5.17
C PHE A 379 20.72 25.42 4.43
N ILE A 380 19.55 25.28 5.02
CA ILE A 380 18.29 25.75 4.40
C ILE A 380 18.43 27.25 4.11
N GLU A 381 18.96 27.98 5.09
CA GLU A 381 19.18 29.39 5.02
C GLU A 381 20.08 29.72 3.83
N GLU A 382 21.13 28.93 3.67
CA GLU A 382 22.10 29.15 2.59
C GLU A 382 21.55 28.87 1.21
N ARG A 383 20.84 27.75 1.04
CA ARG A 383 20.31 27.35 -0.28
C ARG A 383 19.12 28.14 -0.80
N TYR A 384 18.46 28.90 0.06
CA TYR A 384 17.33 29.72 -0.37
C TYR A 384 17.66 31.21 -0.46
N LYS A 385 18.94 31.55 -0.36
CA LYS A 385 19.29 32.97 -0.30
C LYS A 385 19.09 33.80 -1.56
N SER A 386 18.80 33.16 -2.69
CA SER A 386 18.52 33.87 -3.93
C SER A 386 17.31 34.78 -3.74
N TYR A 387 16.43 34.40 -2.81
CA TYR A 387 15.21 35.17 -2.54
C TYR A 387 15.43 36.33 -1.56
N THR A 388 16.70 36.55 -1.25
CA THR A 388 17.16 37.58 -0.33
C THR A 388 17.65 38.80 -1.07
N GLU A 389 18.12 38.58 -2.29
CA GLU A 389 18.74 39.63 -3.07
C GLU A 389 18.18 39.67 -4.48
N GLY A 390 18.63 40.65 -5.26
CA GLY A 390 18.23 40.80 -6.66
C GLY A 390 16.81 40.45 -7.04
N ILE A 391 16.68 39.69 -8.13
CA ILE A 391 15.38 39.30 -8.67
C ILE A 391 14.54 38.53 -7.64
N GLY A 392 15.21 37.64 -6.89
CA GLY A 392 14.54 36.85 -5.88
C GLY A 392 13.81 37.73 -4.89
N ARG A 393 14.49 38.74 -4.39
CA ARG A 393 13.87 39.61 -3.41
C ARG A 393 12.66 40.32 -4.03
N GLU A 394 12.74 40.64 -5.32
CA GLU A 394 11.62 41.28 -6.01
C GLU A 394 10.41 40.34 -6.03
N ILE A 395 10.66 39.08 -6.36
CA ILE A 395 9.61 38.08 -6.33
C ILE A 395 8.89 38.07 -4.99
N VAL A 396 9.67 38.08 -3.90
CA VAL A 396 9.10 38.02 -2.57
C VAL A 396 8.37 39.29 -2.16
N GLU A 397 9.01 40.44 -2.39
CA GLU A 397 8.35 41.72 -2.06
C GLU A 397 7.07 41.92 -2.89
N GLY A 398 6.95 41.16 -3.97
CA GLY A 398 5.78 41.28 -4.83
C GLY A 398 5.89 42.45 -5.80
N THR A 399 7.12 42.67 -6.28
CA THR A 399 7.36 43.72 -7.23
C THR A 399 7.83 43.12 -8.57
N ALA A 400 7.59 41.82 -8.76
CA ALA A 400 7.99 41.15 -10.00
C ALA A 400 6.75 40.69 -10.74
N ASP A 401 6.85 40.61 -12.07
CA ASP A 401 5.78 40.08 -12.90
C ASP A 401 6.37 39.22 -14.01
N PHE A 402 5.51 38.61 -14.81
CA PHE A 402 5.98 37.77 -15.90
C PHE A 402 6.90 38.51 -16.86
N HIS A 403 6.70 39.81 -16.99
CA HIS A 403 7.53 40.62 -17.90
C HIS A 403 8.98 40.68 -17.45
N LYS A 404 9.20 41.09 -16.21
CA LYS A 404 10.53 41.23 -15.65
C LYS A 404 11.20 39.87 -15.54
N LEU A 405 10.44 38.88 -15.09
CA LEU A 405 10.97 37.54 -14.94
C LEU A 405 11.42 36.99 -16.30
N GLU A 406 10.61 37.19 -17.33
CA GLU A 406 10.98 36.74 -18.68
C GLU A 406 12.21 37.50 -19.18
N ALA A 407 12.19 38.82 -19.00
CA ALA A 407 13.33 39.66 -19.38
C ALA A 407 14.60 39.11 -18.73
N HIS A 408 14.49 38.75 -17.45
CA HIS A 408 15.61 38.20 -16.71
C HIS A 408 16.03 36.86 -17.27
N ALA A 409 15.06 35.97 -17.46
CA ALA A 409 15.34 34.62 -17.95
C ALA A 409 16.02 34.63 -19.31
N LEU A 410 15.74 35.67 -20.09
CA LEU A 410 16.28 35.79 -21.44
C LEU A 410 17.78 36.03 -21.48
N GLN A 411 18.31 36.71 -20.47
CA GLN A 411 19.73 37.03 -20.39
C GLN A 411 20.50 35.95 -19.60
N LEU A 412 19.81 34.88 -19.23
CA LEU A 412 20.39 33.83 -18.41
C LEU A 412 21.08 32.75 -19.24
N GLY A 413 22.26 32.33 -18.79
CA GLY A 413 22.99 31.27 -19.47
C GLY A 413 22.50 29.92 -18.99
N GLU A 414 23.44 29.04 -18.64
CA GLU A 414 23.07 27.76 -18.06
C GLU A 414 22.86 28.09 -16.60
N ILE A 415 21.76 27.61 -16.03
CA ILE A 415 21.47 27.82 -14.62
C ILE A 415 22.26 26.80 -13.82
N GLN A 416 22.83 27.21 -12.69
CA GLN A 416 23.57 26.27 -11.85
C GLN A 416 22.83 26.09 -10.54
N ASN A 417 22.64 24.83 -10.14
CA ASN A 417 22.03 24.53 -8.85
C ASN A 417 23.09 23.80 -8.03
N GLN A 418 22.84 23.68 -6.73
CA GLN A 418 23.71 22.90 -5.85
C GLN A 418 22.93 21.75 -5.25
N SER A 419 23.68 20.78 -4.72
CA SER A 419 23.13 19.58 -4.15
C SER A 419 22.16 19.84 -3.02
N GLY A 420 21.17 18.96 -2.90
CA GLY A 420 20.23 19.03 -1.80
C GLY A 420 20.89 18.45 -0.56
N ARG A 421 22.00 17.73 -0.75
CA ARG A 421 22.79 17.19 0.35
C ARG A 421 22.01 16.22 1.25
N GLN A 422 21.12 15.44 0.66
CA GLN A 422 20.28 14.56 1.46
C GLN A 422 21.03 13.53 2.28
N GLU A 423 21.97 12.84 1.65
CA GLU A 423 22.72 11.78 2.33
C GLU A 423 23.52 12.39 3.48
N ARG A 424 24.05 13.58 3.23
CA ARG A 424 24.82 14.32 4.24
C ARG A 424 23.94 14.63 5.44
N LEU A 425 22.80 15.25 5.17
CA LEU A 425 21.84 15.59 6.22
C LEU A 425 21.42 14.36 7.03
N LYS A 426 21.18 13.25 6.34
CA LYS A 426 20.78 12.00 6.95
C LYS A 426 21.90 11.44 7.84
N THR A 427 23.13 11.56 7.34
CA THR A 427 24.32 11.12 8.07
C THR A 427 24.44 11.95 9.34
N LEU A 428 24.23 13.24 9.20
CA LEU A 428 24.31 14.17 10.32
C LEU A 428 23.32 13.78 11.39
N LEU A 429 22.08 13.55 10.98
CA LEU A 429 21.03 13.13 11.89
C LEU A 429 21.49 11.94 12.73
N ASN A 430 22.17 10.98 12.09
CA ASN A 430 22.65 9.79 12.79
C ASN A 430 23.69 10.13 13.82
N GLN A 431 24.61 11.01 13.41
CA GLN A 431 25.69 11.44 14.28
C GLN A 431 25.07 12.04 15.56
N TYR A 432 24.09 12.93 15.40
CA TYR A 432 23.41 13.50 16.57
C TYR A 432 22.64 12.49 17.40
N LEU A 433 22.06 11.50 16.75
CA LEU A 433 21.33 10.44 17.44
C LEU A 433 22.35 9.75 18.34
N LEU A 434 23.46 9.33 17.76
CA LEU A 434 24.48 8.61 18.50
C LEU A 434 25.24 9.43 19.54
N GLU A 435 25.14 10.74 19.49
CA GLU A 435 25.81 11.59 20.47
C GLU A 435 24.97 11.84 21.71
N VAL A 436 23.99 10.98 21.96
CA VAL A 436 23.12 11.20 23.11
C VAL A 436 23.84 11.06 24.47
N CYS A 437 24.87 10.22 24.53
CA CYS A 437 25.67 10.02 25.74
C CYS A 437 26.10 11.34 26.43
N PRO B 1 0.26 7.97 -45.95
CA PRO B 1 1.48 8.65 -45.48
C PRO B 1 2.07 8.00 -44.23
N TYR B 2 1.46 8.20 -43.06
CA TYR B 2 2.00 7.60 -41.85
C TYR B 2 1.33 6.30 -41.44
N PHE B 3 0.00 6.33 -41.38
CA PHE B 3 -0.79 5.16 -41.04
C PHE B 3 -1.54 4.71 -42.29
N ASP B 4 -0.85 3.97 -43.15
CA ASP B 4 -1.39 3.50 -44.43
C ASP B 4 -2.28 2.29 -44.28
N ASN B 5 -1.88 1.38 -43.39
CA ASN B 5 -2.65 0.19 -43.11
C ASN B 5 -4.02 0.65 -42.63
N ILE B 6 -4.02 1.56 -41.67
CA ILE B 6 -5.25 2.02 -41.04
C ILE B 6 -6.08 2.98 -41.90
N SER B 7 -7.34 2.62 -42.09
CA SER B 7 -8.28 3.47 -42.79
C SER B 7 -9.11 4.14 -41.69
N THR B 8 -9.82 5.22 -42.02
CA THR B 8 -10.64 5.92 -41.03
C THR B 8 -11.53 4.95 -40.24
N ILE B 9 -11.44 5.00 -38.91
CA ILE B 9 -12.16 4.12 -37.98
C ILE B 9 -13.66 4.48 -37.88
N ALA B 10 -14.52 3.49 -38.07
CA ALA B 10 -15.96 3.78 -38.03
C ALA B 10 -16.68 3.00 -36.94
N TYR B 11 -17.85 3.52 -36.56
CA TYR B 11 -18.71 2.83 -35.61
C TYR B 11 -19.43 1.67 -36.31
N GLU B 12 -19.18 0.45 -35.87
CA GLU B 12 -19.80 -0.71 -36.48
C GLU B 12 -20.79 -1.47 -35.60
N GLY B 13 -20.94 -1.08 -34.34
CA GLY B 13 -21.89 -1.77 -33.49
C GLY B 13 -21.29 -2.95 -32.77
N PRO B 14 -21.96 -3.42 -31.70
CA PRO B 14 -21.61 -4.52 -30.79
C PRO B 14 -21.26 -5.85 -31.43
N ALA B 15 -22.13 -6.32 -32.31
CA ALA B 15 -21.86 -7.57 -33.00
C ALA B 15 -21.09 -7.20 -34.25
N SER B 16 -19.77 -7.13 -34.12
CA SER B 16 -18.89 -6.80 -35.22
C SER B 16 -17.55 -7.39 -34.85
N LYS B 17 -17.03 -8.25 -35.72
CA LYS B 17 -15.78 -8.93 -35.45
C LYS B 17 -14.55 -8.12 -35.90
N ASN B 18 -14.77 -6.86 -36.26
CA ASN B 18 -13.69 -6.00 -36.73
C ASN B 18 -12.93 -5.27 -35.62
N PRO B 19 -11.67 -5.66 -35.38
CA PRO B 19 -10.83 -5.05 -34.35
C PRO B 19 -10.64 -3.55 -34.49
N LEU B 20 -10.68 -3.04 -35.73
CA LEU B 20 -10.49 -1.62 -35.96
C LEU B 20 -11.80 -0.85 -36.18
N ALA B 21 -12.73 -0.98 -35.23
CA ALA B 21 -14.01 -0.28 -35.32
C ALA B 21 -14.57 -0.03 -33.93
N PHE B 22 -15.39 1.00 -33.80
CA PHE B 22 -16.04 1.29 -32.54
C PHE B 22 -17.22 0.35 -32.38
N LYS B 23 -17.28 -0.36 -31.26
CA LYS B 23 -18.41 -1.23 -31.00
C LYS B 23 -19.51 -0.51 -30.24
N PHE B 24 -19.15 0.52 -29.49
CA PHE B 24 -20.13 1.25 -28.69
C PHE B 24 -20.15 2.75 -28.88
N TYR B 25 -19.00 3.32 -29.26
CA TYR B 25 -18.92 4.77 -29.45
C TYR B 25 -19.42 5.15 -30.83
N ASN B 26 -20.60 5.75 -30.87
CA ASN B 26 -21.20 6.24 -32.09
C ASN B 26 -21.31 7.76 -31.91
N PRO B 27 -20.35 8.50 -32.49
CA PRO B 27 -20.24 9.96 -32.41
C PRO B 27 -21.56 10.71 -32.43
N GLU B 28 -22.50 10.28 -33.26
CA GLU B 28 -23.75 11.02 -33.39
C GLU B 28 -24.97 10.36 -32.74
N GLU B 29 -24.77 9.26 -32.04
CA GLU B 29 -25.87 8.65 -31.31
C GLU B 29 -26.25 9.60 -30.19
N LYS B 30 -27.55 9.83 -30.01
CA LYS B 30 -28.00 10.72 -28.98
C LYS B 30 -28.18 9.99 -27.66
N VAL B 31 -27.69 10.60 -26.60
CA VAL B 31 -27.88 10.05 -25.26
C VAL B 31 -28.46 11.23 -24.52
N GLY B 32 -29.78 11.25 -24.38
CA GLY B 32 -30.44 12.40 -23.78
C GLY B 32 -30.51 13.48 -24.84
N ASP B 33 -30.21 14.71 -24.47
CA ASP B 33 -30.28 15.79 -25.44
C ASP B 33 -28.99 16.12 -26.19
N LYS B 34 -27.92 15.38 -25.89
CA LYS B 34 -26.64 15.58 -26.59
C LYS B 34 -26.14 14.28 -27.19
N THR B 35 -25.38 14.38 -28.27
CA THR B 35 -24.81 13.21 -28.93
C THR B 35 -23.60 12.73 -28.11
N MET B 36 -23.20 11.49 -28.35
CA MET B 36 -22.04 10.92 -27.66
C MET B 36 -20.80 11.80 -27.82
N GLU B 37 -20.61 12.35 -29.02
CA GLU B 37 -19.46 13.18 -29.28
C GLU B 37 -19.48 14.46 -28.43
N GLU B 38 -20.65 15.06 -28.29
CA GLU B 38 -20.79 16.29 -27.51
C GLU B 38 -20.60 16.03 -26.02
N HIS B 39 -21.07 14.87 -25.57
CA HIS B 39 -20.94 14.45 -24.17
C HIS B 39 -19.51 14.14 -23.80
N LEU B 40 -18.87 13.30 -24.59
CA LEU B 40 -17.56 12.78 -24.26
C LEU B 40 -16.37 13.68 -24.51
N ARG B 41 -16.48 14.59 -25.49
CA ARG B 41 -15.41 15.54 -25.82
C ARG B 41 -14.00 14.92 -25.70
N PHE B 42 -13.77 13.82 -26.43
CA PHE B 42 -12.50 13.11 -26.39
C PHE B 42 -11.32 13.95 -26.84
N SER B 43 -10.15 13.69 -26.25
CA SER B 43 -8.93 14.42 -26.56
C SER B 43 -7.72 13.49 -26.50
N VAL B 44 -6.74 13.67 -27.39
CA VAL B 44 -5.56 12.83 -27.31
C VAL B 44 -4.35 13.60 -26.81
N ALA B 45 -3.58 12.91 -25.97
CA ALA B 45 -2.39 13.47 -25.35
C ALA B 45 -1.24 13.36 -26.33
N TYR B 46 -0.75 14.50 -26.79
CA TYR B 46 0.35 14.55 -27.74
C TYR B 46 1.56 13.79 -27.23
N TRP B 47 1.92 14.05 -25.99
CA TRP B 47 3.08 13.45 -25.36
C TRP B 47 3.18 11.94 -25.50
N HIS B 48 2.22 11.23 -24.92
CA HIS B 48 2.26 9.78 -24.97
C HIS B 48 2.13 9.24 -26.36
N THR B 49 1.19 9.80 -27.11
CA THR B 49 0.87 9.27 -28.42
C THR B 49 1.92 9.54 -29.50
N PHE B 50 2.52 10.73 -29.51
CA PHE B 50 3.48 11.05 -30.58
C PHE B 50 4.94 11.17 -30.18
N THR B 51 5.22 11.35 -28.90
CA THR B 51 6.61 11.47 -28.44
C THR B 51 7.02 10.34 -27.50
N GLY B 52 6.06 9.54 -27.06
CA GLY B 52 6.38 8.42 -26.17
C GLY B 52 7.19 7.36 -26.86
N ASP B 53 8.14 6.75 -26.15
CA ASP B 53 9.01 5.73 -26.74
C ASP B 53 8.97 4.36 -26.06
N GLY B 54 8.08 4.20 -25.10
CA GLY B 54 7.96 2.92 -24.42
C GLY B 54 9.10 2.61 -23.49
N SER B 55 9.96 3.59 -23.22
CA SER B 55 11.04 3.39 -22.27
C SER B 55 10.44 3.20 -20.89
N ASP B 56 11.27 2.72 -19.99
CA ASP B 56 10.84 2.06 -18.77
C ASP B 56 12.03 2.31 -17.85
N PRO B 57 11.82 2.38 -16.53
CA PRO B 57 12.98 2.61 -15.64
C PRO B 57 14.11 1.59 -15.82
N PHE B 58 13.79 0.46 -16.42
CA PHE B 58 14.75 -0.62 -16.65
C PHE B 58 14.83 -1.02 -18.13
N GLY B 59 14.14 -0.27 -18.99
CA GLY B 59 14.15 -0.60 -20.39
C GLY B 59 14.35 0.57 -21.33
N ALA B 60 14.99 0.31 -22.46
CA ALA B 60 15.23 1.35 -23.46
C ALA B 60 13.94 1.55 -24.26
N GLY B 61 13.88 2.62 -25.04
CA GLY B 61 12.70 2.85 -25.85
C GLY B 61 12.51 1.72 -26.85
N ASN B 62 11.31 1.14 -26.90
CA ASN B 62 11.06 0.02 -27.80
C ASN B 62 9.95 0.25 -28.81
N MET B 63 9.27 1.39 -28.71
CA MET B 63 8.14 1.68 -29.60
C MET B 63 8.53 1.78 -31.07
N ILE B 64 7.70 1.20 -31.94
CA ILE B 64 7.92 1.24 -33.37
C ILE B 64 7.00 2.30 -33.99
N ARG B 65 7.58 3.39 -34.48
CA ARG B 65 6.81 4.45 -35.12
C ARG B 65 7.40 4.91 -36.46
N PRO B 66 6.55 5.21 -37.46
CA PRO B 66 7.00 5.63 -38.79
C PRO B 66 7.88 6.87 -38.84
N TRP B 67 7.67 7.81 -37.94
CA TRP B 67 8.43 9.05 -37.93
C TRP B 67 9.77 8.94 -37.20
N ASN B 68 10.16 7.73 -36.82
CA ASN B 68 11.40 7.54 -36.06
C ASN B 68 12.69 7.81 -36.82
N LYS B 69 12.62 7.73 -38.14
CA LYS B 69 13.78 7.98 -39.00
C LYS B 69 14.30 9.42 -38.88
N TYR B 70 13.43 10.36 -38.52
CA TYR B 70 13.78 11.78 -38.41
C TYR B 70 14.39 12.23 -37.10
N SER B 71 15.10 13.35 -37.15
CA SER B 71 15.72 13.97 -35.98
C SER B 71 15.33 15.43 -35.92
N GLY B 72 15.66 16.10 -34.82
CA GLY B 72 15.38 17.52 -34.71
C GLY B 72 14.04 18.06 -35.22
N MET B 73 14.09 19.20 -35.89
CA MET B 73 12.88 19.84 -36.42
C MET B 73 12.14 19.00 -37.46
N ASP B 74 12.87 18.15 -38.18
CA ASP B 74 12.22 17.28 -39.14
C ASP B 74 11.30 16.34 -38.39
N LEU B 75 11.77 15.84 -37.26
CA LEU B 75 10.98 14.98 -36.39
C LEU B 75 9.78 15.74 -35.81
N ALA B 76 10.00 16.99 -35.39
CA ALA B 76 8.92 17.80 -34.82
C ALA B 76 7.82 18.00 -35.85
N LYS B 77 8.23 18.34 -37.08
CA LYS B 77 7.28 18.57 -38.16
C LYS B 77 6.57 17.27 -38.53
N ALA B 78 7.35 16.20 -38.66
CA ALA B 78 6.81 14.88 -39.02
C ALA B 78 5.69 14.53 -38.05
N ARG B 79 5.95 14.72 -36.77
CA ARG B 79 4.96 14.40 -35.75
C ARG B 79 3.69 15.20 -35.91
N VAL B 80 3.80 16.46 -36.32
CA VAL B 80 2.59 17.27 -36.49
C VAL B 80 1.73 16.71 -37.61
N GLU B 81 2.36 16.39 -38.75
CA GLU B 81 1.66 15.76 -39.87
C GLU B 81 0.98 14.49 -39.39
N ALA B 82 1.77 13.64 -38.72
CA ALA B 82 1.27 12.38 -38.19
C ALA B 82 0.11 12.60 -37.24
N ALA B 83 0.28 13.59 -36.35
CA ALA B 83 -0.70 13.89 -35.32
C ALA B 83 -2.06 14.13 -35.96
N PHE B 84 -2.10 15.07 -36.91
CA PHE B 84 -3.35 15.39 -37.57
C PHE B 84 -3.94 14.25 -38.40
N GLU B 85 -3.08 13.39 -38.93
CA GLU B 85 -3.57 12.24 -39.66
C GLU B 85 -4.29 11.32 -38.66
N PHE B 86 -3.67 11.10 -37.51
CA PHE B 86 -4.22 10.25 -36.46
C PHE B 86 -5.56 10.82 -35.97
N PHE B 87 -5.61 12.12 -35.73
CA PHE B 87 -6.84 12.80 -35.30
C PHE B 87 -7.98 12.54 -36.27
N GLU B 88 -7.69 12.69 -37.56
CA GLU B 88 -8.70 12.48 -38.60
C GLU B 88 -9.20 11.05 -38.63
N LYS B 89 -8.27 10.09 -38.67
CA LYS B 89 -8.64 8.68 -38.74
C LYS B 89 -9.39 8.20 -37.52
N LEU B 90 -9.12 8.79 -36.37
CA LEU B 90 -9.77 8.34 -35.15
C LEU B 90 -11.02 9.18 -34.85
N ASN B 91 -11.08 10.36 -35.47
CA ASN B 91 -12.25 11.21 -35.37
C ASN B 91 -12.31 11.88 -34.01
N ILE B 92 -11.18 12.39 -33.54
CA ILE B 92 -11.10 13.04 -32.23
C ILE B 92 -11.31 14.54 -32.31
N PRO B 93 -12.20 15.07 -31.46
CA PRO B 93 -12.53 16.49 -31.41
C PRO B 93 -11.40 17.38 -30.87
N PHE B 94 -10.55 16.83 -30.01
CA PHE B 94 -9.53 17.62 -29.30
C PHE B 94 -8.19 16.93 -29.12
N PHE B 95 -7.20 17.73 -28.73
CA PHE B 95 -5.90 17.22 -28.30
C PHE B 95 -5.28 18.17 -27.27
N CYS B 96 -4.22 17.71 -26.61
CA CYS B 96 -3.51 18.49 -25.60
C CYS B 96 -2.00 18.30 -25.75
N PHE B 97 -1.22 19.25 -25.25
CA PHE B 97 0.23 19.11 -25.33
C PHE B 97 0.99 19.99 -24.35
N HIS B 98 2.21 19.57 -24.05
CA HIS B 98 3.15 20.38 -23.29
C HIS B 98 3.99 21.02 -24.39
N ASP B 99 4.53 22.20 -24.11
CA ASP B 99 5.42 22.89 -25.03
C ASP B 99 6.55 22.00 -25.56
N VAL B 100 7.20 21.23 -24.68
CA VAL B 100 8.30 20.36 -25.10
C VAL B 100 7.88 19.17 -25.95
N ASP B 101 6.58 18.90 -26.01
CA ASP B 101 6.10 17.77 -26.80
C ASP B 101 6.12 18.11 -28.28
N ILE B 102 5.82 19.36 -28.60
CA ILE B 102 5.65 19.77 -29.98
C ILE B 102 6.91 20.29 -30.67
N ALA B 103 7.82 20.88 -29.91
CA ALA B 103 9.05 21.40 -30.51
C ALA B 103 10.27 21.14 -29.62
N PRO B 104 11.44 20.94 -30.24
CA PRO B 104 12.67 20.68 -29.48
C PRO B 104 13.17 21.94 -28.77
N GLU B 105 13.60 21.75 -27.53
CA GLU B 105 14.12 22.86 -26.72
C GLU B 105 15.47 23.31 -27.28
N GLY B 106 15.77 24.60 -27.14
CA GLY B 106 17.01 25.14 -27.67
C GLY B 106 18.10 25.21 -26.63
N GLU B 107 19.26 25.71 -27.03
CA GLU B 107 20.33 25.85 -26.07
C GLU B 107 20.10 27.10 -25.21
N THR B 108 19.37 28.07 -25.75
CA THR B 108 18.97 29.27 -25.01
C THR B 108 17.48 29.51 -25.15
N LEU B 109 16.90 30.26 -24.22
CA LEU B 109 15.48 30.53 -24.25
C LEU B 109 15.01 31.13 -25.59
N LYS B 110 15.80 32.06 -26.16
CA LYS B 110 15.45 32.68 -27.44
C LYS B 110 15.31 31.61 -28.52
N GLU B 111 16.22 30.65 -28.53
CA GLU B 111 16.14 29.54 -29.48
C GLU B 111 14.86 28.74 -29.28
N THR B 112 14.63 28.27 -28.06
CA THR B 112 13.41 27.52 -27.72
C THR B 112 12.18 28.21 -28.28
N TYR B 113 12.08 29.51 -28.05
CA TYR B 113 10.97 30.30 -28.57
C TYR B 113 10.85 30.22 -30.10
N LYS B 114 11.98 30.25 -30.80
CA LYS B 114 11.97 30.19 -32.26
C LYS B 114 11.37 28.89 -32.77
N ASN B 115 11.90 27.78 -32.27
CA ASN B 115 11.47 26.45 -32.66
C ASN B 115 9.99 26.26 -32.37
N LEU B 116 9.58 26.78 -31.21
CA LEU B 116 8.19 26.71 -30.79
C LEU B 116 7.32 27.45 -31.81
N ASP B 117 7.63 28.71 -32.07
CA ASP B 117 6.84 29.51 -33.01
C ASP B 117 6.69 28.83 -34.36
N ILE B 118 7.79 28.31 -34.90
CA ILE B 118 7.75 27.57 -36.15
C ILE B 118 6.70 26.48 -36.10
N ILE B 119 6.81 25.59 -35.12
CA ILE B 119 5.85 24.50 -34.96
C ILE B 119 4.43 24.99 -34.70
N VAL B 120 4.27 26.03 -33.89
CA VAL B 120 2.94 26.60 -33.65
C VAL B 120 2.32 27.12 -34.95
N ASP B 121 3.13 27.74 -35.81
CA ASP B 121 2.65 28.23 -37.12
C ASP B 121 2.05 27.07 -37.88
N MET B 122 2.81 25.97 -37.90
CA MET B 122 2.41 24.76 -38.61
C MET B 122 1.14 24.16 -38.04
N ILE B 123 1.04 24.14 -36.71
CA ILE B 123 -0.15 23.59 -36.06
C ILE B 123 -1.36 24.47 -36.39
N GLU B 124 -1.19 25.78 -36.29
CA GLU B 124 -2.28 26.71 -36.54
C GLU B 124 -2.91 26.51 -37.92
N GLU B 125 -2.06 26.43 -38.93
CA GLU B 125 -2.52 26.24 -40.29
C GLU B 125 -2.57 24.74 -40.56
N TYR B 126 -3.54 24.09 -39.94
CA TYR B 126 -3.72 22.64 -39.99
C TYR B 126 -5.02 22.51 -39.24
N MET B 127 -5.12 23.28 -38.16
CA MET B 127 -6.36 23.42 -37.40
C MET B 127 -7.34 24.03 -38.38
N LYS B 128 -6.78 24.86 -39.28
CA LYS B 128 -7.52 25.52 -40.35
C LYS B 128 -8.40 24.56 -41.15
N THR B 129 -7.92 23.34 -41.35
CA THR B 129 -8.60 22.35 -42.18
C THR B 129 -9.03 21.11 -41.39
N SER B 130 -9.01 21.18 -40.06
CA SER B 130 -9.33 20.01 -39.24
C SER B 130 -10.45 20.30 -38.25
N LYS B 131 -11.20 19.27 -37.88
CA LYS B 131 -12.27 19.43 -36.88
C LYS B 131 -11.65 19.48 -35.49
N THR B 132 -10.43 18.94 -35.37
CA THR B 132 -9.74 18.87 -34.10
C THR B 132 -9.31 20.24 -33.59
N LYS B 133 -9.52 20.46 -32.29
CA LYS B 133 -9.18 21.71 -31.65
C LYS B 133 -8.37 21.46 -30.39
N LEU B 134 -7.69 22.50 -29.94
CA LEU B 134 -6.87 22.40 -28.75
C LEU B 134 -7.74 22.51 -27.51
N LEU B 135 -7.80 21.43 -26.72
CA LEU B 135 -8.55 21.41 -25.47
C LEU B 135 -7.78 22.25 -24.45
N TRP B 136 -6.53 21.88 -24.22
CA TRP B 136 -5.63 22.67 -23.37
C TRP B 136 -4.18 22.36 -23.65
N ASN B 137 -3.32 23.33 -23.38
CA ASN B 137 -1.88 23.13 -23.48
C ASN B 137 -1.29 23.45 -22.11
N THR B 138 0.01 23.24 -21.94
CA THR B 138 0.63 23.43 -20.65
C THR B 138 2.15 23.56 -20.80
N ALA B 139 2.80 24.05 -19.75
CA ALA B 139 4.25 24.22 -19.72
C ALA B 139 4.88 23.09 -18.92
N ASN B 140 5.86 22.41 -19.52
CA ASN B 140 6.54 21.30 -18.85
C ASN B 140 7.61 21.84 -17.91
N LEU B 141 7.28 21.89 -16.62
CA LEU B 141 8.23 22.42 -15.65
C LEU B 141 8.84 21.32 -14.77
N PHE B 142 9.16 20.17 -15.35
CA PHE B 142 9.69 19.06 -14.56
C PHE B 142 10.79 18.22 -15.21
N THR B 143 10.78 18.16 -16.54
CA THR B 143 11.72 17.30 -17.26
C THR B 143 13.16 17.79 -17.28
N HIS B 144 13.35 19.10 -17.40
CA HIS B 144 14.70 19.66 -17.50
C HIS B 144 15.44 19.63 -16.16
N PRO B 145 16.76 19.41 -16.20
CA PRO B 145 17.62 19.35 -15.01
C PRO B 145 17.57 20.60 -14.15
N ARG B 146 17.13 21.69 -14.75
CA ARG B 146 17.07 22.98 -14.11
C ARG B 146 15.97 23.00 -13.05
N PHE B 147 14.96 22.15 -13.23
CA PHE B 147 13.83 22.08 -12.32
C PHE B 147 13.99 21.01 -11.23
N VAL B 148 15.24 20.60 -11.04
CA VAL B 148 15.58 19.55 -10.09
C VAL B 148 15.05 19.80 -8.67
N HIS B 149 15.01 21.06 -8.26
CA HIS B 149 14.54 21.43 -6.91
C HIS B 149 13.15 22.09 -6.94
N GLY B 150 12.45 21.91 -8.06
CA GLY B 150 11.14 22.51 -8.24
C GLY B 150 11.21 23.56 -9.34
N ALA B 151 10.09 24.22 -9.57
CA ALA B 151 10.02 25.30 -10.55
C ALA B 151 9.71 26.57 -9.75
N ALA B 152 8.43 26.80 -9.43
CA ALA B 152 8.04 27.95 -8.64
C ALA B 152 8.42 27.70 -7.19
N THR B 153 8.62 26.43 -6.83
CA THR B 153 9.00 26.07 -5.47
C THR B 153 10.51 25.84 -5.38
N SER B 154 11.24 26.21 -6.44
CA SER B 154 12.67 26.05 -6.47
C SER B 154 13.33 27.01 -5.49
N CYS B 155 14.47 26.61 -4.94
CA CYS B 155 15.22 27.45 -4.01
C CYS B 155 16.10 28.42 -4.78
N ASN B 156 16.10 28.27 -6.10
CA ASN B 156 16.89 29.10 -6.99
C ASN B 156 15.94 30.06 -7.70
N ALA B 157 16.02 31.34 -7.34
CA ALA B 157 15.15 32.35 -7.95
C ALA B 157 15.29 32.47 -9.48
N ASP B 158 16.45 32.11 -10.05
CA ASP B 158 16.60 32.10 -11.51
C ASP B 158 15.66 31.09 -12.13
N VAL B 159 15.50 29.94 -11.49
CA VAL B 159 14.60 28.89 -11.97
C VAL B 159 13.15 29.37 -11.88
N PHE B 160 12.83 30.14 -10.83
CA PHE B 160 11.49 30.70 -10.74
C PHE B 160 11.26 31.59 -11.96
N ALA B 161 12.24 32.44 -12.28
CA ALA B 161 12.14 33.33 -13.44
C ALA B 161 11.95 32.56 -14.74
N TYR B 162 12.78 31.54 -14.94
CA TYR B 162 12.71 30.70 -16.14
C TYR B 162 11.34 30.03 -16.29
N ALA B 163 10.83 29.46 -15.19
CA ALA B 163 9.52 28.81 -15.20
C ALA B 163 8.44 29.81 -15.58
N ALA B 164 8.53 31.00 -15.00
CA ALA B 164 7.60 32.08 -15.32
C ALA B 164 7.60 32.41 -16.82
N ALA B 165 8.78 32.43 -17.44
CA ALA B 165 8.88 32.74 -18.86
C ALA B 165 8.19 31.66 -19.69
N LYS B 166 8.47 30.41 -19.36
CA LYS B 166 7.86 29.31 -20.08
C LYS B 166 6.34 29.22 -19.89
N VAL B 167 5.84 29.71 -18.77
CA VAL B 167 4.41 29.76 -18.56
C VAL B 167 3.81 30.97 -19.30
N LYS B 168 4.57 32.05 -19.38
CA LYS B 168 4.15 33.26 -20.09
C LYS B 168 3.95 32.93 -21.57
N LYS B 169 4.96 32.33 -22.17
CA LYS B 169 4.92 31.88 -23.55
C LYS B 169 3.78 30.86 -23.69
N GLY B 170 3.63 30.00 -22.69
CA GLY B 170 2.56 29.01 -22.69
C GLY B 170 1.18 29.62 -22.85
N LEU B 171 0.91 30.66 -22.06
CA LEU B 171 -0.38 31.37 -22.13
C LEU B 171 -0.58 32.09 -23.46
N GLU B 172 0.50 32.61 -24.04
CA GLU B 172 0.41 33.28 -25.32
C GLU B 172 0.00 32.29 -26.41
N ILE B 173 0.60 31.11 -26.38
CA ILE B 173 0.27 30.06 -27.33
C ILE B 173 -1.18 29.63 -27.13
N ALA B 174 -1.61 29.56 -25.87
CA ALA B 174 -2.99 29.17 -25.56
C ALA B 174 -3.94 30.15 -26.20
N LYS B 175 -3.70 31.44 -25.95
CA LYS B 175 -4.52 32.53 -26.50
C LYS B 175 -4.57 32.46 -28.03
N ARG B 176 -3.41 32.23 -28.63
CA ARG B 176 -3.24 32.18 -30.08
C ARG B 176 -3.99 31.03 -30.74
N LEU B 177 -3.88 29.83 -30.18
CA LEU B 177 -4.55 28.66 -30.75
C LEU B 177 -5.96 28.46 -30.18
N GLY B 178 -6.37 29.35 -29.28
CA GLY B 178 -7.71 29.27 -28.72
C GLY B 178 -7.98 28.05 -27.84
N ALA B 179 -7.02 27.75 -26.96
CA ALA B 179 -7.18 26.67 -26.00
C ALA B 179 -8.37 27.01 -25.10
N GLU B 180 -9.15 26.00 -24.75
CA GLU B 180 -10.29 26.19 -23.86
C GLU B 180 -9.85 26.24 -22.40
N ASN B 181 -8.70 25.62 -22.12
CA ASN B 181 -8.20 25.56 -20.75
C ASN B 181 -6.68 25.67 -20.78
N TYR B 182 -6.09 25.90 -19.60
CA TYR B 182 -4.64 25.87 -19.45
C TYR B 182 -4.33 25.11 -18.17
N VAL B 183 -3.53 24.06 -18.28
CA VAL B 183 -3.27 23.17 -17.17
C VAL B 183 -1.92 23.39 -16.49
N PHE B 184 -1.94 23.34 -15.16
CA PHE B 184 -0.75 23.39 -14.33
C PHE B 184 -0.61 22.04 -13.62
N TRP B 185 0.56 21.40 -13.75
CA TRP B 185 0.85 20.18 -12.99
C TRP B 185 2.16 20.34 -12.23
N GLY B 186 2.10 20.34 -10.90
CA GLY B 186 3.31 20.57 -10.13
C GLY B 186 4.21 19.36 -9.92
N GLY B 187 4.71 18.79 -11.01
CA GLY B 187 5.54 17.60 -10.94
C GLY B 187 6.71 17.67 -9.97
N ARG B 188 7.40 18.81 -9.95
CA ARG B 188 8.51 19.01 -9.02
C ARG B 188 8.12 19.97 -7.88
N GLU B 189 6.85 20.35 -7.82
CA GLU B 189 6.38 21.26 -6.79
C GLU B 189 5.95 20.45 -5.58
N GLY B 190 6.96 20.05 -4.81
CA GLY B 190 6.75 19.27 -3.61
C GLY B 190 8.11 19.18 -2.95
N TYR B 191 8.43 18.03 -2.38
CA TYR B 191 9.73 17.85 -1.77
C TYR B 191 10.23 16.41 -1.88
N GLU B 192 11.54 16.25 -1.76
CA GLU B 192 12.15 14.93 -1.80
C GLU B 192 12.48 14.58 -0.36
N THR B 193 12.74 15.61 0.45
CA THR B 193 12.98 15.45 1.88
C THR B 193 12.68 16.76 2.58
N LEU B 194 11.99 16.65 3.70
CA LEU B 194 11.68 17.81 4.52
C LEU B 194 12.93 18.42 5.13
N LEU B 195 13.95 17.59 5.32
CA LEU B 195 15.20 18.00 5.96
C LEU B 195 15.87 19.28 5.43
N ASN B 196 15.71 19.56 4.15
CA ASN B 196 16.32 20.74 3.53
C ASN B 196 15.26 21.70 2.98
N THR B 197 14.02 21.53 3.43
CA THR B 197 12.90 22.26 2.84
C THR B 197 12.27 23.35 3.68
N ASP B 198 12.17 24.55 3.12
CA ASP B 198 11.44 25.62 3.76
C ASP B 198 10.08 25.59 3.06
N MET B 199 9.19 24.79 3.62
CA MET B 199 7.86 24.56 3.06
C MET B 199 7.01 25.82 2.97
N LYS B 200 6.98 26.63 4.03
CA LYS B 200 6.17 27.84 3.98
C LYS B 200 6.63 28.77 2.87
N LEU B 201 7.95 28.89 2.67
CA LEU B 201 8.47 29.73 1.58
C LEU B 201 8.04 29.16 0.22
N GLU B 202 8.29 27.87 0.02
CA GLU B 202 7.91 27.21 -1.24
C GLU B 202 6.44 27.41 -1.57
N LEU B 203 5.58 27.23 -0.58
CA LEU B 203 4.16 27.42 -0.81
C LEU B 203 3.82 28.87 -1.09
N ASP B 204 4.44 29.78 -0.36
CA ASP B 204 4.26 31.21 -0.59
C ASP B 204 4.60 31.58 -2.02
N ASN B 205 5.71 31.04 -2.50
CA ASN B 205 6.18 31.31 -3.85
C ASN B 205 5.32 30.68 -4.92
N LEU B 206 4.80 29.49 -4.64
CA LEU B 206 3.90 28.81 -5.57
C LEU B 206 2.66 29.68 -5.77
N ALA B 207 2.20 30.27 -4.69
CA ALA B 207 1.05 31.16 -4.73
C ALA B 207 1.36 32.45 -5.49
N ARG B 208 2.54 33.01 -5.28
CA ARG B 208 2.96 34.22 -5.97
C ARG B 208 3.04 33.95 -7.46
N PHE B 209 3.58 32.80 -7.81
CA PHE B 209 3.67 32.34 -9.20
C PHE B 209 2.28 32.28 -9.83
N LEU B 210 1.38 31.53 -9.22
CA LEU B 210 0.03 31.41 -9.76
C LEU B 210 -0.69 32.75 -9.85
N HIS B 211 -0.43 33.65 -8.92
CA HIS B 211 -1.04 34.96 -9.00
C HIS B 211 -0.59 35.72 -10.23
N MET B 212 0.72 35.69 -10.48
CA MET B 212 1.29 36.35 -11.65
C MET B 212 0.70 35.80 -12.95
N ALA B 213 0.42 34.50 -12.96
CA ALA B 213 -0.18 33.87 -14.13
C ALA B 213 -1.59 34.39 -14.40
N VAL B 214 -2.45 34.38 -13.38
CA VAL B 214 -3.83 34.84 -13.61
C VAL B 214 -3.85 36.31 -13.98
N ASP B 215 -2.82 37.05 -13.57
CA ASP B 215 -2.68 38.46 -13.89
C ASP B 215 -2.29 38.63 -15.36
N TYR B 216 -1.33 37.82 -15.81
CA TYR B 216 -0.90 37.88 -17.20
C TYR B 216 -2.02 37.44 -18.12
N ALA B 217 -2.74 36.41 -17.70
CA ALA B 217 -3.88 35.92 -18.45
C ALA B 217 -4.88 37.05 -18.69
N LYS B 218 -5.08 37.92 -17.71
CA LYS B 218 -6.01 39.04 -17.86
C LYS B 218 -5.45 40.08 -18.79
N GLU B 219 -4.18 40.38 -18.60
CA GLU B 219 -3.48 41.36 -19.41
C GLU B 219 -3.55 41.05 -20.90
N ILE B 220 -3.24 39.81 -21.29
CA ILE B 220 -3.32 39.42 -22.70
C ILE B 220 -4.74 39.03 -23.15
N GLY B 221 -5.67 39.02 -22.20
CA GLY B 221 -7.04 38.66 -22.52
C GLY B 221 -7.20 37.18 -22.86
N PHE B 222 -6.68 36.27 -22.06
CA PHE B 222 -6.79 34.85 -22.37
C PHE B 222 -8.23 34.36 -22.30
N ASP B 223 -8.84 34.40 -21.13
CA ASP B 223 -10.21 33.95 -20.88
C ASP B 223 -10.48 32.42 -21.03
N GLY B 224 -9.45 31.61 -20.92
CA GLY B 224 -9.65 30.16 -20.94
C GLY B 224 -9.65 29.69 -19.49
N GLN B 225 -10.08 28.46 -19.22
CA GLN B 225 -10.14 27.99 -17.84
C GLN B 225 -8.81 27.49 -17.29
N PHE B 226 -8.34 28.11 -16.21
CA PHE B 226 -7.13 27.65 -15.52
C PHE B 226 -7.44 26.36 -14.78
N LEU B 227 -6.55 25.39 -14.90
CA LEU B 227 -6.74 24.09 -14.28
C LEU B 227 -5.51 23.66 -13.49
N ILE B 228 -5.74 23.03 -12.36
CA ILE B 228 -4.65 22.47 -11.58
C ILE B 228 -4.87 20.96 -11.52
N GLU B 229 -3.82 20.20 -11.82
CA GLU B 229 -3.92 18.75 -11.82
C GLU B 229 -3.22 18.16 -10.60
N PRO B 230 -3.99 17.72 -9.58
CA PRO B 230 -3.34 17.14 -8.41
C PRO B 230 -2.69 15.77 -8.62
N LYS B 231 -1.77 15.47 -7.77
CA LYS B 231 -1.08 14.19 -7.67
C LYS B 231 -0.37 14.05 -6.32
N PRO B 232 -0.44 12.90 -5.68
CA PRO B 232 0.17 12.73 -4.36
C PRO B 232 1.70 12.76 -4.31
N LYS B 233 2.32 12.18 -5.32
CA LYS B 233 3.77 11.97 -5.33
C LYS B 233 4.16 11.46 -6.71
N GLU B 234 5.45 11.17 -6.88
CA GLU B 234 6.06 10.73 -8.15
C GLU B 234 6.08 11.87 -9.18
N PRO B 235 7.28 12.41 -9.49
CA PRO B 235 8.65 12.12 -9.02
C PRO B 235 8.90 12.43 -7.53
N THR B 236 8.30 13.49 -7.03
CA THR B 236 8.48 13.94 -5.64
C THR B 236 8.06 12.89 -4.62
N LYS B 237 8.68 12.92 -3.44
CA LYS B 237 8.26 12.05 -2.34
C LYS B 237 6.87 12.52 -1.89
N HIS B 238 6.67 13.83 -1.94
CA HIS B 238 5.38 14.42 -1.65
C HIS B 238 5.17 15.60 -2.58
N GLN B 239 4.07 15.58 -3.32
CA GLN B 239 3.73 16.69 -4.19
C GLN B 239 2.70 17.55 -3.45
N TYR B 240 2.88 18.87 -3.50
CA TYR B 240 2.02 19.77 -2.73
C TYR B 240 0.52 19.64 -3.04
N ASP B 241 0.12 19.68 -4.32
CA ASP B 241 -1.28 19.48 -4.67
C ASP B 241 -1.57 17.98 -4.71
N PHE B 242 -1.48 17.38 -3.53
CA PHE B 242 -1.66 15.96 -3.26
C PHE B 242 -3.03 15.43 -3.70
N ASP B 243 -4.03 16.26 -3.46
CA ASP B 243 -5.44 15.89 -3.52
C ASP B 243 -6.20 17.01 -4.15
N VAL B 244 -7.45 16.72 -4.52
CA VAL B 244 -8.37 17.77 -4.88
C VAL B 244 -8.53 18.63 -3.63
N ALA B 245 -8.80 17.98 -2.49
CA ALA B 245 -9.02 18.67 -1.21
C ALA B 245 -7.78 19.42 -0.74
N THR B 246 -6.62 18.79 -0.83
CA THR B 246 -5.38 19.44 -0.42
C THR B 246 -5.10 20.69 -1.25
N ALA B 247 -5.25 20.58 -2.57
CA ALA B 247 -5.05 21.72 -3.46
C ALA B 247 -6.07 22.81 -3.14
N LEU B 248 -7.29 22.39 -2.85
CA LEU B 248 -8.35 23.33 -2.47
C LEU B 248 -7.91 24.16 -1.25
N ALA B 249 -7.39 23.48 -0.24
CA ALA B 249 -6.91 24.13 0.98
C ALA B 249 -5.91 25.22 0.61
N PHE B 250 -4.99 24.89 -0.28
CA PHE B 250 -3.97 25.82 -0.75
C PHE B 250 -4.59 27.05 -1.41
N LEU B 251 -5.47 26.81 -2.39
CA LEU B 251 -6.10 27.89 -3.12
C LEU B 251 -6.88 28.81 -2.20
N GLN B 252 -7.50 28.24 -1.18
CA GLN B 252 -8.28 29.01 -0.22
C GLN B 252 -7.38 29.88 0.63
N THR B 253 -6.26 29.31 1.06
CA THR B 253 -5.29 30.04 1.87
C THR B 253 -4.77 31.29 1.17
N TYR B 254 -4.54 31.19 -0.14
CA TYR B 254 -3.98 32.30 -0.88
C TYR B 254 -4.97 33.05 -1.76
N GLY B 255 -6.26 32.77 -1.59
CA GLY B 255 -7.29 33.47 -2.36
C GLY B 255 -7.21 33.31 -3.87
N LEU B 256 -6.77 32.14 -4.33
CA LEU B 256 -6.68 31.86 -5.76
C LEU B 256 -7.87 31.00 -6.19
N LYS B 257 -8.75 30.70 -5.25
CA LYS B 257 -9.83 29.76 -5.50
C LYS B 257 -10.78 30.07 -6.66
N ASP B 258 -11.10 31.34 -6.87
CA ASP B 258 -12.06 31.67 -7.92
C ASP B 258 -11.49 31.56 -9.33
N TYR B 259 -10.17 31.50 -9.45
CA TYR B 259 -9.54 31.44 -10.75
C TYR B 259 -9.27 30.04 -11.25
N PHE B 260 -9.39 29.06 -10.37
CA PHE B 260 -9.03 27.70 -10.73
C PHE B 260 -10.12 26.65 -10.63
N LYS B 261 -9.93 25.60 -11.40
CA LYS B 261 -10.75 24.39 -11.35
C LYS B 261 -9.74 23.26 -11.44
N PHE B 262 -10.19 22.02 -11.24
CA PHE B 262 -9.26 20.90 -11.22
C PHE B 262 -9.30 20.02 -12.45
N ASN B 263 -8.13 19.50 -12.80
CA ASN B 263 -8.02 18.49 -13.85
C ASN B 263 -7.75 17.18 -13.11
N ILE B 264 -8.72 16.28 -13.09
CA ILE B 264 -8.62 15.05 -12.31
C ILE B 264 -8.19 13.87 -13.17
N GLU B 265 -7.12 13.19 -12.76
CA GLU B 265 -6.65 12.02 -13.48
C GLU B 265 -6.84 10.81 -12.61
N ALA B 266 -7.48 9.77 -13.16
CA ALA B 266 -7.80 8.56 -12.41
C ALA B 266 -6.62 7.99 -11.63
N ASN B 267 -5.55 7.65 -12.34
CA ASN B 267 -4.36 7.06 -11.72
C ASN B 267 -3.85 7.88 -10.55
N HIS B 268 -4.04 9.19 -10.61
CA HIS B 268 -3.58 10.09 -9.54
C HIS B 268 -4.45 9.95 -8.32
N ALA B 269 -5.74 9.77 -8.54
CA ALA B 269 -6.68 9.65 -7.44
C ALA B 269 -6.40 8.36 -6.67
N THR B 270 -6.22 7.26 -7.40
CA THR B 270 -5.98 5.96 -6.78
C THR B 270 -4.63 5.99 -6.04
N LEU B 271 -3.67 6.71 -6.59
CA LEU B 271 -2.35 6.82 -5.99
C LEU B 271 -2.44 7.58 -4.65
N ALA B 272 -3.41 8.48 -4.51
CA ALA B 272 -3.62 9.20 -3.26
C ALA B 272 -4.47 8.38 -2.29
N GLY B 273 -4.88 7.19 -2.71
CA GLY B 273 -5.71 6.34 -1.88
C GLY B 273 -7.20 6.65 -1.96
N HIS B 274 -7.63 7.29 -3.05
CA HIS B 274 -9.05 7.60 -3.26
C HIS B 274 -9.49 6.91 -4.52
N THR B 275 -10.79 6.74 -4.68
CA THR B 275 -11.34 6.23 -5.91
C THR B 275 -11.51 7.40 -6.86
N PHE B 276 -11.43 7.11 -8.16
CA PHE B 276 -11.62 8.11 -9.20
C PHE B 276 -12.91 8.90 -8.93
N GLU B 277 -14.00 8.16 -8.70
CA GLU B 277 -15.30 8.80 -8.46
C GLU B 277 -15.20 9.77 -7.30
N HIS B 278 -14.55 9.34 -6.23
CA HIS B 278 -14.40 10.17 -5.06
C HIS B 278 -13.83 11.56 -5.38
N GLU B 279 -12.72 11.59 -6.11
CA GLU B 279 -12.09 12.84 -6.49
C GLU B 279 -13.01 13.71 -7.33
N LEU B 280 -13.73 13.09 -8.26
CA LEU B 280 -14.67 13.82 -9.10
C LEU B 280 -15.77 14.40 -8.23
N ARG B 281 -16.34 13.58 -7.33
CA ARG B 281 -17.41 14.01 -6.42
C ARG B 281 -17.03 15.24 -5.60
N VAL B 282 -15.84 15.19 -5.01
CA VAL B 282 -15.36 16.28 -4.17
C VAL B 282 -15.21 17.56 -4.99
N ALA B 283 -14.57 17.43 -6.15
CA ALA B 283 -14.38 18.57 -7.04
C ALA B 283 -15.76 19.12 -7.39
N ARG B 284 -16.62 18.21 -7.85
CA ARG B 284 -17.97 18.53 -8.26
C ARG B 284 -18.80 19.30 -7.23
N ILE B 285 -18.83 18.84 -5.99
CA ILE B 285 -19.65 19.52 -4.98
C ILE B 285 -19.07 20.87 -4.59
N HIS B 286 -17.89 21.19 -5.11
CA HIS B 286 -17.27 22.49 -4.86
C HIS B 286 -17.27 23.31 -6.15
N GLY B 287 -17.96 22.79 -7.17
CA GLY B 287 -18.03 23.46 -8.46
C GLY B 287 -16.67 23.63 -9.11
N MET B 288 -15.78 22.66 -8.89
CA MET B 288 -14.43 22.75 -9.40
C MET B 288 -13.95 21.57 -10.20
N LEU B 289 -14.89 20.86 -10.82
CA LEU B 289 -14.58 19.76 -11.72
C LEU B 289 -14.36 20.37 -13.08
N GLY B 290 -13.11 20.68 -13.40
CA GLY B 290 -12.78 21.36 -14.63
C GLY B 290 -12.62 20.47 -15.85
N SER B 291 -11.86 19.39 -15.71
CA SER B 291 -11.63 18.48 -16.84
C SER B 291 -11.08 17.16 -16.34
N VAL B 292 -11.01 16.16 -17.21
CA VAL B 292 -10.59 14.83 -16.82
C VAL B 292 -9.46 14.25 -17.69
N ASP B 293 -8.51 13.58 -17.04
CA ASP B 293 -7.50 12.81 -17.74
C ASP B 293 -7.96 11.37 -17.58
N ALA B 294 -8.53 10.82 -18.64
CA ALA B 294 -9.10 9.48 -18.57
C ALA B 294 -8.09 8.35 -18.78
N ASN B 295 -7.55 7.85 -17.67
CA ASN B 295 -6.67 6.68 -17.73
C ASN B 295 -7.10 5.71 -16.66
N GLN B 296 -6.18 4.87 -16.21
CA GLN B 296 -6.50 3.83 -15.23
C GLN B 296 -5.18 3.26 -14.78
N GLY B 297 -5.05 3.03 -13.49
CA GLY B 297 -3.81 2.47 -12.96
C GLY B 297 -4.11 1.06 -12.47
N ASP B 298 -3.12 0.44 -11.85
CA ASP B 298 -3.24 -0.88 -11.26
C ASP B 298 -3.17 -0.59 -9.80
N MET B 299 -4.11 -1.12 -9.02
CA MET B 299 -4.12 -0.79 -7.62
C MET B 299 -3.13 -1.59 -6.82
N LEU B 300 -2.50 -2.58 -7.45
CA LEU B 300 -1.47 -3.38 -6.79
C LEU B 300 -0.08 -2.83 -7.09
N LEU B 301 -0.02 -1.77 -7.90
CA LEU B 301 1.23 -1.15 -8.30
C LEU B 301 1.23 0.31 -7.86
N GLY B 302 2.25 0.68 -7.11
CA GLY B 302 2.28 1.99 -6.48
C GLY B 302 2.90 3.13 -7.27
N TRP B 303 2.80 3.05 -8.59
CA TRP B 303 3.32 4.09 -9.47
C TRP B 303 2.32 4.32 -10.61
N ASP B 304 2.48 5.41 -11.33
CA ASP B 304 1.58 5.71 -12.44
C ASP B 304 1.82 4.74 -13.56
N THR B 305 0.77 4.08 -14.02
CA THR B 305 0.89 3.15 -15.13
C THR B 305 0.25 3.72 -16.40
N ASP B 306 -0.63 4.70 -16.22
CA ASP B 306 -1.25 5.39 -17.36
C ASP B 306 -1.86 4.46 -18.39
N GLU B 307 -2.61 3.47 -17.93
CA GLU B 307 -3.27 2.56 -18.84
C GLU B 307 -4.52 3.18 -19.42
N PHE B 308 -4.93 2.66 -20.57
CA PHE B 308 -6.18 3.09 -21.16
C PHE B 308 -7.34 2.51 -20.37
N PRO B 309 -8.43 3.29 -20.22
CA PRO B 309 -9.63 2.92 -19.47
C PRO B 309 -10.41 1.78 -20.13
N THR B 310 -10.37 0.60 -19.52
CA THR B 310 -11.14 -0.52 -20.00
C THR B 310 -12.14 -1.01 -18.93
N ASP B 311 -11.83 -0.72 -17.66
CA ASP B 311 -12.70 -1.10 -16.56
C ASP B 311 -14.01 -0.33 -16.66
N LEU B 312 -15.09 -1.05 -16.96
CA LEU B 312 -16.39 -0.44 -17.15
C LEU B 312 -17.05 0.10 -15.87
N TYR B 313 -16.68 -0.42 -14.70
CA TYR B 313 -17.27 0.11 -13.47
C TYR B 313 -16.79 1.55 -13.28
N SER B 314 -15.50 1.75 -13.51
CA SER B 314 -14.88 3.06 -13.39
C SER B 314 -15.49 4.07 -14.34
N THR B 315 -15.51 3.73 -15.62
CA THR B 315 -16.07 4.64 -16.62
C THR B 315 -17.52 5.00 -16.30
N THR B 316 -18.32 3.99 -15.96
CA THR B 316 -19.71 4.23 -15.56
C THR B 316 -19.78 5.18 -14.37
N LEU B 317 -19.05 4.81 -13.32
CA LEU B 317 -19.03 5.59 -12.08
C LEU B 317 -18.49 7.00 -12.27
N ALA B 318 -17.53 7.17 -13.17
CA ALA B 318 -16.97 8.49 -13.44
C ALA B 318 -17.98 9.32 -14.19
N MET B 319 -18.56 8.73 -15.23
CA MET B 319 -19.56 9.41 -16.05
C MET B 319 -20.75 9.85 -15.23
N TYR B 320 -21.11 9.06 -14.23
CA TYR B 320 -22.23 9.41 -13.36
C TYR B 320 -21.94 10.76 -12.67
N GLU B 321 -20.69 10.92 -12.24
CA GLU B 321 -20.24 12.15 -11.60
C GLU B 321 -20.23 13.30 -12.58
N ILE B 322 -19.73 13.02 -13.78
CA ILE B 322 -19.63 14.02 -14.81
C ILE B 322 -21.01 14.51 -15.26
N LEU B 323 -21.96 13.59 -15.44
CA LEU B 323 -23.31 13.97 -15.85
C LEU B 323 -23.98 14.80 -14.77
N LYS B 324 -23.77 14.44 -13.51
CA LYS B 324 -24.37 15.20 -12.43
C LYS B 324 -23.77 16.58 -12.28
N ASN B 325 -22.57 16.75 -12.80
CA ASN B 325 -21.89 18.04 -12.75
C ASN B 325 -22.45 18.92 -13.87
N GLY B 326 -23.30 18.33 -14.71
CA GLY B 326 -23.86 19.04 -15.84
C GLY B 326 -22.95 18.86 -17.04
N GLY B 327 -22.12 17.83 -16.99
CA GLY B 327 -21.20 17.58 -18.08
C GLY B 327 -19.82 18.16 -17.86
N LEU B 328 -18.92 17.98 -18.82
CA LEU B 328 -17.55 18.44 -18.70
C LEU B 328 -17.42 19.93 -18.94
N GLY B 329 -18.48 20.52 -19.51
CA GLY B 329 -18.48 21.94 -19.81
C GLY B 329 -17.38 22.32 -20.77
N ARG B 330 -16.33 22.94 -20.25
CA ARG B 330 -15.22 23.42 -21.05
C ARG B 330 -14.11 22.39 -21.19
N GLY B 331 -14.07 21.43 -20.27
CA GLY B 331 -13.04 20.42 -20.30
C GLY B 331 -13.44 19.24 -21.17
N GLY B 332 -12.69 18.14 -21.07
CA GLY B 332 -13.00 16.98 -21.88
C GLY B 332 -12.38 15.73 -21.30
N LEU B 333 -12.46 14.62 -22.03
CA LEU B 333 -11.86 13.38 -21.56
C LEU B 333 -10.55 13.16 -22.30
N ASN B 334 -9.48 13.73 -21.77
CA ASN B 334 -8.17 13.63 -22.39
C ASN B 334 -7.54 12.29 -22.03
N PHE B 335 -7.19 11.49 -23.04
CA PHE B 335 -6.56 10.19 -22.80
C PHE B 335 -5.11 10.36 -22.47
N ASP B 336 -4.84 10.66 -21.21
CA ASP B 336 -3.48 10.74 -20.69
C ASP B 336 -3.11 9.29 -20.38
N ALA B 337 -3.23 8.44 -21.39
CA ALA B 337 -2.95 7.02 -21.25
C ALA B 337 -1.84 6.72 -22.21
N LYS B 338 -1.29 5.52 -22.10
CA LYS B 338 -0.10 5.13 -22.82
C LYS B 338 -0.20 3.63 -23.10
N VAL B 339 0.21 3.18 -24.27
CA VAL B 339 0.14 1.76 -24.56
C VAL B 339 1.15 1.00 -23.67
N ARG B 340 0.83 -0.25 -23.33
CA ARG B 340 1.73 -1.08 -22.54
C ARG B 340 3.02 -1.26 -23.33
N ARG B 341 4.16 -1.41 -22.64
CA ARG B 341 5.43 -1.57 -23.33
C ARG B 341 5.38 -2.77 -24.27
N GLY B 342 4.52 -3.74 -23.95
CA GLY B 342 4.35 -4.92 -24.78
C GLY B 342 3.54 -4.67 -26.04
N SER B 343 2.78 -3.56 -26.06
CA SER B 343 1.98 -3.18 -27.22
C SER B 343 2.76 -2.12 -27.98
N PHE B 344 3.88 -2.53 -28.58
CA PHE B 344 4.80 -1.59 -29.22
C PHE B 344 4.59 -1.33 -30.69
N GLU B 345 3.57 -1.93 -31.30
CA GLU B 345 3.29 -1.75 -32.71
C GLU B 345 2.46 -0.50 -32.94
N PRO B 346 2.54 0.08 -34.15
CA PRO B 346 1.79 1.32 -34.46
C PRO B 346 0.28 1.15 -34.32
N GLU B 347 -0.23 0.00 -34.72
CA GLU B 347 -1.67 -0.26 -34.67
C GLU B 347 -2.21 -0.31 -33.26
N ASP B 348 -1.32 -0.48 -32.29
CA ASP B 348 -1.74 -0.51 -30.89
C ASP B 348 -2.21 0.85 -30.42
N LEU B 349 -1.73 1.91 -31.07
CA LEU B 349 -2.18 3.26 -30.73
C LEU B 349 -3.68 3.36 -30.99
N PHE B 350 -4.11 2.67 -32.05
CA PHE B 350 -5.51 2.66 -32.44
C PHE B 350 -6.31 1.72 -31.56
N TYR B 351 -5.82 0.50 -31.36
CA TYR B 351 -6.51 -0.44 -30.51
C TYR B 351 -6.76 0.17 -29.14
N ALA B 352 -5.72 0.78 -28.58
CA ALA B 352 -5.77 1.40 -27.28
C ALA B 352 -6.85 2.48 -27.20
N HIS B 353 -6.83 3.42 -28.14
CA HIS B 353 -7.82 4.49 -28.12
C HIS B 353 -9.25 4.00 -28.33
N ILE B 354 -9.42 3.01 -29.20
CA ILE B 354 -10.74 2.44 -29.42
C ILE B 354 -11.23 1.85 -28.10
N ALA B 355 -10.37 1.07 -27.43
CA ALA B 355 -10.71 0.47 -26.15
C ALA B 355 -11.20 1.52 -25.15
N GLY B 356 -10.45 2.61 -25.02
CA GLY B 356 -10.80 3.65 -24.07
C GLY B 356 -12.08 4.36 -24.45
N MET B 357 -12.25 4.63 -25.74
CA MET B 357 -13.43 5.34 -26.22
C MET B 357 -14.70 4.51 -26.08
N ASP B 358 -14.63 3.22 -26.42
CA ASP B 358 -15.77 2.35 -26.28
C ASP B 358 -16.14 2.21 -24.83
N SER B 359 -15.13 2.08 -23.98
CA SER B 359 -15.36 1.94 -22.55
C SER B 359 -16.06 3.15 -21.95
N PHE B 360 -15.72 4.34 -22.43
CA PHE B 360 -16.38 5.52 -21.95
C PHE B 360 -17.76 5.72 -22.56
N ALA B 361 -17.93 5.27 -23.80
CA ALA B 361 -19.24 5.27 -24.46
C ALA B 361 -20.20 4.41 -23.63
N VAL B 362 -19.78 3.18 -23.31
CA VAL B 362 -20.58 2.31 -22.47
C VAL B 362 -20.89 2.98 -21.12
N GLY B 363 -19.85 3.52 -20.49
CA GLY B 363 -20.04 4.21 -19.22
C GLY B 363 -21.05 5.34 -19.30
N LEU B 364 -21.02 6.11 -20.38
CA LEU B 364 -21.94 7.21 -20.58
C LEU B 364 -23.36 6.69 -20.69
N LYS B 365 -23.53 5.67 -21.53
CA LYS B 365 -24.83 5.06 -21.75
C LYS B 365 -25.46 4.58 -20.44
N VAL B 366 -24.77 3.74 -19.69
CA VAL B 366 -25.32 3.24 -18.43
C VAL B 366 -25.41 4.27 -17.30
N ALA B 367 -24.43 5.16 -17.17
CA ALA B 367 -24.47 6.18 -16.12
C ALA B 367 -25.72 7.05 -16.30
N HIS B 368 -26.04 7.31 -17.56
CA HIS B 368 -27.20 8.10 -17.90
C HIS B 368 -28.50 7.41 -17.48
N ARG B 369 -28.60 6.10 -17.71
CA ARG B 369 -29.80 5.36 -17.34
C ARG B 369 -29.97 5.36 -15.83
N LEU B 370 -28.87 5.12 -15.11
CA LEU B 370 -28.89 5.14 -13.65
C LEU B 370 -29.47 6.45 -13.14
N ILE B 371 -29.07 7.54 -13.78
CA ILE B 371 -29.55 8.86 -13.41
C ILE B 371 -31.01 9.11 -13.78
N GLU B 372 -31.41 8.77 -15.01
CA GLU B 372 -32.79 9.02 -15.41
C GLU B 372 -33.78 8.12 -14.67
N ASP B 373 -33.38 6.88 -14.36
CA ASP B 373 -34.22 5.99 -13.57
C ASP B 373 -34.17 6.27 -12.07
N ARG B 374 -33.41 7.30 -11.67
CA ARG B 374 -33.21 7.66 -10.26
C ARG B 374 -32.86 6.44 -9.39
N VAL B 375 -32.05 5.52 -9.92
CA VAL B 375 -31.73 4.28 -9.23
C VAL B 375 -31.17 4.49 -7.82
N PHE B 376 -30.15 5.34 -7.73
CA PHE B 376 -29.53 5.66 -6.45
C PHE B 376 -30.22 6.85 -5.83
N ASP B 377 -30.59 7.84 -6.66
CA ASP B 377 -31.23 9.04 -6.14
C ASP B 377 -32.51 8.79 -5.38
N GLU B 378 -33.33 7.87 -5.90
CA GLU B 378 -34.59 7.46 -5.25
C GLU B 378 -34.32 7.14 -3.78
N PHE B 379 -33.35 6.25 -3.55
CA PHE B 379 -32.99 5.78 -2.22
C PHE B 379 -32.38 6.87 -1.33
N ILE B 380 -31.42 7.60 -1.87
CA ILE B 380 -30.70 8.64 -1.10
C ILE B 380 -31.75 9.65 -0.58
N GLU B 381 -32.67 10.02 -1.46
CA GLU B 381 -33.73 10.94 -1.15
C GLU B 381 -34.57 10.42 0.02
N GLU B 382 -34.86 9.12 -0.02
CA GLU B 382 -35.69 8.50 1.02
C GLU B 382 -34.99 8.40 2.38
N ARG B 383 -33.73 7.99 2.39
CA ARG B 383 -33.00 7.79 3.65
C ARG B 383 -32.53 9.06 4.36
N TYR B 384 -32.56 10.19 3.68
CA TYR B 384 -32.18 11.45 4.31
C TYR B 384 -33.37 12.36 4.63
N LYS B 385 -34.59 11.83 4.53
CA LYS B 385 -35.76 12.69 4.67
C LYS B 385 -36.05 13.23 6.07
N SER B 386 -35.35 12.74 7.08
CA SER B 386 -35.51 13.25 8.45
C SER B 386 -35.16 14.73 8.48
N TYR B 387 -34.30 15.16 7.55
CA TYR B 387 -33.86 16.56 7.49
C TYR B 387 -34.82 17.45 6.70
N THR B 388 -35.97 16.87 6.36
CA THR B 388 -37.03 17.51 5.60
C THR B 388 -38.12 18.01 6.51
N GLU B 389 -38.27 17.34 7.64
CA GLU B 389 -39.38 17.61 8.55
C GLU B 389 -38.88 17.75 9.98
N GLY B 390 -39.80 18.08 10.89
CA GLY B 390 -39.50 18.21 12.31
C GLY B 390 -38.16 18.79 12.71
N ILE B 391 -37.51 18.11 13.66
CA ILE B 391 -36.22 18.55 14.20
C ILE B 391 -35.14 18.66 13.10
N GLY B 392 -35.15 17.70 12.18
CA GLY B 392 -34.19 17.69 11.11
C GLY B 392 -34.25 18.98 10.32
N ARG B 393 -35.44 19.40 9.95
CA ARG B 393 -35.58 20.63 9.17
C ARG B 393 -35.06 21.82 9.98
N GLU B 394 -35.24 21.80 11.30
CA GLU B 394 -34.73 22.87 12.14
C GLU B 394 -33.21 22.92 12.07
N ILE B 395 -32.59 21.76 12.16
CA ILE B 395 -31.13 21.67 12.04
C ILE B 395 -30.66 22.34 10.76
N VAL B 396 -31.33 22.03 9.64
CA VAL B 396 -30.93 22.57 8.36
C VAL B 396 -31.21 24.06 8.21
N GLU B 397 -32.41 24.50 8.58
CA GLU B 397 -32.72 25.93 8.52
C GLU B 397 -31.82 26.75 9.44
N GLY B 398 -31.18 26.07 10.39
CA GLY B 398 -30.30 26.77 11.32
C GLY B 398 -31.07 27.41 12.47
N THR B 399 -32.11 26.72 12.90
CA THR B 399 -32.91 27.20 13.99
C THR B 399 -32.81 26.23 15.19
N ALA B 400 -31.79 25.37 15.17
CA ALA B 400 -31.60 24.40 16.25
C ALA B 400 -30.31 24.71 16.99
N ASP B 401 -30.26 24.37 18.27
CA ASP B 401 -29.04 24.50 19.06
C ASP B 401 -28.89 23.30 19.97
N PHE B 402 -27.79 23.25 20.71
CA PHE B 402 -27.55 22.14 21.61
C PHE B 402 -28.67 21.95 22.62
N HIS B 403 -29.32 23.04 23.00
CA HIS B 403 -30.42 22.97 23.96
C HIS B 403 -31.61 22.16 23.46
N LYS B 404 -32.12 22.57 22.29
CA LYS B 404 -33.27 21.92 21.68
C LYS B 404 -32.94 20.48 21.31
N LEU B 405 -31.75 20.29 20.74
CA LEU B 405 -31.32 18.96 20.35
C LEU B 405 -31.23 18.05 21.55
N GLU B 406 -30.67 18.53 22.66
CA GLU B 406 -30.59 17.73 23.88
C GLU B 406 -31.98 17.45 24.43
N ALA B 407 -32.82 18.48 24.48
CA ALA B 407 -34.20 18.33 24.92
C ALA B 407 -34.88 17.22 24.11
N HIS B 408 -34.64 17.23 22.81
CA HIS B 408 -35.21 16.24 21.92
C HIS B 408 -34.65 14.85 22.22
N ALA B 409 -33.33 14.76 22.32
CA ALA B 409 -32.65 13.48 22.56
C ALA B 409 -33.11 12.84 23.85
N LEU B 410 -33.49 13.68 24.82
CA LEU B 410 -33.91 13.19 26.13
C LEU B 410 -35.22 12.41 26.11
N GLN B 411 -36.12 12.77 25.20
CA GLN B 411 -37.42 12.12 25.09
C GLN B 411 -37.38 10.96 24.11
N LEU B 412 -36.19 10.65 23.59
CA LEU B 412 -36.03 9.62 22.57
C LEU B 412 -35.83 8.23 23.17
N GLY B 413 -36.50 7.24 22.59
CA GLY B 413 -36.35 5.87 23.04
C GLY B 413 -35.16 5.22 22.37
N GLU B 414 -35.34 4.02 21.82
CA GLU B 414 -34.28 3.39 21.05
C GLU B 414 -34.42 4.02 19.67
N ILE B 415 -33.31 4.45 19.11
CA ILE B 415 -33.31 5.03 17.77
C ILE B 415 -33.31 3.88 16.76
N GLN B 416 -34.07 4.03 15.70
CA GLN B 416 -34.12 2.99 14.67
C GLN B 416 -33.51 3.53 13.39
N ASN B 417 -32.58 2.77 12.80
CA ASN B 417 -32.01 3.14 11.50
C ASN B 417 -32.40 2.07 10.52
N GLN B 418 -32.22 2.34 9.23
CA GLN B 418 -32.46 1.34 8.19
C GLN B 418 -31.17 1.07 7.45
N SER B 419 -31.16 -0.05 6.73
CA SER B 419 -30.02 -0.52 5.99
C SER B 419 -29.50 0.49 4.98
N GLY B 420 -28.19 0.47 4.77
CA GLY B 420 -27.58 1.30 3.75
C GLY B 420 -27.79 0.65 2.39
N ARG B 421 -28.17 -0.63 2.40
CA ARG B 421 -28.52 -1.36 1.18
C ARG B 421 -27.36 -1.44 0.18
N GLN B 422 -26.14 -1.56 0.68
CA GLN B 422 -24.99 -1.57 -0.21
C GLN B 422 -24.97 -2.69 -1.23
N GLU B 423 -25.21 -3.91 -0.78
CA GLU B 423 -25.16 -5.07 -1.67
C GLU B 423 -26.24 -4.92 -2.74
N ARG B 424 -27.39 -4.39 -2.33
CA ARG B 424 -28.50 -4.16 -3.25
C ARG B 424 -28.10 -3.18 -4.32
N LEU B 425 -27.59 -2.02 -3.89
CA LEU B 425 -27.14 -0.98 -4.81
C LEU B 425 -26.08 -1.51 -5.79
N LYS B 426 -25.16 -2.32 -5.28
CA LYS B 426 -24.09 -2.90 -6.08
C LYS B 426 -24.66 -3.88 -7.10
N THR B 427 -25.66 -4.67 -6.67
CA THR B 427 -26.33 -5.63 -7.53
C THR B 427 -27.03 -4.86 -8.65
N LEU B 428 -27.68 -3.77 -8.27
CA LEU B 428 -28.40 -2.95 -9.23
C LEU B 428 -27.46 -2.43 -10.29
N LEU B 429 -26.33 -1.89 -9.84
CA LEU B 429 -25.31 -1.39 -10.76
C LEU B 429 -24.96 -2.45 -11.81
N ASN B 430 -24.84 -3.70 -11.38
CA ASN B 430 -24.49 -4.79 -12.29
C ASN B 430 -25.59 -5.01 -13.31
N GLN B 431 -26.82 -5.00 -12.82
CA GLN B 431 -27.98 -5.22 -13.66
C GLN B 431 -27.96 -4.15 -14.79
N TYR B 432 -27.75 -2.89 -14.42
CA TYR B 432 -27.67 -1.83 -15.44
C TYR B 432 -26.49 -1.97 -16.39
N LEU B 433 -25.36 -2.46 -15.87
CA LEU B 433 -24.18 -2.68 -16.69
C LEU B 433 -24.58 -3.70 -17.75
N LEU B 434 -25.14 -4.82 -17.31
CA LEU B 434 -25.52 -5.89 -18.22
C LEU B 434 -26.69 -5.57 -19.16
N GLU B 435 -27.44 -4.52 -18.87
CA GLU B 435 -28.55 -4.15 -19.74
C GLU B 435 -28.13 -3.22 -20.86
N VAL B 436 -26.85 -3.20 -21.21
CA VAL B 436 -26.39 -2.29 -22.25
C VAL B 436 -26.94 -2.64 -23.65
N CYS B 437 -27.21 -3.91 -23.90
CA CYS B 437 -27.78 -4.36 -25.18
C CYS B 437 -28.98 -3.52 -25.66
N PRO C 1 -41.04 -19.38 10.72
CA PRO C 1 -40.28 -19.50 11.96
C PRO C 1 -39.23 -18.40 12.12
N TYR C 2 -38.11 -18.46 11.39
CA TYR C 2 -37.10 -17.42 11.52
C TYR C 2 -37.17 -16.32 10.47
N PHE C 3 -37.24 -16.74 9.21
CA PHE C 3 -37.36 -15.82 8.09
C PHE C 3 -38.75 -15.98 7.48
N ASP C 4 -39.73 -15.31 8.10
CA ASP C 4 -41.12 -15.39 7.70
C ASP C 4 -41.45 -14.51 6.52
N ASN C 5 -40.84 -13.33 6.49
CA ASN C 5 -41.01 -12.39 5.40
C ASN C 5 -40.56 -13.10 4.12
N ILE C 6 -39.37 -13.69 4.19
CA ILE C 6 -38.75 -14.32 3.04
C ILE C 6 -39.35 -15.67 2.66
N SER C 7 -39.76 -15.77 1.41
CA SER C 7 -40.25 -17.03 0.87
C SER C 7 -39.08 -17.59 0.06
N THR C 8 -39.13 -18.89 -0.28
CA THR C 8 -38.06 -19.52 -1.05
C THR C 8 -37.71 -18.69 -2.30
N ILE C 9 -36.42 -18.36 -2.43
CA ILE C 9 -35.88 -17.53 -3.52
C ILE C 9 -35.81 -18.27 -4.86
N ALA C 10 -36.38 -17.70 -5.91
CA ALA C 10 -36.38 -18.38 -7.19
C ALA C 10 -35.67 -17.61 -8.29
N TYR C 11 -35.27 -18.33 -9.32
CA TYR C 11 -34.66 -17.72 -10.50
C TYR C 11 -35.74 -17.06 -11.35
N GLU C 12 -35.68 -15.74 -11.51
CA GLU C 12 -36.67 -15.03 -12.30
C GLU C 12 -36.18 -14.41 -13.59
N GLY C 13 -34.87 -14.47 -13.86
CA GLY C 13 -34.37 -13.90 -15.10
C GLY C 13 -34.00 -12.45 -14.97
N PRO C 14 -33.18 -11.94 -15.93
CA PRO C 14 -32.62 -10.59 -16.06
C PRO C 14 -33.61 -9.44 -15.95
N ALA C 15 -34.68 -9.50 -16.73
CA ALA C 15 -35.68 -8.46 -16.68
C ALA C 15 -36.68 -8.90 -15.63
N SER C 16 -36.41 -8.53 -14.39
CA SER C 16 -37.26 -8.84 -13.26
C SER C 16 -36.97 -7.81 -12.22
N LYS C 17 -38.00 -7.09 -11.79
CA LYS C 17 -37.84 -6.01 -10.84
C LYS C 17 -37.89 -6.51 -9.37
N ASN C 18 -37.86 -7.82 -9.19
CA ASN C 18 -37.94 -8.40 -7.85
C ASN C 18 -36.59 -8.55 -7.15
N PRO C 19 -36.36 -7.74 -6.10
CA PRO C 19 -35.12 -7.76 -5.32
C PRO C 19 -34.79 -9.12 -4.72
N LEU C 20 -35.80 -9.92 -4.41
CA LEU C 20 -35.56 -11.24 -3.82
C LEU C 20 -35.66 -12.39 -4.81
N ALA C 21 -34.90 -12.31 -5.89
CA ALA C 21 -34.89 -13.36 -6.91
C ALA C 21 -33.55 -13.39 -7.63
N PHE C 22 -33.19 -14.55 -8.16
CA PHE C 22 -31.96 -14.68 -8.93
C PHE C 22 -32.22 -14.14 -10.32
N LYS C 23 -31.38 -13.21 -10.76
CA LYS C 23 -31.52 -12.67 -12.11
C LYS C 23 -30.68 -13.47 -13.10
N PHE C 24 -29.62 -14.12 -12.63
CA PHE C 24 -28.73 -14.86 -13.52
C PHE C 24 -28.45 -16.29 -13.10
N TYR C 25 -28.54 -16.57 -11.80
CA TYR C 25 -28.26 -17.91 -11.30
C TYR C 25 -29.49 -18.79 -11.42
N ASN C 26 -29.46 -19.70 -12.38
CA ASN C 26 -30.53 -20.65 -12.60
C ASN C 26 -29.90 -22.02 -12.33
N PRO C 27 -30.13 -22.57 -11.13
CA PRO C 27 -29.58 -23.85 -10.65
C PRO C 27 -29.50 -24.94 -11.69
N GLU C 28 -30.52 -25.06 -12.55
CA GLU C 28 -30.54 -26.14 -13.52
C GLU C 28 -30.23 -25.75 -14.96
N GLU C 29 -29.90 -24.49 -15.19
CA GLU C 29 -29.49 -24.07 -16.53
C GLU C 29 -28.18 -24.77 -16.84
N LYS C 30 -28.06 -25.31 -18.03
CA LYS C 30 -26.85 -26.00 -18.43
C LYS C 30 -25.85 -25.04 -19.03
N VAL C 31 -24.61 -25.16 -18.60
CA VAL C 31 -23.53 -24.36 -19.17
C VAL C 31 -22.52 -25.43 -19.54
N GLY C 32 -22.51 -25.80 -20.81
CA GLY C 32 -21.66 -26.90 -21.24
C GLY C 32 -22.33 -28.19 -20.83
N ASP C 33 -21.59 -29.13 -20.29
CA ASP C 33 -22.18 -30.39 -19.90
C ASP C 33 -22.65 -30.50 -18.45
N LYS C 34 -22.51 -29.42 -17.68
CA LYS C 34 -22.97 -29.40 -16.29
C LYS C 34 -23.89 -28.21 -16.06
N THR C 35 -24.82 -28.37 -15.11
CA THR C 35 -25.73 -27.28 -14.75
C THR C 35 -25.00 -26.27 -13.89
N MET C 36 -25.55 -25.07 -13.78
CA MET C 36 -24.96 -24.02 -12.97
C MET C 36 -24.74 -24.48 -11.53
N GLU C 37 -25.69 -25.24 -10.99
CA GLU C 37 -25.56 -25.73 -9.63
C GLU C 37 -24.37 -26.68 -9.47
N GLU C 38 -24.16 -27.55 -10.45
CA GLU C 38 -23.05 -28.51 -10.40
C GLU C 38 -21.70 -27.81 -10.56
N HIS C 39 -21.69 -26.78 -11.39
CA HIS C 39 -20.48 -25.99 -11.63
C HIS C 39 -20.07 -25.17 -10.43
N LEU C 40 -21.04 -24.42 -9.89
CA LEU C 40 -20.75 -23.45 -8.85
C LEU C 40 -20.60 -23.98 -7.44
N ARG C 41 -21.25 -25.11 -7.14
CA ARG C 41 -21.17 -25.73 -5.80
C ARG C 41 -21.11 -24.71 -4.65
N PHE C 42 -22.12 -23.83 -4.59
CA PHE C 42 -22.17 -22.78 -3.58
C PHE C 42 -22.24 -23.30 -2.16
N SER C 43 -21.65 -22.56 -1.23
CA SER C 43 -21.59 -22.94 0.18
C SER C 43 -21.71 -21.70 1.06
N VAL C 44 -22.39 -21.80 2.20
CA VAL C 44 -22.47 -20.65 3.09
C VAL C 44 -21.63 -20.85 4.35
N ALA C 45 -20.97 -19.77 4.75
CA ALA C 45 -20.11 -19.75 5.90
C ALA C 45 -20.96 -19.56 7.14
N TYR C 46 -20.99 -20.58 7.99
CA TYR C 46 -21.77 -20.54 9.22
C TYR C 46 -21.41 -19.35 10.08
N TRP C 47 -20.11 -19.14 10.25
CA TRP C 47 -19.59 -18.07 11.10
C TRP C 47 -20.18 -16.70 10.80
N HIS C 48 -19.95 -16.18 9.60
CA HIS C 48 -20.43 -14.85 9.27
C HIS C 48 -21.92 -14.77 9.27
N THR C 49 -22.56 -15.76 8.65
CA THR C 49 -23.99 -15.74 8.45
C THR C 49 -24.82 -15.94 9.71
N PHE C 50 -24.42 -16.85 10.59
CA PHE C 50 -25.23 -17.13 11.78
C PHE C 50 -24.68 -16.71 13.13
N THR C 51 -23.38 -16.43 13.20
CA THR C 51 -22.78 -16.00 14.46
C THR C 51 -22.18 -14.60 14.39
N GLY C 52 -22.11 -14.03 13.19
CA GLY C 52 -21.58 -12.69 13.04
C GLY C 52 -22.49 -11.64 13.66
N ASP C 53 -21.91 -10.61 14.26
CA ASP C 53 -22.71 -9.57 14.92
C ASP C 53 -22.48 -8.15 14.41
N GLY C 54 -21.70 -8.02 13.35
CA GLY C 54 -21.47 -6.71 12.78
C GLY C 54 -20.56 -5.82 13.60
N SER C 55 -19.93 -6.39 14.63
CA SER C 55 -18.98 -5.63 15.43
C SER C 55 -17.79 -5.26 14.55
N ASP C 56 -17.01 -4.34 15.05
CA ASP C 56 -16.10 -3.54 14.25
C ASP C 56 -15.04 -3.15 15.27
N PRO C 57 -13.78 -2.95 14.86
CA PRO C 57 -12.76 -2.56 15.85
C PRO C 57 -13.13 -1.34 16.69
N PHE C 58 -14.08 -0.55 16.19
CA PHE C 58 -14.53 0.67 16.86
C PHE C 58 -16.05 0.66 17.11
N GLY C 59 -16.70 -0.46 16.80
CA GLY C 59 -18.14 -0.52 16.97
C GLY C 59 -18.63 -1.79 17.64
N ALA C 60 -19.72 -1.66 18.39
CA ALA C 60 -20.34 -2.79 19.07
C ALA C 60 -21.15 -3.59 18.05
N GLY C 61 -21.57 -4.80 18.42
CA GLY C 61 -22.38 -5.57 17.50
C GLY C 61 -23.69 -4.86 17.20
N ASN C 62 -24.03 -4.72 15.93
CA ASN C 62 -25.25 -3.99 15.56
C ASN C 62 -26.25 -4.82 14.75
N MET C 63 -25.87 -6.04 14.39
CA MET C 63 -26.73 -6.89 13.56
C MET C 63 -28.06 -7.24 14.22
N ILE C 64 -29.13 -7.20 13.43
CA ILE C 64 -30.46 -7.55 13.92
C ILE C 64 -30.81 -8.97 13.44
N ARG C 65 -30.88 -9.91 14.38
CA ARG C 65 -31.23 -11.29 14.03
C ARG C 65 -32.30 -11.88 14.95
N PRO C 66 -33.24 -12.68 14.40
CA PRO C 66 -34.33 -13.28 15.19
C PRO C 66 -33.92 -14.17 16.36
N TRP C 67 -32.79 -14.85 16.23
CA TRP C 67 -32.32 -15.75 17.28
C TRP C 67 -31.53 -15.05 18.39
N ASN C 68 -31.51 -13.72 18.37
CA ASN C 68 -30.73 -12.97 19.36
C ASN C 68 -31.25 -13.03 20.78
N LYS C 69 -32.53 -13.32 20.94
CA LYS C 69 -33.15 -13.43 22.26
C LYS C 69 -32.54 -14.56 23.12
N TYR C 70 -32.00 -15.58 22.47
CA TYR C 70 -31.43 -16.74 23.15
C TYR C 70 -30.00 -16.62 23.62
N SER C 71 -29.63 -17.46 24.59
CA SER C 71 -28.27 -17.52 25.13
C SER C 71 -27.80 -18.96 25.13
N GLY C 72 -26.51 -19.17 25.42
CA GLY C 72 -26.01 -20.53 25.50
C GLY C 72 -26.46 -21.56 24.47
N MET C 73 -26.74 -22.78 24.95
CA MET C 73 -27.16 -23.87 24.06
C MET C 73 -28.47 -23.60 23.32
N ASP C 74 -29.34 -22.80 23.93
CA ASP C 74 -30.59 -22.44 23.25
C ASP C 74 -30.25 -21.67 22.00
N LEU C 75 -29.29 -20.76 22.12
CA LEU C 75 -28.81 -19.99 20.97
C LEU C 75 -28.14 -20.91 19.92
N ALA C 76 -27.34 -21.86 20.39
CA ALA C 76 -26.66 -22.78 19.48
C ALA C 76 -27.68 -23.57 18.68
N LYS C 77 -28.69 -24.09 19.37
CA LYS C 77 -29.74 -24.87 18.73
C LYS C 77 -30.55 -23.99 17.79
N ALA C 78 -30.93 -22.81 18.26
CA ALA C 78 -31.72 -21.87 17.48
C ALA C 78 -31.03 -21.62 16.14
N ARG C 79 -29.74 -21.38 16.21
CA ARG C 79 -28.97 -21.12 15.01
C ARG C 79 -28.98 -22.29 14.04
N VAL C 80 -28.98 -23.52 14.55
CA VAL C 80 -29.01 -24.68 13.65
C VAL C 80 -30.32 -24.71 12.89
N GLU C 81 -31.44 -24.52 13.61
CA GLU C 81 -32.75 -24.48 12.98
C GLU C 81 -32.76 -23.38 11.92
N ALA C 82 -32.31 -22.19 12.31
CA ALA C 82 -32.25 -21.05 11.42
C ALA C 82 -31.38 -21.35 10.21
N ALA C 83 -30.23 -21.97 10.47
CA ALA C 83 -29.26 -22.27 9.43
C ALA C 83 -29.92 -23.07 8.32
N PHE C 84 -30.53 -24.19 8.70
CA PHE C 84 -31.18 -25.04 7.72
C PHE C 84 -32.37 -24.40 7.01
N GLU C 85 -33.06 -23.50 7.69
CA GLU C 85 -34.15 -22.78 7.06
C GLU C 85 -33.56 -21.90 5.95
N PHE C 86 -32.47 -21.20 6.28
CA PHE C 86 -31.79 -20.32 5.34
C PHE C 86 -31.28 -21.12 4.13
N PHE C 87 -30.66 -22.26 4.39
CA PHE C 87 -30.16 -23.13 3.32
C PHE C 87 -31.27 -23.50 2.35
N GLU C 88 -32.43 -23.89 2.89
CA GLU C 88 -33.56 -24.28 2.08
C GLU C 88 -34.09 -23.13 1.23
N LYS C 89 -34.32 -21.99 1.86
CA LYS C 89 -34.86 -20.84 1.16
C LYS C 89 -33.93 -20.29 0.09
N LEU C 90 -32.62 -20.44 0.29
CA LEU C 90 -31.67 -19.90 -0.66
C LEU C 90 -31.25 -20.98 -1.66
N ASN C 91 -31.48 -22.25 -1.32
CA ASN C 91 -31.24 -23.34 -2.21
C ASN C 91 -29.74 -23.61 -2.34
N ILE C 92 -29.04 -23.62 -1.22
CA ILE C 92 -27.59 -23.84 -1.21
C ILE C 92 -27.23 -25.29 -1.01
N PRO C 93 -26.35 -25.82 -1.87
CA PRO C 93 -25.90 -27.21 -1.80
C PRO C 93 -25.00 -27.54 -0.60
N PHE C 94 -24.27 -26.54 -0.10
CA PHE C 94 -23.26 -26.78 0.95
C PHE C 94 -23.17 -25.69 2.00
N PHE C 95 -22.47 -26.01 3.08
CA PHE C 95 -22.09 -25.03 4.10
C PHE C 95 -20.76 -25.44 4.75
N CYS C 96 -20.17 -24.52 5.51
CA CYS C 96 -18.90 -24.75 6.21
C CYS C 96 -18.97 -24.16 7.62
N PHE C 97 -18.12 -24.65 8.51
CA PHE C 97 -18.10 -24.11 9.87
C PHE C 97 -16.83 -24.43 10.63
N HIS C 98 -16.56 -23.59 11.63
CA HIS C 98 -15.50 -23.84 12.60
C HIS C 98 -16.26 -24.45 13.76
N ASP C 99 -15.58 -25.31 14.52
CA ASP C 99 -16.15 -25.90 15.72
C ASP C 99 -16.82 -24.89 16.65
N VAL C 100 -16.17 -23.75 16.90
CA VAL C 100 -16.73 -22.74 17.80
C VAL C 100 -17.93 -21.99 17.24
N ASP C 101 -18.20 -22.16 15.96
CA ASP C 101 -19.33 -21.49 15.34
C ASP C 101 -20.63 -22.18 15.72
N ILE C 102 -20.59 -23.51 15.82
CA ILE C 102 -21.79 -24.29 16.02
C ILE C 102 -22.15 -24.56 17.48
N ALA C 103 -21.16 -24.63 18.35
CA ALA C 103 -21.45 -24.88 19.77
C ALA C 103 -20.57 -24.05 20.69
N PRO C 104 -21.11 -23.66 21.85
CA PRO C 104 -20.35 -22.86 22.82
C PRO C 104 -19.24 -23.66 23.49
N GLU C 105 -18.08 -23.04 23.63
CA GLU C 105 -16.93 -23.67 24.26
C GLU C 105 -17.18 -23.83 25.76
N GLY C 106 -16.64 -24.87 26.35
CA GLY C 106 -16.86 -25.13 27.77
C GLY C 106 -15.74 -24.59 28.63
N GLU C 107 -15.86 -24.80 29.94
CA GLU C 107 -14.79 -24.36 30.82
C GLU C 107 -13.62 -25.33 30.77
N THR C 108 -13.91 -26.59 30.42
CA THR C 108 -12.87 -27.61 30.24
C THR C 108 -13.08 -28.31 28.91
N LEU C 109 -12.03 -28.94 28.40
CA LEU C 109 -12.11 -29.63 27.12
C LEU C 109 -13.24 -30.67 27.07
N LYS C 110 -13.41 -31.43 28.17
CA LYS C 110 -14.47 -32.45 28.23
C LYS C 110 -15.83 -31.80 28.02
N GLU C 111 -16.05 -30.64 28.63
CA GLU C 111 -17.29 -29.90 28.43
C GLU C 111 -17.48 -29.51 26.98
N THR C 112 -16.49 -28.83 26.41
CA THR C 112 -16.52 -28.43 25.00
C THR C 112 -16.94 -29.58 24.11
N TYR C 113 -16.34 -30.74 24.31
CA TYR C 113 -16.70 -31.94 23.56
C TYR C 113 -18.19 -32.30 23.71
N LYS C 114 -18.73 -32.18 24.92
CA LYS C 114 -20.14 -32.52 25.17
C LYS C 114 -21.07 -31.64 24.34
N ASN C 115 -20.89 -30.33 24.47
CA ASN C 115 -21.71 -29.34 23.78
C ASN C 115 -21.63 -29.54 22.27
N LEU C 116 -20.42 -29.83 21.80
CA LEU C 116 -20.17 -30.08 20.41
C LEU C 116 -21.00 -31.29 19.95
N ASP C 117 -20.82 -32.42 20.63
CA ASP C 117 -21.55 -33.64 20.26
C ASP C 117 -23.05 -33.44 20.17
N ILE C 118 -23.61 -32.76 21.18
CA ILE C 118 -25.03 -32.43 21.19
C ILE C 118 -25.42 -31.74 19.89
N ILE C 119 -24.75 -30.63 19.58
CA ILE C 119 -25.02 -29.88 18.36
C ILE C 119 -24.76 -30.69 17.09
N VAL C 120 -23.69 -31.49 17.07
CA VAL C 120 -23.42 -32.34 15.92
C VAL C 120 -24.55 -33.35 15.70
N ASP C 121 -25.11 -33.89 16.79
CA ASP C 121 -26.23 -34.84 16.70
C ASP C 121 -27.37 -34.16 15.96
N MET C 122 -27.66 -32.93 16.39
CA MET C 122 -28.73 -32.14 15.83
C MET C 122 -28.49 -31.82 14.36
N ILE C 123 -27.26 -31.48 14.02
CA ILE C 123 -26.92 -31.17 12.64
C ILE C 123 -27.08 -32.43 11.78
N GLU C 124 -26.57 -33.55 12.26
CA GLU C 124 -26.63 -34.80 11.52
C GLU C 124 -28.06 -35.18 11.13
N GLU C 125 -28.96 -35.10 12.10
CA GLU C 125 -30.35 -35.44 11.85
C GLU C 125 -31.07 -34.16 11.46
N TYR C 126 -30.78 -33.69 10.26
CA TYR C 126 -31.28 -32.42 9.70
C TYR C 126 -30.73 -32.51 8.31
N MET C 127 -29.49 -32.96 8.21
CA MET C 127 -28.85 -33.26 6.95
C MET C 127 -29.68 -34.38 6.37
N LYS C 128 -30.23 -35.20 7.26
CA LYS C 128 -31.10 -36.32 6.93
C LYS C 128 -32.25 -35.92 6.00
N THR C 129 -32.76 -34.71 6.18
CA THR C 129 -33.91 -34.24 5.41
C THR C 129 -33.59 -33.01 4.54
N SER C 130 -32.31 -32.72 4.33
CA SER C 130 -31.93 -31.54 3.57
C SER C 130 -31.00 -31.88 2.41
N LYS C 131 -31.04 -31.06 1.35
CA LYS C 131 -30.15 -31.28 0.21
C LYS C 131 -28.75 -30.75 0.55
N THR C 132 -28.69 -29.86 1.55
CA THR C 132 -27.44 -29.25 1.95
C THR C 132 -26.50 -30.23 2.62
N LYS C 133 -25.23 -30.16 2.24
CA LYS C 133 -24.20 -31.03 2.78
C LYS C 133 -23.01 -30.21 3.25
N LEU C 134 -22.20 -30.84 4.09
CA LEU C 134 -21.01 -30.19 4.62
C LEU C 134 -19.89 -30.22 3.60
N LEU C 135 -19.49 -29.05 3.12
CA LEU C 135 -18.38 -28.93 2.18
C LEU C 135 -17.09 -29.19 2.94
N TRP C 136 -16.86 -28.41 3.98
CA TRP C 136 -15.72 -28.63 4.89
C TRP C 136 -15.94 -27.97 6.24
N ASN C 137 -15.31 -28.53 7.26
CA ASN C 137 -15.32 -27.94 8.59
C ASN C 137 -13.87 -27.69 8.98
N THR C 138 -13.66 -27.05 10.12
CA THR C 138 -12.31 -26.69 10.54
C THR C 138 -12.25 -26.40 12.03
N ALA C 139 -11.05 -26.37 12.59
CA ALA C 139 -10.84 -26.07 14.00
C ALA C 139 -10.36 -24.63 14.15
N ASN C 140 -11.04 -23.87 15.01
CA ASN C 140 -10.69 -22.48 15.24
C ASN C 140 -9.52 -22.39 16.22
N LEU C 141 -8.32 -22.20 15.70
CA LEU C 141 -7.15 -22.13 16.56
C LEU C 141 -6.58 -20.71 16.69
N PHE C 142 -7.47 -19.71 16.79
CA PHE C 142 -7.01 -18.32 16.86
C PHE C 142 -7.78 -17.40 17.79
N THR C 143 -9.05 -17.69 18.01
CA THR C 143 -9.90 -16.81 18.80
C THR C 143 -9.64 -16.83 20.31
N HIS C 144 -9.33 -18.00 20.86
CA HIS C 144 -9.13 -18.13 22.29
C HIS C 144 -7.80 -17.52 22.74
N PRO C 145 -7.77 -16.92 23.95
CA PRO C 145 -6.58 -16.29 24.53
C PRO C 145 -5.38 -17.22 24.65
N ARG C 146 -5.67 -18.51 24.63
CA ARG C 146 -4.67 -19.55 24.79
C ARG C 146 -3.77 -19.62 23.56
N PHE C 147 -4.30 -19.19 22.43
CA PHE C 147 -3.56 -19.24 21.16
C PHE C 147 -2.84 -17.93 20.84
N VAL C 148 -2.66 -17.11 21.88
CA VAL C 148 -2.06 -15.79 21.75
C VAL C 148 -0.68 -15.81 21.06
N HIS C 149 0.10 -16.87 21.28
CA HIS C 149 1.44 -16.98 20.68
C HIS C 149 1.48 -18.02 19.55
N GLY C 150 0.29 -18.37 19.05
CA GLY C 150 0.18 -19.36 18.00
C GLY C 150 -0.54 -20.59 18.52
N ALA C 151 -0.66 -21.60 17.68
CA ALA C 151 -1.26 -22.87 18.08
C ALA C 151 -0.15 -23.92 17.98
N ALA C 152 0.09 -24.42 16.77
CA ALA C 152 1.17 -25.39 16.56
C ALA C 152 2.50 -24.66 16.59
N THR C 153 2.47 -23.34 16.37
CA THR C 153 3.68 -22.53 16.40
C THR C 153 3.86 -21.85 17.75
N SER C 154 3.03 -22.24 18.72
CA SER C 154 3.09 -21.66 20.05
C SER C 154 4.37 -22.08 20.75
N CYS C 155 4.88 -21.22 21.62
CA CYS C 155 6.09 -21.52 22.38
C CYS C 155 5.74 -22.34 23.62
N ASN C 156 4.44 -22.54 23.81
CA ASN C 156 3.93 -23.30 24.95
C ASN C 156 3.47 -24.66 24.42
N ALA C 157 4.20 -25.71 24.77
CA ALA C 157 3.85 -27.07 24.33
C ALA C 157 2.46 -27.55 24.77
N ASP C 158 1.92 -27.01 25.87
CA ASP C 158 0.55 -27.34 26.29
C ASP C 158 -0.45 -26.86 25.23
N VAL C 159 -0.19 -25.68 24.66
CA VAL C 159 -1.06 -25.14 23.61
C VAL C 159 -0.97 -25.99 22.36
N PHE C 160 0.22 -26.51 22.06
CA PHE C 160 0.37 -27.41 20.93
C PHE C 160 -0.56 -28.62 21.16
N ALA C 161 -0.50 -29.19 22.37
CA ALA C 161 -1.33 -30.34 22.72
C ALA C 161 -2.82 -30.03 22.58
N TYR C 162 -3.25 -28.90 23.13
CA TYR C 162 -4.64 -28.48 23.06
C TYR C 162 -5.12 -28.32 21.62
N ALA C 163 -4.30 -27.66 20.79
CA ALA C 163 -4.63 -27.46 19.38
C ALA C 163 -4.79 -28.80 18.68
N ALA C 164 -3.87 -29.73 18.98
CA ALA C 164 -3.94 -31.07 18.44
C ALA C 164 -5.25 -31.77 18.79
N ALA C 165 -5.72 -31.60 20.02
CA ALA C 165 -6.96 -32.23 20.47
C ALA C 165 -8.13 -31.67 19.69
N LYS C 166 -8.19 -30.35 19.55
CA LYS C 166 -9.27 -29.72 18.81
C LYS C 166 -9.26 -30.06 17.32
N VAL C 167 -8.09 -30.36 16.77
CA VAL C 167 -8.01 -30.78 15.39
C VAL C 167 -8.40 -32.26 15.27
N LYS C 168 -8.08 -33.04 16.30
CA LYS C 168 -8.43 -34.47 16.33
C LYS C 168 -9.95 -34.63 16.34
N LYS C 169 -10.60 -33.92 17.26
CA LYS C 169 -12.06 -33.89 17.33
C LYS C 169 -12.62 -33.35 16.02
N GLY C 170 -11.94 -32.34 15.47
CA GLY C 170 -12.35 -31.75 14.20
C GLY C 170 -12.43 -32.78 13.08
N LEU C 171 -11.40 -33.60 12.95
CA LEU C 171 -11.36 -34.65 11.93
C LEU C 171 -12.43 -35.73 12.17
N GLU C 172 -12.71 -36.03 13.43
CA GLU C 172 -13.74 -37.01 13.76
C GLU C 172 -15.11 -36.51 13.30
N ILE C 173 -15.38 -35.25 13.57
CA ILE C 173 -16.63 -34.65 13.14
C ILE C 173 -16.72 -34.64 11.63
N ALA C 174 -15.59 -34.37 10.96
CA ALA C 174 -15.55 -34.35 9.50
C ALA C 174 -15.94 -35.71 8.97
N LYS C 175 -15.29 -36.76 9.49
CA LYS C 175 -15.56 -38.15 9.11
C LYS C 175 -17.03 -38.50 9.32
N ARG C 176 -17.55 -38.09 10.46
CA ARG C 176 -18.92 -38.37 10.87
C ARG C 176 -19.97 -37.73 9.98
N LEU C 177 -19.80 -36.46 9.66
CA LEU C 177 -20.76 -35.74 8.83
C LEU C 177 -20.43 -35.84 7.35
N GLY C 178 -19.33 -36.54 7.02
CA GLY C 178 -18.96 -36.71 5.63
C GLY C 178 -18.53 -35.46 4.89
N ALA C 179 -17.70 -34.65 5.55
CA ALA C 179 -17.13 -33.45 4.95
C ALA C 179 -16.29 -33.89 3.75
N GLU C 180 -16.35 -33.11 2.67
CA GLU C 180 -15.56 -33.39 1.49
C GLU C 180 -14.12 -32.92 1.66
N ASN C 181 -13.93 -31.93 2.53
CA ASN C 181 -12.61 -31.36 2.73
C ASN C 181 -12.45 -31.01 4.20
N TYR C 182 -11.21 -30.72 4.62
CA TYR C 182 -10.94 -30.22 5.96
C TYR C 182 -9.92 -29.09 5.82
N VAL C 183 -10.29 -27.91 6.32
CA VAL C 183 -9.47 -26.72 6.14
C VAL C 183 -8.63 -26.33 7.35
N PHE C 184 -7.39 -25.94 7.07
CA PHE C 184 -6.47 -25.40 8.06
C PHE C 184 -6.19 -23.93 7.72
N TRP C 185 -6.40 -23.03 8.67
CA TRP C 185 -6.03 -21.62 8.49
C TRP C 185 -5.14 -21.18 9.64
N GLY C 186 -3.89 -20.84 9.33
CA GLY C 186 -2.97 -20.47 10.40
C GLY C 186 -3.05 -19.04 10.89
N GLY C 187 -4.21 -18.65 11.42
CA GLY C 187 -4.43 -17.30 11.89
C GLY C 187 -3.37 -16.74 12.84
N ARG C 188 -2.94 -17.57 13.79
CA ARG C 188 -1.90 -17.17 14.73
C ARG C 188 -0.56 -17.87 14.39
N GLU C 189 -0.51 -18.58 13.28
CA GLU C 189 0.71 -19.29 12.90
C GLU C 189 1.56 -18.35 12.05
N GLY C 190 2.26 -17.48 12.76
CA GLY C 190 3.14 -16.51 12.15
C GLY C 190 3.88 -15.83 13.28
N TYR C 191 4.08 -14.54 13.18
CA TYR C 191 4.73 -13.80 14.25
C TYR C 191 4.23 -12.38 14.37
N GLU C 192 4.42 -11.80 15.54
CA GLU C 192 4.05 -10.41 15.78
C GLU C 192 5.34 -9.61 15.74
N THR C 193 6.44 -10.26 16.11
CA THR C 193 7.76 -9.67 16.04
C THR C 193 8.81 -10.77 15.97
N LEU C 194 9.77 -10.57 15.09
CA LEU C 194 10.86 -11.51 14.94
C LEU C 194 11.76 -11.53 16.18
N LEU C 195 11.78 -10.41 16.90
CA LEU C 195 12.63 -10.23 18.08
C LEU C 195 12.59 -11.34 19.14
N ASN C 196 11.44 -11.98 19.30
CA ASN C 196 11.28 -13.04 20.29
C ASN C 196 10.95 -14.39 19.64
N THR C 197 11.20 -14.49 18.34
CA THR C 197 10.76 -15.65 17.57
C THR C 197 11.84 -16.62 17.11
N ASP C 198 11.65 -17.90 17.44
CA ASP C 198 12.52 -18.94 16.91
C ASP C 198 11.72 -19.51 15.74
N MET C 199 11.91 -18.89 14.58
CA MET C 199 11.19 -19.24 13.36
C MET C 199 11.41 -20.68 12.91
N LYS C 200 12.65 -21.15 12.91
CA LYS C 200 12.90 -22.51 12.47
C LYS C 200 12.18 -23.52 13.35
N LEU C 201 12.15 -23.28 14.66
CA LEU C 201 11.43 -24.17 15.56
C LEU C 201 9.93 -24.14 15.26
N GLU C 202 9.36 -22.94 15.18
CA GLU C 202 7.94 -22.79 14.90
C GLU C 202 7.54 -23.51 13.62
N LEU C 203 8.34 -23.35 12.57
CA LEU C 203 8.04 -24.00 11.31
C LEU C 203 8.19 -25.51 11.42
N ASP C 204 9.22 -25.97 12.12
CA ASP C 204 9.44 -27.39 12.37
C ASP C 204 8.22 -28.00 13.04
N ASN C 205 7.70 -27.30 14.04
CA ASN C 205 6.55 -27.77 14.80
C ASN C 205 5.26 -27.73 14.01
N LEU C 206 5.11 -26.72 13.16
CA LEU C 206 3.94 -26.62 12.29
C LEU C 206 3.90 -27.85 11.39
N ALA C 207 5.06 -28.25 10.90
CA ALA C 207 5.18 -29.42 10.06
C ALA C 207 4.88 -30.71 10.82
N ARG C 208 5.37 -30.80 12.06
CA ARG C 208 5.13 -31.96 12.90
C ARG C 208 3.63 -32.10 13.18
N PHE C 209 3.00 -30.96 13.45
CA PHE C 209 1.57 -30.88 13.68
C PHE C 209 0.81 -31.42 12.46
N LEU C 210 1.07 -30.85 11.28
CA LEU C 210 0.39 -31.30 10.07
C LEU C 210 0.64 -32.77 9.76
N HIS C 211 1.83 -33.26 10.09
CA HIS C 211 2.11 -34.66 9.85
C HIS C 211 1.22 -35.55 10.70
N MET C 212 1.09 -35.19 11.98
CA MET C 212 0.24 -35.92 12.91
C MET C 212 -1.20 -35.95 12.44
N ALA C 213 -1.65 -34.85 11.83
CA ALA C 213 -3.01 -34.76 11.32
C ALA C 213 -3.24 -35.74 10.17
N VAL C 214 -2.36 -35.73 9.16
CA VAL C 214 -2.57 -36.61 8.02
C VAL C 214 -2.48 -38.08 8.45
N ASP C 215 -1.76 -38.32 9.54
CA ASP C 215 -1.62 -39.66 10.11
C ASP C 215 -2.91 -40.09 10.79
N TYR C 216 -3.50 -39.18 11.57
CA TYR C 216 -4.75 -39.46 12.25
C TYR C 216 -5.86 -39.65 11.24
N ALA C 217 -5.86 -38.82 10.20
CA ALA C 217 -6.84 -38.91 9.13
C ALA C 217 -6.81 -40.31 8.53
N LYS C 218 -5.63 -40.91 8.40
CA LYS C 218 -5.51 -42.26 7.83
C LYS C 218 -6.02 -43.29 8.81
N GLU C 219 -5.64 -43.12 10.06
CA GLU C 219 -6.03 -44.02 11.13
C GLU C 219 -7.54 -44.15 11.23
N ILE C 220 -8.26 -43.03 11.28
CA ILE C 220 -9.73 -43.07 11.37
C ILE C 220 -10.41 -43.27 9.99
N GLY C 221 -9.61 -43.29 8.93
CA GLY C 221 -10.14 -43.45 7.61
C GLY C 221 -10.94 -42.25 7.13
N PHE C 222 -10.41 -41.04 7.23
CA PHE C 222 -11.16 -39.86 6.81
C PHE C 222 -11.37 -39.83 5.30
N ASP C 223 -10.31 -39.75 4.53
CA ASP C 223 -10.34 -39.68 3.06
C ASP C 223 -10.98 -38.39 2.43
N GLY C 224 -11.03 -37.32 3.18
CA GLY C 224 -11.51 -36.06 2.61
C GLY C 224 -10.29 -35.25 2.23
N GLN C 225 -10.45 -34.19 1.44
CA GLN C 225 -9.28 -33.40 1.01
C GLN C 225 -8.79 -32.39 2.04
N PHE C 226 -7.54 -32.53 2.45
CA PHE C 226 -6.91 -31.56 3.35
C PHE C 226 -6.63 -30.28 2.58
N LEU C 227 -6.96 -29.15 3.19
CA LEU C 227 -6.77 -27.86 2.56
C LEU C 227 -6.06 -26.89 3.48
N ILE C 228 -5.19 -26.07 2.88
CA ILE C 228 -4.52 -25.02 3.62
C ILE C 228 -4.96 -23.70 3.00
N GLU C 229 -5.37 -22.76 3.85
CA GLU C 229 -5.82 -21.46 3.38
C GLU C 229 -4.78 -20.38 3.66
N PRO C 230 -4.04 -19.95 2.64
CA PRO C 230 -3.02 -18.91 2.89
C PRO C 230 -3.59 -17.51 3.18
N LYS C 231 -2.78 -16.72 3.83
CA LYS C 231 -3.01 -15.32 4.12
C LYS C 231 -1.72 -14.62 4.51
N PRO C 232 -1.47 -13.42 4.03
CA PRO C 232 -0.21 -12.73 4.31
C PRO C 232 0.00 -12.29 5.77
N LYS C 233 -1.08 -11.82 6.39
CA LYS C 233 -1.01 -11.19 7.71
C LYS C 233 -2.44 -10.97 8.19
N GLU C 234 -2.57 -10.36 9.37
CA GLU C 234 -3.85 -10.11 10.05
C GLU C 234 -4.47 -11.42 10.57
N PRO C 235 -4.48 -11.63 11.91
CA PRO C 235 -3.99 -10.83 13.04
C PRO C 235 -2.47 -10.64 13.10
N THR C 236 -1.71 -11.66 12.70
CA THR C 236 -0.25 -11.64 12.75
C THR C 236 0.36 -10.54 11.88
N LYS C 237 1.54 -10.06 12.27
CA LYS C 237 2.27 -9.10 11.44
C LYS C 237 2.72 -9.84 10.16
N HIS C 238 3.05 -11.11 10.34
CA HIS C 238 3.38 -11.97 9.21
C HIS C 238 2.83 -13.36 9.48
N GLN C 239 2.03 -13.87 8.57
CA GLN C 239 1.51 -15.23 8.71
C GLN C 239 2.37 -16.13 7.82
N TYR C 240 2.75 -17.29 8.34
CA TYR C 240 3.66 -18.17 7.62
C TYR C 240 3.19 -18.59 6.24
N ASP C 241 1.96 -19.08 6.09
CA ASP C 241 1.43 -19.42 4.77
C ASP C 241 0.90 -18.15 4.11
N PHE C 242 1.84 -17.27 3.83
CA PHE C 242 1.64 -15.95 3.24
C PHE C 242 0.93 -16.00 1.88
N ASP C 243 1.33 -17.00 1.10
CA ASP C 243 1.02 -17.11 -0.32
C ASP C 243 0.68 -18.53 -0.64
N VAL C 244 0.13 -18.74 -1.82
CA VAL C 244 0.02 -20.08 -2.35
C VAL C 244 1.45 -20.58 -2.51
N ALA C 245 2.30 -19.77 -3.14
CA ALA C 245 3.71 -20.12 -3.40
C ALA C 245 4.51 -20.31 -2.12
N THR C 246 4.34 -19.40 -1.15
CA THR C 246 5.05 -19.51 0.11
C THR C 246 4.67 -20.79 0.85
N ALA C 247 3.37 -21.08 0.92
CA ALA C 247 2.90 -22.31 1.57
C ALA C 247 3.44 -23.52 0.83
N LEU C 248 3.47 -23.44 -0.49
CA LEU C 248 4.01 -24.51 -1.31
C LEU C 248 5.46 -24.81 -0.91
N ALA C 249 6.26 -23.76 -0.76
CA ALA C 249 7.66 -23.89 -0.35
C ALA C 249 7.74 -24.69 0.94
N PHE C 250 6.88 -24.34 1.89
CA PHE C 250 6.83 -25.01 3.18
C PHE C 250 6.52 -26.50 3.04
N LEU C 251 5.43 -26.80 2.33
CA LEU C 251 5.00 -28.18 2.14
C LEU C 251 6.08 -29.02 1.46
N GLN C 252 6.82 -28.40 0.55
CA GLN C 252 7.88 -29.10 -0.16
C GLN C 252 9.04 -29.39 0.77
N THR C 253 9.38 -28.42 1.60
CA THR C 253 10.47 -28.57 2.56
C THR C 253 10.24 -29.74 3.51
N TYR C 254 9.00 -29.92 3.93
CA TYR C 254 8.69 -30.97 4.90
C TYR C 254 7.99 -32.20 4.31
N GLY C 255 7.94 -32.29 2.99
CA GLY C 255 7.32 -33.43 2.34
C GLY C 255 5.85 -33.66 2.64
N LEU C 256 5.11 -32.59 2.84
CA LEU C 256 3.67 -32.68 3.11
C LEU C 256 2.90 -32.37 1.83
N LYS C 257 3.60 -32.12 0.74
CA LYS C 257 2.96 -31.65 -0.48
C LYS C 257 1.87 -32.53 -1.09
N ASP C 258 2.03 -33.85 -1.02
CA ASP C 258 1.05 -34.72 -1.64
C ASP C 258 -0.26 -34.83 -0.88
N TYR C 259 -0.26 -34.39 0.38
CA TYR C 259 -1.46 -34.50 1.20
C TYR C 259 -2.35 -33.26 1.17
N PHE C 260 -1.82 -32.17 0.64
CA PHE C 260 -2.54 -30.91 0.69
C PHE C 260 -2.87 -30.26 -0.64
N LYS C 261 -3.91 -29.44 -0.59
CA LYS C 261 -4.30 -28.58 -1.68
C LYS C 261 -4.65 -27.25 -1.01
N PHE C 262 -4.88 -26.21 -1.80
CA PHE C 262 -5.12 -24.89 -1.22
C PHE C 262 -6.55 -24.42 -1.26
N ASN C 263 -6.93 -23.68 -0.23
CA ASN C 263 -8.22 -23.02 -0.21
C ASN C 263 -7.88 -21.53 -0.43
N ILE C 264 -8.25 -21.00 -1.59
CA ILE C 264 -7.87 -19.64 -1.96
C ILE C 264 -9.02 -18.66 -1.69
N GLU C 265 -8.73 -17.59 -0.95
CA GLU C 265 -9.72 -16.57 -0.66
C GLU C 265 -9.28 -15.29 -1.34
N ALA C 266 -10.19 -14.68 -2.10
CA ALA C 266 -9.88 -13.47 -2.86
C ALA C 266 -9.20 -12.39 -2.04
N ASN C 267 -9.88 -11.94 -0.98
CA ASN C 267 -9.37 -10.88 -0.12
C ASN C 267 -7.95 -11.15 0.35
N HIS C 268 -7.62 -12.43 0.54
CA HIS C 268 -6.30 -12.82 1.02
C HIS C 268 -5.26 -12.64 -0.07
N ALA C 269 -5.65 -12.93 -1.30
CA ALA C 269 -4.74 -12.81 -2.42
C ALA C 269 -4.38 -11.34 -2.63
N THR C 270 -5.39 -10.47 -2.62
CA THR C 270 -5.18 -9.05 -2.85
C THR C 270 -4.34 -8.48 -1.70
N LEU C 271 -4.55 -8.98 -0.49
CA LEU C 271 -3.80 -8.52 0.68
C LEU C 271 -2.31 -8.89 0.54
N ALA C 272 -2.00 -9.98 -0.16
CA ALA C 272 -0.62 -10.37 -0.41
C ALA C 272 -0.03 -9.61 -1.59
N GLY C 273 -0.84 -8.76 -2.22
CA GLY C 273 -0.39 -8.01 -3.39
C GLY C 273 -0.52 -8.77 -4.70
N HIS C 274 -1.39 -9.78 -4.75
CA HIS C 274 -1.64 -10.55 -5.96
C HIS C 274 -3.09 -10.38 -6.33
N THR C 275 -3.41 -10.67 -7.59
CA THR C 275 -4.79 -10.69 -8.01
C THR C 275 -5.34 -12.07 -7.70
N PHE C 276 -6.65 -12.13 -7.46
CA PHE C 276 -7.34 -13.37 -7.18
C PHE C 276 -6.98 -14.42 -8.25
N GLU C 277 -7.09 -14.02 -9.52
CA GLU C 277 -6.78 -14.94 -10.63
C GLU C 277 -5.39 -15.49 -10.49
N HIS C 278 -4.44 -14.61 -10.19
CA HIS C 278 -3.06 -15.02 -10.03
C HIS C 278 -2.90 -16.19 -9.07
N GLU C 279 -3.47 -16.06 -7.88
CA GLU C 279 -3.37 -17.13 -6.88
C GLU C 279 -4.00 -18.44 -7.37
N LEU C 280 -5.14 -18.32 -8.05
CA LEU C 280 -5.80 -19.50 -8.59
C LEU C 280 -4.91 -20.14 -9.65
N ARG C 281 -4.35 -19.32 -10.56
CA ARG C 281 -3.47 -19.80 -11.63
C ARG C 281 -2.28 -20.59 -11.09
N VAL C 282 -1.61 -20.02 -10.09
CA VAL C 282 -0.44 -20.66 -9.49
C VAL C 282 -0.81 -21.99 -8.88
N ALA C 283 -1.88 -21.99 -8.09
CA ALA C 283 -2.37 -23.21 -7.45
C ALA C 283 -2.65 -24.23 -8.55
N ARG C 284 -3.44 -23.78 -9.51
CA ARG C 284 -3.88 -24.59 -10.64
C ARG C 284 -2.74 -25.28 -11.39
N ILE C 285 -1.71 -24.53 -11.79
CA ILE C 285 -0.62 -25.14 -12.56
C ILE C 285 0.21 -26.10 -11.73
N HIS C 286 -0.07 -26.16 -10.43
CA HIS C 286 0.62 -27.10 -9.55
C HIS C 286 -0.35 -28.19 -9.10
N GLY C 287 -1.54 -28.20 -9.71
CA GLY C 287 -2.56 -29.18 -9.36
C GLY C 287 -2.99 -29.07 -7.91
N MET C 288 -2.99 -27.87 -7.37
CA MET C 288 -3.31 -27.68 -5.97
C MET C 288 -4.39 -26.66 -5.67
N LEU C 289 -5.28 -26.46 -6.65
CA LEU C 289 -6.44 -25.60 -6.48
C LEU C 289 -7.53 -26.47 -5.85
N GLY C 290 -7.61 -26.44 -4.54
CA GLY C 290 -8.55 -27.29 -3.82
C GLY C 290 -9.95 -26.75 -3.69
N SER C 291 -10.08 -25.50 -3.27
CA SER C 291 -11.40 -24.90 -3.09
C SER C 291 -11.27 -23.38 -3.00
N VAL C 292 -12.41 -22.69 -3.04
CA VAL C 292 -12.41 -21.23 -3.06
C VAL C 292 -13.29 -20.59 -1.99
N ASP C 293 -12.79 -19.52 -1.38
CA ASP C 293 -13.60 -18.68 -0.49
C ASP C 293 -13.94 -17.47 -1.33
N ALA C 294 -15.16 -17.42 -1.84
CA ALA C 294 -15.56 -16.35 -2.73
C ALA C 294 -16.00 -15.06 -2.04
N ASN C 295 -15.06 -14.14 -1.85
CA ASN C 295 -15.39 -12.83 -1.32
C ASN C 295 -14.70 -11.77 -2.17
N GLN C 296 -14.45 -10.61 -1.61
CA GLN C 296 -13.88 -9.50 -2.36
C GLN C 296 -13.49 -8.46 -1.35
N GLY C 297 -12.33 -7.87 -1.52
CA GLY C 297 -11.89 -6.83 -0.58
C GLY C 297 -11.89 -5.51 -1.32
N ASP C 298 -11.39 -4.47 -0.66
CA ASP C 298 -11.26 -3.15 -1.23
C ASP C 298 -9.77 -3.01 -1.36
N MET C 299 -9.29 -2.60 -2.53
CA MET C 299 -7.86 -2.54 -2.70
C MET C 299 -7.25 -1.28 -2.12
N LEU C 300 -8.09 -0.36 -1.66
CA LEU C 300 -7.61 0.87 -1.02
C LEU C 300 -7.60 0.70 0.50
N LEU C 301 -8.04 -0.46 0.97
CA LEU C 301 -8.10 -0.75 2.40
C LEU C 301 -7.24 -1.98 2.70
N GLY C 302 -6.31 -1.81 3.63
CA GLY C 302 -5.31 -2.83 3.88
C GLY C 302 -5.64 -3.88 4.92
N TRP C 303 -6.94 -4.19 5.05
CA TRP C 303 -7.39 -5.22 5.96
C TRP C 303 -8.49 -6.03 5.28
N ASP C 304 -8.83 -7.18 5.85
CA ASP C 304 -9.87 -8.02 5.28
C ASP C 304 -11.22 -7.35 5.46
N THR C 305 -11.96 -7.19 4.37
CA THR C 305 -13.29 -6.61 4.44
C THR C 305 -14.36 -7.65 4.21
N ASP C 306 -13.98 -8.77 3.61
CA ASP C 306 -14.91 -9.89 3.41
C ASP C 306 -16.23 -9.51 2.77
N GLU C 307 -16.17 -8.70 1.73
CA GLU C 307 -17.37 -8.31 1.01
C GLU C 307 -17.85 -9.42 0.10
N PHE C 308 -19.14 -9.38 -0.21
CA PHE C 308 -19.70 -10.30 -1.18
C PHE C 308 -19.23 -9.92 -2.58
N PRO C 309 -18.95 -10.92 -3.42
CA PRO C 309 -18.48 -10.75 -4.79
C PRO C 309 -19.52 -10.12 -5.71
N THR C 310 -19.30 -8.87 -6.10
CA THR C 310 -20.17 -8.19 -7.04
C THR C 310 -19.40 -7.78 -8.29
N ASP C 311 -18.10 -7.61 -8.16
CA ASP C 311 -17.25 -7.23 -9.29
C ASP C 311 -17.24 -8.36 -10.32
N LEU C 312 -17.85 -8.10 -11.47
CA LEU C 312 -17.95 -9.12 -12.51
C LEU C 312 -16.65 -9.48 -13.22
N TYR C 313 -15.67 -8.58 -13.23
CA TYR C 313 -14.40 -8.91 -13.87
C TYR C 313 -13.73 -10.03 -13.07
N SER C 314 -13.76 -9.88 -11.74
CA SER C 314 -13.17 -10.85 -10.85
C SER C 314 -13.82 -12.22 -10.98
N THR C 315 -15.15 -12.25 -10.86
CA THR C 315 -15.87 -13.52 -10.96
C THR C 315 -15.59 -14.20 -12.30
N THR C 316 -15.66 -13.44 -13.40
CA THR C 316 -15.35 -13.98 -14.72
C THR C 316 -13.93 -14.54 -14.75
N LEU C 317 -12.97 -13.72 -14.34
CA LEU C 317 -11.57 -14.09 -14.34
C LEU C 317 -11.25 -15.26 -13.43
N ALA C 318 -11.96 -15.37 -12.31
CA ALA C 318 -11.75 -16.48 -11.38
C ALA C 318 -12.31 -17.74 -11.99
N MET C 319 -13.54 -17.65 -12.49
CA MET C 319 -14.20 -18.80 -13.11
C MET C 319 -13.41 -19.35 -14.29
N TYR C 320 -12.74 -18.47 -15.02
CA TYR C 320 -11.90 -18.90 -16.14
C TYR C 320 -10.82 -19.86 -15.63
N GLU C 321 -10.25 -19.51 -14.49
CA GLU C 321 -9.21 -20.33 -13.87
C GLU C 321 -9.79 -21.64 -13.36
N ILE C 322 -10.96 -21.55 -12.74
CA ILE C 322 -11.62 -22.72 -12.21
C ILE C 322 -12.04 -23.70 -13.31
N LEU C 323 -12.58 -23.19 -14.40
CA LEU C 323 -12.98 -24.06 -15.51
C LEU C 323 -11.77 -24.74 -16.13
N LYS C 324 -10.67 -24.01 -16.25
CA LYS C 324 -9.46 -24.60 -16.81
C LYS C 324 -8.84 -25.64 -15.92
N ASN C 325 -9.17 -25.56 -14.63
CA ASN C 325 -8.66 -26.53 -13.67
C ASN C 325 -9.51 -27.80 -13.76
N GLY C 326 -10.56 -27.74 -14.57
CA GLY C 326 -11.46 -28.86 -14.70
C GLY C 326 -12.57 -28.74 -13.68
N GLY C 327 -12.76 -27.53 -13.18
CA GLY C 327 -13.78 -27.31 -12.17
C GLY C 327 -13.25 -27.36 -10.75
N LEU C 328 -14.14 -27.18 -9.76
CA LEU C 328 -13.75 -27.14 -8.37
C LEU C 328 -13.50 -28.54 -7.81
N GLY C 329 -13.95 -29.55 -8.55
CA GLY C 329 -13.82 -30.92 -8.12
C GLY C 329 -14.51 -31.20 -6.81
N ARG C 330 -13.71 -31.30 -5.75
CA ARG C 330 -14.22 -31.62 -4.42
C ARG C 330 -14.55 -30.38 -3.61
N GLY C 331 -13.98 -29.24 -3.99
CA GLY C 331 -14.22 -28.00 -3.28
C GLY C 331 -15.43 -27.28 -3.81
N GLY C 332 -15.62 -26.03 -3.42
CA GLY C 332 -16.77 -25.27 -3.86
C GLY C 332 -16.54 -23.79 -3.70
N LEU C 333 -17.58 -22.99 -3.94
CA LEU C 333 -17.45 -21.55 -3.79
C LEU C 333 -18.09 -21.15 -2.47
N ASN C 334 -17.32 -21.20 -1.39
CA ASN C 334 -17.81 -20.87 -0.06
C ASN C 334 -17.83 -19.36 0.12
N PHE C 335 -18.99 -18.79 0.41
CA PHE C 335 -19.10 -17.35 0.62
C PHE C 335 -18.59 -16.96 2.00
N ASP C 336 -17.27 -16.83 2.10
CA ASP C 336 -16.64 -16.35 3.31
C ASP C 336 -16.75 -14.83 3.21
N ALA C 337 -17.97 -14.35 3.06
CA ALA C 337 -18.26 -12.94 2.93
C ALA C 337 -19.15 -12.58 4.08
N LYS C 338 -19.36 -11.28 4.27
CA LYS C 338 -20.05 -10.76 5.43
C LYS C 338 -20.78 -9.49 4.99
N VAL C 339 -22.00 -9.27 5.47
CA VAL C 339 -22.71 -8.06 5.09
C VAL C 339 -22.00 -6.82 5.67
N ARG C 340 -22.09 -5.68 4.98
CA ARG C 340 -21.50 -4.44 5.48
C ARG C 340 -22.19 -4.09 6.80
N ARG C 341 -21.47 -3.42 7.70
CA ARG C 341 -22.06 -3.07 8.99
C ARG C 341 -23.32 -2.24 8.80
N GLY C 342 -23.39 -1.53 7.68
CA GLY C 342 -24.55 -0.72 7.35
C GLY C 342 -25.75 -1.54 6.89
N SER C 343 -25.50 -2.78 6.46
CA SER C 343 -26.56 -3.69 6.01
C SER C 343 -26.88 -4.62 7.17
N PHE C 344 -27.46 -4.06 8.23
CA PHE C 344 -27.69 -4.81 9.46
C PHE C 344 -29.03 -5.51 9.61
N GLU C 345 -29.88 -5.42 8.58
CA GLU C 345 -31.19 -6.06 8.63
C GLU C 345 -31.11 -7.52 8.20
N PRO C 346 -32.07 -8.34 8.65
CA PRO C 346 -32.06 -9.78 8.33
C PRO C 346 -32.12 -10.05 6.82
N GLU C 347 -32.90 -9.26 6.11
CA GLU C 347 -33.08 -9.44 4.67
C GLU C 347 -31.79 -9.19 3.89
N ASP C 348 -30.85 -8.50 4.51
CA ASP C 348 -29.58 -8.23 3.85
C ASP C 348 -28.76 -9.51 3.68
N LEU C 349 -29.00 -10.50 4.53
CA LEU C 349 -28.30 -11.77 4.40
C LEU C 349 -28.67 -12.39 3.06
N PHE C 350 -29.92 -12.18 2.65
CA PHE C 350 -30.44 -12.69 1.39
C PHE C 350 -29.96 -11.85 0.23
N TYR C 351 -30.11 -10.53 0.35
CA TYR C 351 -29.65 -9.65 -0.73
C TYR C 351 -28.20 -9.93 -1.04
N ALA C 352 -27.39 -10.01 0.01
CA ALA C 352 -25.96 -10.26 -0.12
C ALA C 352 -25.66 -11.55 -0.87
N HIS C 353 -26.26 -12.64 -0.45
CA HIS C 353 -26.01 -13.93 -1.11
C HIS C 353 -26.50 -13.97 -2.54
N ILE C 354 -27.64 -13.34 -2.80
CA ILE C 354 -28.14 -13.28 -4.17
C ILE C 354 -27.12 -12.54 -5.03
N ALA C 355 -26.65 -11.39 -4.53
CA ALA C 355 -25.65 -10.60 -5.25
C ALA C 355 -24.43 -11.45 -5.62
N GLY C 356 -23.90 -12.19 -4.64
CA GLY C 356 -22.72 -12.98 -4.88
C GLY C 356 -22.98 -14.13 -5.84
N MET C 357 -24.14 -14.77 -5.69
CA MET C 357 -24.49 -15.90 -6.54
C MET C 357 -24.73 -15.49 -7.99
N ASP C 358 -25.44 -14.39 -8.19
CA ASP C 358 -25.69 -13.91 -9.53
C ASP C 358 -24.39 -13.51 -10.19
N SER C 359 -23.52 -12.85 -9.41
CA SER C 359 -22.24 -12.41 -9.93
C SER C 359 -21.38 -13.57 -10.39
N PHE C 360 -21.42 -14.68 -9.65
CA PHE C 360 -20.67 -15.85 -10.06
C PHE C 360 -21.34 -16.61 -11.20
N ALA C 361 -22.66 -16.57 -11.26
CA ALA C 361 -23.40 -17.15 -12.37
C ALA C 361 -22.98 -16.43 -13.66
N VAL C 362 -23.00 -15.10 -13.64
CA VAL C 362 -22.55 -14.31 -14.79
C VAL C 362 -21.11 -14.67 -15.14
N GLY C 363 -20.24 -14.68 -14.15
CA GLY C 363 -18.85 -15.03 -14.37
C GLY C 363 -18.67 -16.39 -15.01
N LEU C 364 -19.45 -17.38 -14.58
CA LEU C 364 -19.40 -18.72 -15.14
C LEU C 364 -19.79 -18.70 -16.60
N LYS C 365 -20.92 -18.04 -16.87
CA LYS C 365 -21.44 -17.94 -18.23
C LYS C 365 -20.41 -17.35 -19.18
N VAL C 366 -19.90 -16.16 -18.89
CA VAL C 366 -18.91 -15.55 -19.77
C VAL C 366 -17.52 -16.21 -19.80
N ALA C 367 -17.04 -16.69 -18.65
CA ALA C 367 -15.73 -17.36 -18.61
C ALA C 367 -15.76 -18.57 -19.53
N HIS C 368 -16.91 -19.24 -19.55
CA HIS C 368 -17.09 -20.41 -20.38
C HIS C 368 -17.03 -20.08 -21.87
N ARG C 369 -17.66 -18.97 -22.26
CA ARG C 369 -17.65 -18.56 -23.66
C ARG C 369 -16.24 -18.21 -24.10
N LEU C 370 -15.53 -17.47 -23.25
CA LEU C 370 -14.15 -17.10 -23.52
C LEU C 370 -13.32 -18.33 -23.82
N ILE C 371 -13.54 -19.38 -23.04
CA ILE C 371 -12.83 -20.64 -23.21
C ILE C 371 -13.25 -21.41 -24.47
N GLU C 372 -14.55 -21.54 -24.71
CA GLU C 372 -14.99 -22.30 -25.88
C GLU C 372 -14.67 -21.58 -27.19
N ASP C 373 -14.71 -20.25 -27.18
CA ASP C 373 -14.32 -19.48 -28.36
C ASP C 373 -12.80 -19.32 -28.52
N ARG C 374 -12.04 -19.91 -27.59
CA ARG C 374 -10.58 -19.83 -27.57
C ARG C 374 -10.09 -18.37 -27.71
N VAL C 375 -10.81 -17.43 -27.10
CA VAL C 375 -10.49 -16.00 -27.25
C VAL C 375 -9.04 -15.66 -26.92
N PHE C 376 -8.60 -16.09 -25.75
CA PHE C 376 -7.23 -15.86 -25.30
C PHE C 376 -6.33 -17.00 -25.76
N ASP C 377 -6.85 -18.22 -25.69
CA ASP C 377 -6.07 -19.39 -26.08
C ASP C 377 -5.54 -19.34 -27.50
N GLU C 378 -6.39 -18.89 -28.42
CA GLU C 378 -6.03 -18.72 -29.83
C GLU C 378 -4.71 -17.97 -29.93
N PHE C 379 -4.68 -16.80 -29.29
CA PHE C 379 -3.52 -15.90 -29.32
C PHE C 379 -2.29 -16.47 -28.63
N ILE C 380 -2.48 -16.99 -27.41
CA ILE C 380 -1.37 -17.52 -26.60
C ILE C 380 -0.65 -18.62 -27.43
N GLU C 381 -1.46 -19.48 -28.05
CA GLU C 381 -0.99 -20.56 -28.86
C GLU C 381 -0.13 -20.03 -30.01
N GLU C 382 -0.58 -18.95 -30.61
CA GLU C 382 0.12 -18.36 -31.75
C GLU C 382 1.45 -17.70 -31.36
N ARG C 383 1.46 -16.92 -30.27
CA ARG C 383 2.66 -16.19 -29.86
C ARG C 383 3.76 -17.02 -29.22
N TYR C 384 3.46 -18.25 -28.82
CA TYR C 384 4.48 -19.11 -28.25
C TYR C 384 4.95 -20.22 -29.19
N LYS C 385 4.57 -20.13 -30.47
CA LYS C 385 4.87 -21.23 -31.38
C LYS C 385 6.32 -21.45 -31.77
N SER C 386 7.20 -20.51 -31.41
CA SER C 386 8.63 -20.67 -31.68
C SER C 386 9.15 -21.92 -30.97
N TYR C 387 8.49 -22.29 -29.87
CA TYR C 387 8.90 -23.45 -29.08
C TYR C 387 8.33 -24.77 -29.61
N THR C 388 7.72 -24.68 -30.78
CA THR C 388 7.09 -25.79 -31.49
C THR C 388 8.01 -26.33 -32.56
N GLU C 389 8.85 -25.47 -33.08
CA GLU C 389 9.69 -25.81 -34.22
C GLU C 389 11.14 -25.41 -33.97
N GLY C 390 12.01 -25.74 -34.92
CA GLY C 390 13.43 -25.40 -34.87
C GLY C 390 14.11 -25.41 -33.51
N ILE C 391 14.87 -24.35 -33.25
CA ILE C 391 15.64 -24.20 -32.01
C ILE C 391 14.74 -24.27 -30.76
N GLY C 392 13.57 -23.63 -30.85
CA GLY C 392 12.64 -23.63 -29.74
C GLY C 392 12.28 -25.03 -29.31
N ARG C 393 11.94 -25.88 -30.28
CA ARG C 393 11.58 -27.25 -29.94
C ARG C 393 12.76 -27.97 -29.28
N GLU C 394 13.98 -27.65 -29.70
CA GLU C 394 15.16 -28.25 -29.09
C GLU C 394 15.26 -27.86 -27.63
N ILE C 395 15.05 -26.58 -27.35
CA ILE C 395 15.03 -26.09 -25.97
C ILE C 395 14.07 -26.90 -25.12
N VAL C 396 12.86 -27.12 -25.63
CA VAL C 396 11.85 -27.83 -24.88
C VAL C 396 12.13 -29.32 -24.73
N GLU C 397 12.51 -29.98 -25.82
CA GLU C 397 12.86 -31.40 -25.73
C GLU C 397 14.06 -31.64 -24.83
N GLY C 398 14.83 -30.57 -24.56
CA GLY C 398 16.00 -30.69 -23.72
C GLY C 398 17.21 -31.20 -24.49
N THR C 399 17.30 -30.79 -25.74
CA THR C 399 18.42 -31.18 -26.56
C THR C 399 19.26 -29.94 -26.94
N ALA C 400 19.08 -28.85 -26.21
CA ALA C 400 19.83 -27.61 -26.47
C ALA C 400 20.74 -27.31 -25.29
N ASP C 401 21.84 -26.64 -25.57
CA ASP C 401 22.75 -26.18 -24.52
C ASP C 401 23.27 -24.79 -24.86
N PHE C 402 24.06 -24.21 -23.97
CA PHE C 402 24.60 -22.89 -24.20
C PHE C 402 25.39 -22.78 -25.49
N HIS C 403 26.01 -23.89 -25.90
CA HIS C 403 26.79 -23.90 -27.12
C HIS C 403 25.96 -23.66 -28.37
N LYS C 404 24.92 -24.49 -28.53
CA LYS C 404 24.03 -24.40 -29.68
C LYS C 404 23.27 -23.09 -29.68
N LEU C 405 22.79 -22.70 -28.50
CA LEU C 405 22.05 -21.47 -28.37
C LEU C 405 22.92 -20.27 -28.74
N GLU C 406 24.18 -20.26 -28.29
CA GLU C 406 25.10 -19.18 -28.65
C GLU C 406 25.39 -19.19 -30.14
N ALA C 407 25.67 -20.38 -30.67
CA ALA C 407 25.92 -20.55 -32.10
C ALA C 407 24.75 -19.95 -32.89
N HIS C 408 23.53 -20.24 -32.42
CA HIS C 408 22.32 -19.74 -33.06
C HIS C 408 22.25 -18.22 -32.95
N ALA C 409 22.43 -17.71 -31.74
CA ALA C 409 22.34 -16.28 -31.48
C ALA C 409 23.32 -15.49 -32.32
N LEU C 410 24.46 -16.10 -32.64
CA LEU C 410 25.50 -15.44 -33.39
C LEU C 410 25.13 -15.13 -34.84
N GLN C 411 24.29 -15.97 -35.43
CA GLN C 411 23.86 -15.80 -36.81
C GLN C 411 22.57 -14.99 -36.90
N LEU C 412 22.11 -14.48 -35.76
CA LEU C 412 20.84 -13.76 -35.70
C LEU C 412 21.00 -12.27 -35.98
N GLY C 413 20.08 -11.72 -36.78
CA GLY C 413 20.10 -10.30 -37.07
C GLY C 413 19.39 -9.52 -35.99
N GLU C 414 18.48 -8.63 -36.37
CA GLU C 414 17.65 -7.93 -35.40
C GLU C 414 16.54 -8.92 -35.11
N ILE C 415 16.24 -9.12 -33.84
CA ILE C 415 15.15 -10.00 -33.44
C ILE C 415 13.84 -9.23 -33.56
N GLN C 416 12.80 -9.88 -34.06
CA GLN C 416 11.51 -9.21 -34.19
C GLN C 416 10.53 -9.85 -33.24
N ASN C 417 9.82 -9.04 -32.45
CA ASN C 417 8.77 -9.55 -31.58
C ASN C 417 7.46 -8.95 -32.06
N GLN C 418 6.34 -9.48 -31.57
CA GLN C 418 5.03 -8.92 -31.88
C GLN C 418 4.36 -8.47 -30.59
N SER C 419 3.34 -7.65 -30.74
CA SER C 419 2.61 -7.06 -29.65
C SER C 419 2.02 -8.09 -28.71
N GLY C 420 1.94 -7.72 -27.43
CA GLY C 420 1.28 -8.57 -26.45
C GLY C 420 -0.21 -8.40 -26.58
N ARG C 421 -0.65 -7.35 -27.28
CA ARG C 421 -2.05 -7.11 -27.57
C ARG C 421 -2.91 -6.94 -26.32
N GLN C 422 -2.37 -6.33 -25.28
CA GLN C 422 -3.09 -6.20 -24.03
C GLN C 422 -4.41 -5.45 -24.11
N GLU C 423 -4.38 -4.29 -24.75
CA GLU C 423 -5.57 -3.44 -24.85
C GLU C 423 -6.65 -4.19 -25.64
N ARG C 424 -6.21 -4.92 -26.67
CA ARG C 424 -7.10 -5.70 -27.50
C ARG C 424 -7.78 -6.78 -26.65
N LEU C 425 -6.97 -7.57 -25.95
CA LEU C 425 -7.47 -8.62 -25.08
C LEU C 425 -8.47 -8.08 -24.04
N LYS C 426 -8.14 -6.92 -23.47
CA LYS C 426 -8.97 -6.27 -22.47
C LYS C 426 -10.30 -5.81 -23.08
N THR C 427 -10.22 -5.30 -24.30
CA THR C 427 -11.39 -4.85 -25.04
C THR C 427 -12.28 -6.05 -25.30
N LEU C 428 -11.66 -7.16 -25.69
CA LEU C 428 -12.39 -8.39 -25.98
C LEU C 428 -13.15 -8.86 -24.76
N LEU C 429 -12.45 -8.88 -23.64
CA LEU C 429 -13.05 -9.27 -22.36
C LEU C 429 -14.35 -8.47 -22.13
N ASN C 430 -14.31 -7.18 -22.41
CA ASN C 430 -15.48 -6.32 -22.21
C ASN C 430 -16.61 -6.71 -23.12
N GLN C 431 -16.26 -6.97 -24.38
CA GLN C 431 -17.25 -7.35 -25.37
C GLN C 431 -17.98 -8.62 -24.88
N TYR C 432 -17.22 -9.61 -24.41
CA TYR C 432 -17.85 -10.83 -23.87
C TYR C 432 -18.67 -10.59 -22.62
N LEU C 433 -18.23 -9.66 -21.78
CA LEU C 433 -18.96 -9.31 -20.56
C LEU C 433 -20.32 -8.79 -21.01
N LEU C 434 -20.30 -7.82 -21.92
CA LEU C 434 -21.53 -7.20 -22.39
C LEU C 434 -22.43 -8.09 -23.25
N GLU C 435 -21.91 -9.21 -23.74
CA GLU C 435 -22.72 -10.11 -24.53
C GLU C 435 -23.46 -11.14 -23.69
N VAL C 436 -23.65 -10.85 -22.41
CA VAL C 436 -24.32 -11.81 -21.54
C VAL C 436 -25.80 -12.04 -21.89
N CYS C 437 -26.46 -11.02 -22.44
CA CYS C 437 -27.86 -11.12 -22.87
C CYS C 437 -28.19 -12.39 -23.70
N PRO D 1 43.37 13.17 -11.21
CA PRO D 1 42.78 12.80 -12.49
C PRO D 1 41.26 13.00 -12.53
N TYR D 2 40.48 12.13 -11.90
CA TYR D 2 39.03 12.30 -11.92
C TYR D 2 38.46 13.00 -10.69
N PHE D 3 38.84 12.50 -9.52
CA PHE D 3 38.43 13.09 -8.25
C PHE D 3 39.62 13.74 -7.59
N ASP D 4 39.92 14.97 -8.04
CA ASP D 4 41.08 15.72 -7.56
C ASP D 4 40.84 16.39 -6.22
N ASN D 5 39.63 16.89 -6.04
CA ASN D 5 39.24 17.53 -4.79
C ASN D 5 39.41 16.48 -3.69
N ILE D 6 38.86 15.31 -3.93
CA ILE D 6 38.84 14.24 -2.94
C ILE D 6 40.18 13.54 -2.76
N SER D 7 40.64 13.49 -1.52
CA SER D 7 41.85 12.77 -1.17
C SER D 7 41.36 11.46 -0.55
N THR D 8 42.22 10.47 -0.43
CA THR D 8 41.84 9.18 0.15
C THR D 8 41.11 9.36 1.50
N ILE D 9 39.92 8.78 1.60
CA ILE D 9 39.05 8.88 2.79
C ILE D 9 39.54 8.04 3.96
N ALA D 10 39.68 8.66 5.14
CA ALA D 10 40.19 7.94 6.29
C ALA D 10 39.21 7.88 7.45
N TYR D 11 39.41 6.90 8.32
CA TYR D 11 38.63 6.78 9.54
C TYR D 11 39.10 7.82 10.55
N GLU D 12 38.23 8.74 10.93
CA GLU D 12 38.59 9.77 11.89
C GLU D 12 37.89 9.71 13.23
N GLY D 13 36.95 8.79 13.41
CA GLY D 13 36.28 8.69 14.69
C GLY D 13 35.05 9.58 14.79
N PRO D 14 34.16 9.29 15.76
CA PRO D 14 32.89 9.94 16.08
C PRO D 14 32.91 11.44 16.22
N ALA D 15 33.82 11.94 17.06
CA ALA D 15 33.93 13.37 17.25
C ALA D 15 34.92 13.85 16.20
N SER D 16 34.40 14.17 15.03
CA SER D 16 35.21 14.66 13.92
C SER D 16 34.24 15.44 13.05
N LYS D 17 34.57 16.70 12.82
CA LYS D 17 33.71 17.58 12.04
C LYS D 17 33.98 17.49 10.53
N ASN D 18 34.77 16.51 10.12
CA ASN D 18 35.13 16.36 8.71
C ASN D 18 34.13 15.51 7.91
N PRO D 19 33.38 16.15 7.00
CA PRO D 19 32.39 15.48 6.16
C PRO D 19 32.95 14.34 5.32
N LEU D 20 34.23 14.43 4.93
CA LEU D 20 34.83 13.39 4.12
C LEU D 20 35.71 12.41 4.90
N ALA D 21 35.13 11.80 5.94
CA ALA D 21 35.85 10.83 6.75
C ALA D 21 34.87 9.84 7.37
N PHE D 22 35.36 8.64 7.68
CA PHE D 22 34.53 7.65 8.34
C PHE D 22 34.48 7.98 9.82
N LYS D 23 33.27 8.07 10.36
CA LYS D 23 33.11 8.33 11.78
C LYS D 23 33.03 7.03 12.58
N PHE D 24 32.59 5.95 11.92
CA PHE D 24 32.43 4.68 12.62
C PHE D 24 33.09 3.49 11.95
N TYR D 25 33.25 3.55 10.63
CA TYR D 25 33.86 2.46 9.90
C TYR D 25 35.38 2.55 9.94
N ASN D 26 35.98 1.67 10.73
CA ASN D 26 37.43 1.59 10.84
C ASN D 26 37.79 0.20 10.31
N PRO D 27 38.23 0.14 9.05
CA PRO D 27 38.61 -1.09 8.33
C PRO D 27 39.29 -2.15 9.18
N GLU D 28 40.21 -1.73 10.05
CA GLU D 28 40.95 -2.71 10.83
C GLU D 28 40.56 -2.85 12.30
N GLU D 29 39.51 -2.15 12.72
CA GLU D 29 39.01 -2.32 14.07
C GLU D 29 38.46 -3.72 14.18
N LYS D 30 38.79 -4.42 15.26
CA LYS D 30 38.31 -5.77 15.45
C LYS D 30 36.96 -5.77 16.14
N VAL D 31 36.05 -6.57 15.62
CA VAL D 31 34.76 -6.75 16.24
C VAL D 31 34.66 -8.26 16.37
N GLY D 32 34.97 -8.77 17.55
CA GLY D 32 35.03 -10.21 17.74
C GLY D 32 36.35 -10.68 17.16
N ASP D 33 36.33 -11.78 16.42
CA ASP D 33 37.57 -12.29 15.86
C ASP D 33 37.91 -11.82 14.44
N LYS D 34 37.07 -10.98 13.87
CA LYS D 34 37.33 -10.42 12.52
C LYS D 34 37.29 -8.90 12.56
N THR D 35 38.03 -8.28 11.66
CA THR D 35 38.04 -6.82 11.54
C THR D 35 36.79 -6.36 10.82
N MET D 36 36.45 -5.08 10.96
CA MET D 36 35.28 -4.53 10.29
C MET D 36 35.31 -4.78 8.79
N GLU D 37 36.48 -4.67 8.18
CA GLU D 37 36.62 -4.89 6.76
C GLU D 37 36.29 -6.32 6.36
N GLU D 38 36.73 -7.28 7.17
CA GLU D 38 36.49 -8.70 6.89
C GLU D 38 35.02 -9.05 7.08
N HIS D 39 34.40 -8.43 8.07
CA HIS D 39 32.98 -8.62 8.37
C HIS D 39 32.08 -8.06 7.28
N LEU D 40 32.31 -6.80 6.95
CA LEU D 40 31.42 -6.06 6.07
C LEU D 40 31.56 -6.33 4.59
N ARG D 41 32.75 -6.71 4.14
CA ARG D 41 33.00 -7.00 2.72
C ARG D 41 32.25 -6.07 1.76
N PHE D 42 32.46 -4.77 1.91
CA PHE D 42 31.78 -3.76 1.10
C PHE D 42 32.08 -3.88 -0.40
N SER D 43 31.09 -3.52 -1.21
CA SER D 43 31.21 -3.61 -2.66
C SER D 43 30.46 -2.45 -3.32
N VAL D 44 30.99 -1.90 -4.41
CA VAL D 44 30.27 -0.84 -5.09
C VAL D 44 29.67 -1.29 -6.41
N ALA D 45 28.46 -0.83 -6.66
CA ALA D 45 27.72 -1.16 -7.85
C ALA D 45 28.18 -0.27 -8.98
N TYR D 46 28.79 -0.87 -9.99
CA TYR D 46 29.30 -0.14 -11.14
C TYR D 46 28.22 0.68 -11.80
N TRP D 47 27.07 0.04 -12.02
CA TRP D 47 25.95 0.67 -12.70
C TRP D 47 25.54 2.02 -12.16
N HIS D 48 25.11 2.06 -10.91
CA HIS D 48 24.66 3.32 -10.31
C HIS D 48 25.77 4.33 -10.21
N THR D 49 26.92 3.87 -9.73
CA THR D 49 28.02 4.75 -9.43
C THR D 49 28.72 5.34 -10.66
N PHE D 50 28.93 4.55 -11.71
CA PHE D 50 29.66 5.04 -12.87
C PHE D 50 28.89 5.26 -14.16
N THR D 51 27.70 4.65 -14.27
CA THR D 51 26.90 4.82 -15.47
C THR D 51 25.55 5.50 -15.20
N GLY D 52 25.21 5.67 -13.93
CA GLY D 52 23.95 6.32 -13.58
C GLY D 52 23.97 7.79 -13.95
N ASP D 53 22.82 8.31 -14.42
CA ASP D 53 22.74 9.71 -14.84
C ASP D 53 21.70 10.55 -14.11
N GLY D 54 21.08 9.98 -13.09
CA GLY D 54 20.10 10.73 -12.32
C GLY D 54 18.79 10.97 -13.04
N SER D 55 18.61 10.31 -14.19
CA SER D 55 17.35 10.43 -14.90
C SER D 55 16.26 9.80 -14.05
N ASP D 56 15.02 10.09 -14.45
CA ASP D 56 13.86 9.98 -13.57
C ASP D 56 12.75 9.78 -14.59
N PRO D 57 11.67 9.08 -14.23
CA PRO D 57 10.57 8.88 -15.19
C PRO D 57 10.04 10.18 -15.79
N PHE D 58 10.30 11.30 -15.11
CA PHE D 58 9.84 12.61 -15.53
C PHE D 58 11.00 13.61 -15.69
N GLY D 59 12.23 13.13 -15.53
CA GLY D 59 13.38 14.01 -15.61
C GLY D 59 14.53 13.48 -16.46
N ALA D 60 15.24 14.40 -17.11
CA ALA D 60 16.38 14.05 -17.93
C ALA D 60 17.58 13.79 -17.01
N GLY D 61 18.64 13.21 -17.54
CA GLY D 61 19.82 12.96 -16.73
C GLY D 61 20.40 14.29 -16.23
N ASN D 62 20.64 14.39 -14.93
CA ASN D 62 21.15 15.65 -14.37
C ASN D 62 22.49 15.52 -13.65
N MET D 63 22.99 14.29 -13.53
CA MET D 63 24.24 14.05 -12.80
C MET D 63 25.45 14.74 -13.42
N ILE D 64 26.30 15.31 -12.57
CA ILE D 64 27.52 15.96 -13.03
C ILE D 64 28.71 15.03 -12.77
N ARG D 65 29.31 14.52 -13.84
CA ARG D 65 30.47 13.65 -13.71
C ARG D 65 31.62 14.03 -14.66
N PRO D 66 32.88 13.93 -14.19
CA PRO D 66 34.05 14.30 -14.99
C PRO D 66 34.22 13.57 -16.34
N TRP D 67 33.79 12.32 -16.39
CA TRP D 67 33.96 11.52 -17.60
C TRP D 67 32.82 11.74 -18.62
N ASN D 68 31.96 12.72 -18.38
CA ASN D 68 30.83 12.97 -19.27
C ASN D 68 31.19 13.49 -20.66
N LYS D 69 32.35 14.11 -20.78
CA LYS D 69 32.82 14.65 -22.06
C LYS D 69 33.01 13.55 -23.12
N TYR D 70 33.28 12.32 -22.70
CA TYR D 70 33.54 11.21 -23.60
C TYR D 70 32.32 10.48 -24.12
N SER D 71 32.51 9.77 -25.24
CA SER D 71 31.47 8.96 -25.87
C SER D 71 32.02 7.57 -26.15
N GLY D 72 31.14 6.65 -26.55
CA GLY D 72 31.61 5.31 -26.89
C GLY D 72 32.66 4.64 -26.02
N MET D 73 33.62 3.98 -26.67
CA MET D 73 34.69 3.27 -25.96
C MET D 73 35.57 4.18 -25.11
N ASP D 74 35.70 5.43 -25.51
CA ASP D 74 36.48 6.38 -24.72
C ASP D 74 35.81 6.53 -23.37
N LEU D 75 34.48 6.64 -23.39
CA LEU D 75 33.69 6.72 -22.17
C LEU D 75 33.81 5.44 -21.34
N ALA D 76 33.78 4.28 -22.00
CA ALA D 76 33.88 3.00 -21.31
C ALA D 76 35.22 2.91 -20.59
N LYS D 77 36.28 3.28 -21.30
CA LYS D 77 37.62 3.23 -20.74
C LYS D 77 37.75 4.25 -19.60
N ALA D 78 37.27 5.47 -19.85
CA ALA D 78 37.34 6.54 -18.86
C ALA D 78 36.73 6.07 -17.55
N ARG D 79 35.57 5.44 -17.66
CA ARG D 79 34.87 4.94 -16.49
C ARG D 79 35.69 3.91 -15.73
N VAL D 80 36.44 3.07 -16.44
CA VAL D 80 37.24 2.06 -15.74
C VAL D 80 38.33 2.73 -14.92
N GLU D 81 39.02 3.69 -15.53
CA GLU D 81 40.05 4.47 -14.82
C GLU D 81 39.43 5.11 -13.59
N ALA D 82 38.30 5.80 -13.80
CA ALA D 82 37.58 6.47 -12.73
C ALA D 82 37.17 5.48 -11.65
N ALA D 83 36.66 4.34 -12.08
CA ALA D 83 36.16 3.32 -11.17
C ALA D 83 37.24 2.94 -10.19
N PHE D 84 38.41 2.55 -10.70
CA PHE D 84 39.50 2.15 -9.84
C PHE D 84 40.06 3.26 -8.95
N GLU D 85 39.98 4.50 -9.43
CA GLU D 85 40.40 5.63 -8.62
C GLU D 85 39.45 5.72 -7.43
N PHE D 86 38.15 5.62 -7.68
CA PHE D 86 37.12 5.69 -6.66
C PHE D 86 37.31 4.57 -5.63
N PHE D 87 37.53 3.35 -6.12
CA PHE D 87 37.77 2.20 -5.25
C PHE D 87 38.92 2.45 -4.29
N GLU D 88 40.02 2.98 -4.81
CA GLU D 88 41.20 3.27 -4.01
C GLU D 88 40.93 4.32 -2.95
N LYS D 89 40.34 5.44 -3.35
CA LYS D 89 40.07 6.53 -2.44
C LYS D 89 39.07 6.17 -1.36
N LEU D 90 38.14 5.28 -1.66
CA LEU D 90 37.13 4.91 -0.70
C LEU D 90 37.54 3.66 0.09
N ASN D 91 38.50 2.92 -0.45
CA ASN D 91 39.06 1.78 0.23
C ASN D 91 38.09 0.60 0.21
N ILE D 92 37.48 0.34 -0.94
CA ILE D 92 36.49 -0.73 -1.07
C ILE D 92 37.12 -2.02 -1.54
N PRO D 93 36.83 -3.12 -0.85
CA PRO D 93 37.36 -4.46 -1.17
C PRO D 93 36.80 -5.07 -2.46
N PHE D 94 35.57 -4.69 -2.84
CA PHE D 94 34.88 -5.32 -3.97
C PHE D 94 34.06 -4.38 -4.83
N PHE D 95 33.66 -4.89 -5.99
CA PHE D 95 32.69 -4.21 -6.85
C PHE D 95 31.88 -5.25 -7.64
N CYS D 96 30.80 -4.79 -8.28
CA CYS D 96 29.92 -5.65 -9.08
C CYS D 96 29.52 -4.92 -10.35
N PHE D 97 29.13 -5.68 -11.38
CA PHE D 97 28.68 -5.05 -12.61
C PHE D 97 27.86 -5.96 -13.50
N HIS D 98 27.06 -5.33 -14.36
CA HIS D 98 26.34 -6.03 -15.42
C HIS D 98 27.25 -5.81 -16.62
N ASP D 99 27.22 -6.75 -17.55
CA ASP D 99 27.97 -6.64 -18.80
C ASP D 99 27.79 -5.29 -19.51
N VAL D 100 26.55 -4.80 -19.60
CA VAL D 100 26.28 -3.53 -20.27
C VAL D 100 26.78 -2.30 -19.53
N ASP D 101 27.17 -2.47 -18.27
CA ASP D 101 27.66 -1.35 -17.47
C ASP D 101 29.08 -0.99 -17.88
N ILE D 102 29.87 -2.01 -18.21
CA ILE D 102 31.27 -1.81 -18.47
C ILE D 102 31.65 -1.54 -19.92
N ALA D 103 30.88 -2.06 -20.85
CA ALA D 103 31.18 -1.83 -22.27
C ALA D 103 29.92 -1.60 -23.09
N PRO D 104 30.01 -0.78 -24.14
CA PRO D 104 28.86 -0.48 -25.00
C PRO D 104 28.47 -1.67 -25.87
N GLU D 105 27.18 -1.91 -25.97
CA GLU D 105 26.64 -3.01 -26.78
C GLU D 105 26.86 -2.70 -28.26
N GLY D 106 27.06 -3.75 -29.06
CA GLY D 106 27.31 -3.56 -30.47
C GLY D 106 26.06 -3.70 -31.31
N GLU D 107 26.20 -3.57 -32.62
CA GLU D 107 25.04 -3.76 -33.47
C GLU D 107 24.76 -5.25 -33.66
N THR D 108 25.80 -6.07 -33.51
CA THR D 108 25.65 -7.53 -33.57
C THR D 108 26.35 -8.16 -32.36
N LEU D 109 25.95 -9.39 -32.04
CA LEU D 109 26.53 -10.07 -30.90
C LEU D 109 28.06 -10.16 -30.96
N LYS D 110 28.61 -10.43 -32.14
CA LYS D 110 30.06 -10.53 -32.31
C LYS D 110 30.72 -9.20 -31.90
N GLU D 111 30.12 -8.09 -32.30
CA GLU D 111 30.63 -6.78 -31.91
C GLU D 111 30.61 -6.62 -30.39
N THR D 112 29.44 -6.82 -29.79
CA THR D 112 29.30 -6.75 -28.33
C THR D 112 30.41 -7.49 -27.62
N TYR D 113 30.67 -8.72 -28.06
CA TYR D 113 31.75 -9.52 -27.50
C TYR D 113 33.11 -8.84 -27.61
N LYS D 114 33.38 -8.19 -28.75
CA LYS D 114 34.67 -7.51 -28.96
C LYS D 114 34.88 -6.41 -27.94
N ASN D 115 33.91 -5.51 -27.84
CA ASN D 115 33.96 -4.36 -26.95
C ASN D 115 34.12 -4.82 -25.50
N LEU D 116 33.39 -5.88 -25.18
CA LEU D 116 33.44 -6.46 -23.86
C LEU D 116 34.86 -6.94 -23.56
N ASP D 117 35.40 -7.78 -24.43
CA ASP D 117 36.76 -8.31 -24.24
C ASP D 117 37.79 -7.22 -24.02
N ILE D 118 37.74 -6.19 -24.85
CA ILE D 118 38.63 -5.03 -24.72
C ILE D 118 38.56 -4.49 -23.30
N ILE D 119 37.36 -4.13 -22.85
CA ILE D 119 37.18 -3.59 -21.51
C ILE D 119 37.56 -4.59 -20.42
N VAL D 120 37.23 -5.87 -20.59
CA VAL D 120 37.63 -6.89 -19.63
C VAL D 120 39.17 -6.97 -19.51
N ASP D 121 39.87 -6.85 -20.64
CA ASP D 121 41.34 -6.86 -20.63
C ASP D 121 41.83 -5.75 -19.72
N MET D 122 41.25 -4.57 -19.91
CA MET D 122 41.62 -3.38 -19.16
C MET D 122 41.32 -3.55 -17.68
N ILE D 123 40.17 -4.13 -17.36
CA ILE D 123 39.80 -4.35 -15.97
C ILE D 123 40.77 -5.34 -15.33
N GLU D 124 41.05 -6.43 -16.04
CA GLU D 124 41.93 -7.47 -15.51
C GLU D 124 43.29 -6.91 -15.09
N GLU D 125 43.89 -6.12 -15.97
CA GLU D 125 45.19 -5.54 -15.72
C GLU D 125 44.96 -4.18 -15.06
N TYR D 126 44.51 -4.22 -13.82
CA TYR D 126 44.13 -3.04 -13.04
C TYR D 126 43.85 -3.68 -11.71
N MET D 127 43.16 -4.82 -11.77
CA MET D 127 42.94 -5.67 -10.61
C MET D 127 44.33 -6.09 -10.17
N LYS D 128 45.22 -6.22 -11.16
CA LYS D 128 46.61 -6.56 -10.97
C LYS D 128 47.31 -5.70 -9.91
N THR D 129 46.92 -4.42 -9.86
CA THR D 129 47.56 -3.47 -8.95
C THR D 129 46.59 -2.90 -7.90
N SER D 130 45.44 -3.52 -7.74
CA SER D 130 44.43 -3.00 -6.81
C SER D 130 44.00 -4.04 -5.78
N LYS D 131 43.58 -3.59 -4.60
CA LYS D 131 43.09 -4.50 -3.56
C LYS D 131 41.66 -4.93 -3.91
N THR D 132 40.99 -4.12 -4.74
CA THR D 132 39.61 -4.38 -5.10
C THR D 132 39.47 -5.61 -5.99
N LYS D 133 38.46 -6.42 -5.70
CA LYS D 133 38.19 -7.64 -6.44
C LYS D 133 36.73 -7.69 -6.83
N LEU D 134 36.44 -8.53 -7.81
CA LEU D 134 35.08 -8.69 -8.30
C LEU D 134 34.30 -9.61 -7.36
N LEU D 135 33.27 -9.06 -6.72
CA LEU D 135 32.40 -9.83 -5.84
C LEU D 135 31.53 -10.72 -6.72
N TRP D 136 30.78 -10.09 -7.64
CA TRP D 136 29.99 -10.82 -8.63
C TRP D 136 29.68 -9.95 -9.84
N ASN D 137 29.47 -10.60 -10.97
CA ASN D 137 29.03 -9.91 -12.18
C ASN D 137 27.73 -10.59 -12.61
N THR D 138 27.10 -10.05 -13.64
CA THR D 138 25.80 -10.55 -14.08
C THR D 138 25.48 -10.10 -15.50
N ALA D 139 24.50 -10.75 -16.11
CA ALA D 139 24.07 -10.43 -17.47
C ALA D 139 22.78 -9.61 -17.41
N ASN D 140 22.77 -8.45 -18.07
CA ASN D 140 21.60 -7.58 -18.09
C ASN D 140 20.60 -8.09 -19.11
N LEU D 141 19.57 -8.79 -18.65
CA LEU D 141 18.58 -9.33 -19.56
C LEU D 141 17.23 -8.60 -19.48
N PHE D 142 17.28 -7.26 -19.34
CA PHE D 142 16.04 -6.49 -19.21
C PHE D 142 15.99 -5.15 -19.92
N THR D 143 17.16 -4.53 -20.10
CA THR D 143 17.21 -3.19 -20.69
C THR D 143 16.93 -3.12 -22.19
N HIS D 144 17.40 -4.10 -22.94
CA HIS D 144 17.22 -4.09 -24.39
C HIS D 144 15.79 -4.39 -24.81
N PRO D 145 15.32 -3.75 -25.90
CA PRO D 145 13.97 -3.93 -26.44
C PRO D 145 13.62 -5.36 -26.79
N ARG D 146 14.67 -6.16 -26.98
CA ARG D 146 14.54 -7.55 -27.37
C ARG D 146 13.96 -8.38 -26.24
N PHE D 147 14.16 -7.92 -25.01
CA PHE D 147 13.70 -8.63 -23.82
C PHE D 147 12.34 -8.15 -23.32
N VAL D 148 11.62 -7.47 -24.22
CA VAL D 148 10.33 -6.88 -23.91
C VAL D 148 9.32 -7.88 -23.33
N HIS D 149 9.37 -9.13 -23.77
CA HIS D 149 8.45 -10.17 -23.27
C HIS D 149 9.14 -11.17 -22.34
N GLY D 150 10.31 -10.77 -21.83
CA GLY D 150 11.08 -11.63 -20.96
C GLY D 150 12.37 -12.02 -21.64
N ALA D 151 13.16 -12.85 -20.97
CA ALA D 151 14.40 -13.37 -21.55
C ALA D 151 14.21 -14.87 -21.68
N ALA D 152 14.41 -15.61 -20.60
CA ALA D 152 14.21 -17.06 -20.62
C ALA D 152 12.72 -17.34 -20.62
N THR D 153 11.93 -16.37 -20.18
CA THR D 153 10.48 -16.51 -20.14
C THR D 153 9.83 -15.87 -21.37
N SER D 154 10.65 -15.48 -22.34
CA SER D 154 10.16 -14.85 -23.55
C SER D 154 9.41 -15.87 -24.39
N CYS D 155 8.41 -15.39 -25.14
CA CYS D 155 7.61 -16.25 -26.01
C CYS D 155 8.34 -16.44 -27.35
N ASN D 156 9.46 -15.75 -27.49
CA ASN D 156 10.26 -15.80 -28.70
C ASN D 156 11.51 -16.62 -28.38
N ALA D 157 11.59 -17.83 -28.94
CA ALA D 157 12.74 -18.70 -28.72
C ALA D 157 14.09 -18.10 -29.15
N ASP D 158 14.11 -17.16 -30.10
CA ASP D 158 15.34 -16.48 -30.48
C ASP D 158 15.87 -15.67 -29.30
N VAL D 159 14.97 -15.04 -28.56
CA VAL D 159 15.36 -14.25 -27.39
C VAL D 159 15.90 -15.18 -26.30
N PHE D 160 15.33 -16.37 -26.17
CA PHE D 160 15.86 -17.33 -25.21
C PHE D 160 17.31 -17.63 -25.59
N ALA D 161 17.55 -17.88 -26.88
CA ALA D 161 18.91 -18.17 -27.37
C ALA D 161 19.87 -17.01 -27.08
N TYR D 162 19.45 -15.80 -27.41
CA TYR D 162 20.27 -14.61 -27.19
C TYR D 162 20.61 -14.44 -25.71
N ALA D 163 19.62 -14.59 -24.82
CA ALA D 163 19.83 -14.47 -23.39
C ALA D 163 20.85 -15.51 -22.92
N ALA D 164 20.71 -16.74 -23.42
CA ALA D 164 21.64 -17.81 -23.11
C ALA D 164 23.08 -17.44 -23.50
N ALA D 165 23.24 -16.81 -24.65
CA ALA D 165 24.58 -16.43 -25.11
C ALA D 165 25.19 -15.39 -24.18
N LYS D 166 24.40 -14.39 -23.82
CA LYS D 166 24.88 -13.36 -22.92
C LYS D 166 25.17 -13.86 -21.51
N VAL D 167 24.50 -14.92 -21.09
CA VAL D 167 24.78 -15.53 -19.80
C VAL D 167 26.03 -16.42 -19.92
N LYS D 168 26.21 -17.04 -21.08
CA LYS D 168 27.38 -17.89 -21.34
C LYS D 168 28.65 -17.06 -21.27
N LYS D 169 28.65 -15.95 -22.01
CA LYS D 169 29.75 -15.00 -22.00
C LYS D 169 29.92 -14.46 -20.57
N GLY D 170 28.79 -14.21 -19.90
CA GLY D 170 28.82 -13.73 -18.53
C GLY D 170 29.59 -14.64 -17.60
N LEU D 171 29.33 -15.94 -17.67
CA LEU D 171 30.02 -16.93 -16.85
C LEU D 171 31.51 -17.03 -17.20
N GLU D 172 31.84 -16.85 -18.47
CA GLU D 172 33.24 -16.90 -18.89
C GLU D 172 34.01 -15.74 -18.28
N ILE D 173 33.41 -14.56 -18.30
CA ILE D 173 34.03 -13.39 -17.71
C ILE D 173 34.17 -13.58 -16.20
N ALA D 174 33.17 -14.21 -15.58
CA ALA D 174 33.20 -14.46 -14.15
C ALA D 174 34.40 -15.34 -13.82
N LYS D 175 34.52 -16.45 -14.55
CA LYS D 175 35.64 -17.40 -14.39
C LYS D 175 36.99 -16.70 -14.57
N ARG D 176 37.07 -15.86 -15.59
CA ARG D 176 38.28 -15.15 -15.97
C ARG D 176 38.73 -14.15 -14.91
N LEU D 177 37.81 -13.35 -14.39
CA LEU D 177 38.15 -12.34 -13.38
C LEU D 177 38.04 -12.88 -11.96
N GLY D 178 37.66 -14.15 -11.83
CA GLY D 178 37.57 -14.77 -10.52
C GLY D 178 36.48 -14.21 -9.61
N ALA D 179 35.29 -14.01 -10.17
CA ALA D 179 34.14 -13.57 -9.41
C ALA D 179 33.84 -14.63 -8.36
N GLU D 180 33.45 -14.19 -7.17
CA GLU D 180 33.09 -15.10 -6.10
C GLU D 180 31.66 -15.62 -6.28
N ASN D 181 30.84 -14.85 -6.98
CA ASN D 181 29.44 -15.21 -7.17
C ASN D 181 29.01 -14.80 -8.56
N TYR D 182 27.86 -15.30 -9.00
CA TYR D 182 27.24 -14.87 -10.26
C TYR D 182 25.75 -14.67 -9.98
N VAL D 183 25.25 -13.47 -10.26
CA VAL D 183 23.89 -13.11 -9.93
C VAL D 183 22.92 -13.15 -11.11
N PHE D 184 21.73 -13.68 -10.85
CA PHE D 184 20.62 -13.68 -11.79
C PHE D 184 19.50 -12.81 -11.22
N TRP D 185 19.04 -11.83 -11.99
CA TRP D 185 17.87 -11.03 -11.60
C TRP D 185 16.83 -11.06 -12.71
N GLY D 186 15.66 -11.64 -12.44
CA GLY D 186 14.65 -11.78 -13.48
C GLY D 186 13.79 -10.55 -13.72
N GLY D 187 14.41 -9.44 -14.10
CA GLY D 187 13.69 -8.20 -14.32
C GLY D 187 12.47 -8.29 -15.22
N ARG D 188 12.60 -9.02 -16.32
CA ARG D 188 11.49 -9.22 -17.24
C ARG D 188 10.91 -10.65 -17.12
N GLU D 189 11.39 -11.40 -16.15
CA GLU D 189 10.93 -12.77 -15.96
C GLU D 189 9.73 -12.75 -15.02
N GLY D 190 8.59 -12.42 -15.61
CA GLY D 190 7.34 -12.34 -14.90
C GLY D 190 6.28 -12.10 -15.95
N TYR D 191 5.30 -11.27 -15.65
CA TYR D 191 4.27 -10.95 -16.63
C TYR D 191 3.75 -9.53 -16.46
N GLU D 192 3.15 -9.01 -17.54
CA GLU D 192 2.57 -7.69 -17.52
C GLU D 192 1.05 -7.89 -17.42
N THR D 193 0.61 -9.02 -17.97
CA THR D 193 -0.79 -9.43 -17.88
C THR D 193 -0.90 -10.92 -18.06
N LEU D 194 -1.71 -11.54 -17.22
CA LEU D 194 -1.96 -12.97 -17.30
C LEU D 194 -2.71 -13.33 -18.58
N LEU D 195 -3.48 -12.38 -19.09
CA LEU D 195 -4.31 -12.58 -20.28
C LEU D 195 -3.64 -13.21 -21.51
N ASN D 196 -2.36 -12.95 -21.70
CA ASN D 196 -1.63 -13.48 -22.85
C ASN D 196 -0.48 -14.39 -22.42
N THR D 197 -0.53 -14.85 -21.17
CA THR D 197 0.59 -15.59 -20.58
C THR D 197 0.40 -17.07 -20.36
N ASP D 198 1.33 -17.87 -20.88
CA ASP D 198 1.35 -19.29 -20.59
C ASP D 198 2.38 -19.41 -19.49
N MET D 199 1.92 -19.28 -18.26
CA MET D 199 2.77 -19.28 -17.08
C MET D 199 3.53 -20.58 -16.88
N LYS D 200 2.87 -21.72 -17.04
CA LYS D 200 3.57 -22.99 -16.85
C LYS D 200 4.71 -23.15 -17.84
N LEU D 201 4.51 -22.72 -19.09
CA LEU D 201 5.58 -22.79 -20.08
C LEU D 201 6.73 -21.87 -19.69
N GLU D 202 6.42 -20.61 -19.38
CA GLU D 202 7.44 -19.66 -18.98
C GLU D 202 8.28 -20.17 -17.81
N LEU D 203 7.62 -20.72 -16.81
CA LEU D 203 8.34 -21.25 -15.66
C LEU D 203 9.17 -22.46 -16.04
N ASP D 204 8.62 -23.34 -16.87
CA ASP D 204 9.34 -24.51 -17.37
C ASP D 204 10.62 -24.09 -18.05
N ASN D 205 10.53 -23.06 -18.89
CA ASN D 205 11.66 -22.56 -19.65
C ASN D 205 12.68 -21.85 -18.77
N LEU D 206 12.21 -21.13 -17.75
CA LEU D 206 13.10 -20.47 -16.82
C LEU D 206 13.97 -21.51 -16.13
N ALA D 207 13.35 -22.64 -15.80
CA ALA D 207 14.05 -23.75 -15.17
C ALA D 207 15.05 -24.40 -16.12
N ARG D 208 14.65 -24.56 -17.38
CA ARG D 208 15.53 -25.16 -18.39
C ARG D 208 16.75 -24.26 -18.59
N PHE D 209 16.50 -22.96 -18.62
CA PHE D 209 17.55 -21.96 -18.74
C PHE D 209 18.55 -22.08 -17.59
N LEU D 210 18.06 -22.02 -16.35
CA LEU D 210 18.93 -22.13 -15.19
C LEU D 210 19.68 -23.46 -15.16
N HIS D 211 19.05 -24.53 -15.62
CA HIS D 211 19.75 -25.79 -15.66
C HIS D 211 20.94 -25.76 -16.58
N MET D 212 20.74 -25.19 -17.77
CA MET D 212 21.80 -25.05 -18.76
C MET D 212 22.96 -24.24 -18.22
N ALA D 213 22.65 -23.23 -17.40
CA ALA D 213 23.67 -22.40 -16.79
C ALA D 213 24.53 -23.19 -15.81
N VAL D 214 23.92 -23.90 -14.88
CA VAL D 214 24.70 -24.64 -13.89
C VAL D 214 25.53 -25.73 -14.56
N ASP D 215 25.07 -26.18 -15.73
CA ASP D 215 25.78 -27.18 -16.52
C ASP D 215 27.00 -26.57 -17.18
N TYR D 216 26.83 -25.38 -17.76
CA TYR D 216 27.94 -24.69 -18.40
C TYR D 216 28.98 -24.30 -17.36
N ALA D 217 28.51 -23.85 -16.20
CA ALA D 217 29.39 -23.48 -15.11
C ALA D 217 30.29 -24.66 -14.75
N LYS D 218 29.76 -25.89 -14.79
CA LYS D 218 30.57 -27.07 -14.47
C LYS D 218 31.55 -27.36 -15.57
N GLU D 219 31.07 -27.27 -16.80
CA GLU D 219 31.87 -27.53 -17.98
C GLU D 219 33.12 -26.65 -18.01
N ILE D 220 32.96 -25.34 -17.83
CA ILE D 220 34.12 -24.42 -17.82
C ILE D 220 34.84 -24.38 -16.46
N GLY D 221 34.31 -25.08 -15.47
CA GLY D 221 34.90 -25.09 -14.16
C GLY D 221 34.79 -23.76 -13.44
N PHE D 222 33.60 -23.15 -13.37
CA PHE D 222 33.45 -21.87 -12.70
C PHE D 222 33.69 -21.96 -11.20
N ASP D 223 32.86 -22.70 -10.49
CA ASP D 223 32.95 -22.89 -9.04
C ASP D 223 32.65 -21.62 -8.16
N GLY D 224 31.97 -20.64 -8.71
CA GLY D 224 31.58 -19.49 -7.91
C GLY D 224 30.15 -19.71 -7.47
N GLN D 225 29.64 -18.94 -6.51
CA GLN D 225 28.27 -19.16 -6.02
C GLN D 225 27.19 -18.53 -6.90
N PHE D 226 26.29 -19.36 -7.41
CA PHE D 226 25.14 -18.86 -8.17
C PHE D 226 24.15 -18.21 -7.21
N LEU D 227 23.66 -17.04 -7.60
CA LEU D 227 22.74 -16.29 -6.77
C LEU D 227 21.51 -15.84 -7.55
N ILE D 228 20.36 -15.88 -6.89
CA ILE D 228 19.14 -15.38 -7.48
C ILE D 228 18.68 -14.21 -6.62
N GLU D 229 18.34 -13.10 -7.27
CA GLU D 229 17.91 -11.91 -6.56
C GLU D 229 16.40 -11.71 -6.72
N PRO D 230 15.60 -12.02 -5.69
CA PRO D 230 14.16 -11.83 -5.82
C PRO D 230 13.69 -10.38 -5.84
N LYS D 231 12.54 -10.17 -6.39
CA LYS D 231 11.81 -8.92 -6.43
C LYS D 231 10.34 -9.14 -6.77
N PRO D 232 9.41 -8.48 -6.12
CA PRO D 232 7.99 -8.70 -6.36
C PRO D 232 7.47 -8.24 -7.72
N LYS D 233 7.97 -7.11 -8.19
CA LYS D 233 7.45 -6.45 -9.38
C LYS D 233 8.38 -5.30 -9.74
N GLU D 234 8.01 -4.55 -10.78
CA GLU D 234 8.80 -3.46 -11.34
C GLU D 234 10.09 -3.95 -12.03
N PRO D 235 10.15 -3.87 -13.37
CA PRO D 235 9.19 -3.39 -14.38
C PRO D 235 7.89 -4.19 -14.49
N THR D 236 7.99 -5.51 -14.34
CA THR D 236 6.84 -6.41 -14.47
C THR D 236 5.71 -6.11 -13.46
N LYS D 237 4.49 -6.43 -13.84
CA LYS D 237 3.36 -6.31 -12.91
C LYS D 237 3.56 -7.36 -11.81
N HIS D 238 4.10 -8.51 -12.21
CA HIS D 238 4.46 -9.56 -11.28
C HIS D 238 5.74 -10.22 -11.74
N GLN D 239 6.74 -10.25 -10.88
CA GLN D 239 7.99 -10.92 -11.20
C GLN D 239 7.94 -12.30 -10.55
N TYR D 240 8.36 -13.33 -11.28
CA TYR D 240 8.24 -14.70 -10.77
C TYR D 240 8.96 -14.96 -9.45
N ASP D 241 10.23 -14.57 -9.32
CA ASP D 241 10.94 -14.72 -8.04
C ASP D 241 10.57 -13.53 -7.15
N PHE D 242 9.31 -13.50 -6.78
CA PHE D 242 8.66 -12.49 -5.95
C PHE D 242 9.32 -12.30 -4.58
N ASP D 243 9.70 -13.45 -4.02
CA ASP D 243 10.09 -13.57 -2.61
C ASP D 243 11.26 -14.49 -2.52
N VAL D 244 11.90 -14.50 -1.36
CA VAL D 244 12.86 -15.54 -1.05
C VAL D 244 12.08 -16.85 -1.07
N ALA D 245 10.94 -16.88 -0.37
CA ALA D 245 10.09 -18.07 -0.27
C ALA D 245 9.53 -18.50 -1.61
N THR D 246 9.03 -17.55 -2.39
CA THR D 246 8.47 -17.86 -3.69
C THR D 246 9.52 -18.47 -4.62
N ALA D 247 10.71 -17.86 -4.65
CA ALA D 247 11.81 -18.36 -5.47
C ALA D 247 12.22 -19.76 -4.98
N LEU D 248 12.21 -19.94 -3.67
CA LEU D 248 12.52 -21.23 -3.09
C LEU D 248 11.57 -22.31 -3.62
N ALA D 249 10.27 -22.00 -3.63
CA ALA D 249 9.26 -22.91 -4.14
C ALA D 249 9.62 -23.34 -5.55
N PHE D 250 10.00 -22.37 -6.38
CA PHE D 250 10.39 -22.62 -7.76
C PHE D 250 11.58 -23.57 -7.85
N LEU D 251 12.66 -23.25 -7.14
CA LEU D 251 13.87 -24.04 -7.15
C LEU D 251 13.60 -25.47 -6.70
N GLN D 252 12.70 -25.64 -5.74
CA GLN D 252 12.36 -26.95 -5.23
C GLN D 252 11.59 -27.75 -6.26
N THR D 253 10.66 -27.09 -6.94
CA THR D 253 9.87 -27.73 -7.98
C THR D 253 10.73 -28.31 -9.09
N TYR D 254 11.78 -27.59 -9.47
CA TYR D 254 12.63 -28.01 -10.57
C TYR D 254 13.98 -28.60 -10.16
N GLY D 255 14.15 -28.85 -8.86
CA GLY D 255 15.38 -29.46 -8.38
C GLY D 255 16.65 -28.64 -8.63
N LEU D 256 16.53 -27.32 -8.60
CA LEU D 256 17.69 -26.45 -8.78
C LEU D 256 18.17 -25.93 -7.43
N LYS D 257 17.53 -26.38 -6.36
CA LYS D 257 17.79 -25.83 -5.04
C LYS D 257 19.22 -25.91 -4.52
N ASP D 258 19.93 -26.99 -4.83
CA ASP D 258 21.28 -27.13 -4.30
C ASP D 258 22.32 -26.26 -4.98
N TYR D 259 21.97 -25.72 -6.13
CA TYR D 259 22.91 -24.90 -6.89
C TYR D 259 22.81 -23.41 -6.60
N PHE D 260 21.74 -23.00 -5.92
CA PHE D 260 21.50 -21.59 -5.72
C PHE D 260 21.42 -21.12 -4.28
N LYS D 261 21.71 -19.83 -4.12
CA LYS D 261 21.53 -19.11 -2.87
C LYS D 261 20.92 -17.78 -3.28
N PHE D 262 20.48 -16.98 -2.33
CA PHE D 262 19.80 -15.74 -2.66
C PHE D 262 20.61 -14.48 -2.45
N ASN D 263 20.38 -13.51 -3.31
CA ASN D 263 20.95 -12.19 -3.14
C ASN D 263 19.77 -11.31 -2.70
N ILE D 264 19.78 -10.88 -1.45
CA ILE D 264 18.65 -10.14 -0.88
C ILE D 264 18.90 -8.64 -0.90
N GLU D 265 17.97 -7.89 -1.46
CA GLU D 265 18.07 -6.44 -1.51
C GLU D 265 16.96 -5.87 -0.66
N ALA D 266 17.32 -4.96 0.25
CA ALA D 266 16.36 -4.37 1.19
C ALA D 266 15.10 -3.84 0.51
N ASN D 267 15.28 -2.89 -0.41
CA ASN D 267 14.16 -2.27 -1.10
C ASN D 267 13.21 -3.30 -1.71
N HIS D 268 13.76 -4.44 -2.13
CA HIS D 268 12.95 -5.48 -2.74
C HIS D 268 12.09 -6.19 -1.71
N ALA D 269 12.66 -6.37 -0.53
CA ALA D 269 11.94 -7.05 0.53
C ALA D 269 10.74 -6.20 0.97
N THR D 270 10.97 -4.91 1.17
CA THR D 270 9.93 -3.99 1.61
C THR D 270 8.84 -3.90 0.55
N LEU D 271 9.25 -3.94 -0.72
CA LEU D 271 8.32 -3.87 -1.84
C LEU D 271 7.40 -5.10 -1.86
N ALA D 272 7.90 -6.25 -1.39
CA ALA D 272 7.10 -7.46 -1.29
C ALA D 272 6.23 -7.46 -0.03
N GLY D 273 6.36 -6.41 0.78
CA GLY D 273 5.60 -6.33 2.02
C GLY D 273 6.27 -7.05 3.19
N HIS D 274 7.58 -7.27 3.13
CA HIS D 274 8.32 -7.90 4.21
C HIS D 274 9.37 -6.92 4.69
N THR D 275 9.87 -7.15 5.90
CA THR D 275 10.97 -6.37 6.40
C THR D 275 12.26 -7.00 5.89
N PHE D 276 13.28 -6.18 5.73
CA PHE D 276 14.60 -6.64 5.29
C PHE D 276 15.04 -7.83 6.14
N GLU D 277 14.95 -7.68 7.46
CA GLU D 277 15.35 -8.75 8.38
C GLU D 277 14.62 -10.03 8.07
N HIS D 278 13.30 -9.91 7.85
CA HIS D 278 12.49 -11.07 7.55
C HIS D 278 13.05 -11.90 6.39
N GLU D 279 13.34 -11.24 5.27
CA GLU D 279 13.88 -11.94 4.11
C GLU D 279 15.22 -12.60 4.41
N LEU D 280 16.07 -11.92 5.17
CA LEU D 280 17.35 -12.48 5.55
C LEU D 280 17.13 -13.71 6.42
N ARG D 281 16.24 -13.61 7.42
CA ARG D 281 15.92 -14.70 8.33
C ARG D 281 15.47 -15.96 7.59
N VAL D 282 14.54 -15.79 6.66
CA VAL D 282 14.00 -16.90 5.91
C VAL D 282 15.09 -17.56 5.09
N ALA D 283 15.88 -16.75 4.38
CA ALA D 283 16.98 -17.26 3.58
C ALA D 283 17.91 -18.03 4.50
N ARG D 284 18.30 -17.36 5.58
CA ARG D 284 19.21 -17.90 6.57
C ARG D 284 18.81 -19.26 7.13
N ILE D 285 17.57 -19.42 7.58
CA ILE D 285 17.16 -20.70 8.17
C ILE D 285 17.07 -21.81 7.14
N HIS D 286 17.25 -21.45 5.87
CA HIS D 286 17.26 -22.45 4.80
C HIS D 286 18.67 -22.58 4.24
N GLY D 287 19.64 -21.94 4.90
CA GLY D 287 21.02 -21.97 4.47
C GLY D 287 21.21 -21.38 3.09
N MET D 288 20.41 -20.38 2.76
CA MET D 288 20.46 -19.79 1.42
C MET D 288 20.62 -18.29 1.38
N LEU D 289 21.24 -17.74 2.42
CA LEU D 289 21.58 -16.32 2.47
C LEU D 289 22.94 -16.18 1.79
N GLY D 290 22.90 -15.89 0.49
CA GLY D 290 24.12 -15.83 -0.29
C GLY D 290 24.86 -14.51 -0.24
N SER D 291 24.14 -13.40 -0.44
CA SER D 291 24.78 -12.09 -0.43
C SER D 291 23.71 -11.01 -0.26
N VAL D 292 24.15 -9.77 -0.03
CA VAL D 292 23.21 -8.67 0.23
C VAL D 292 23.44 -7.45 -0.67
N ASP D 293 22.35 -6.85 -1.12
CA ASP D 293 22.38 -5.56 -1.79
C ASP D 293 21.92 -4.57 -0.73
N ALA D 294 22.87 -3.84 -0.16
CA ALA D 294 22.56 -2.93 0.94
C ALA D 294 22.05 -1.57 0.50
N ASN D 295 20.73 -1.43 0.41
CA ASN D 295 20.10 -0.14 0.12
C ASN D 295 18.98 0.08 1.10
N GLN D 296 18.01 0.89 0.73
CA GLN D 296 16.90 1.25 1.61
C GLN D 296 15.89 1.96 0.77
N GLY D 297 14.63 1.65 0.96
CA GLY D 297 13.58 2.30 0.19
C GLY D 297 12.79 3.18 1.15
N ASP D 298 11.70 3.76 0.64
CA ASP D 298 10.80 4.59 1.41
C ASP D 298 9.56 3.73 1.47
N MET D 299 9.00 3.53 2.66
CA MET D 299 7.87 2.65 2.75
C MET D 299 6.57 3.31 2.35
N LEU D 300 6.61 4.62 2.11
CA LEU D 300 5.43 5.35 1.66
C LEU D 300 5.43 5.47 0.13
N LEU D 301 6.49 4.95 -0.50
CA LEU D 301 6.63 5.01 -1.95
C LEU D 301 6.72 3.60 -2.50
N GLY D 302 5.84 3.30 -3.45
CA GLY D 302 5.69 1.94 -3.93
C GLY D 302 6.56 1.53 -5.11
N TRP D 303 7.75 2.13 -5.21
CA TRP D 303 8.70 1.80 -6.25
C TRP D 303 10.10 1.76 -5.65
N ASP D 304 11.05 1.21 -6.39
CA ASP D 304 12.42 1.13 -5.91
C ASP D 304 13.03 2.52 -5.88
N THR D 305 13.57 2.91 -4.73
CA THR D 305 14.21 4.21 -4.62
C THR D 305 15.72 4.06 -4.52
N ASP D 306 16.18 2.88 -4.13
CA ASP D 306 17.60 2.58 -4.06
C ASP D 306 18.42 3.61 -3.30
N GLU D 307 17.93 3.99 -2.13
CA GLU D 307 18.66 4.93 -1.29
C GLU D 307 19.78 4.24 -0.54
N PHE D 308 20.77 5.03 -0.15
CA PHE D 308 21.83 4.52 0.68
C PHE D 308 21.31 4.28 2.09
N PRO D 309 21.78 3.20 2.74
CA PRO D 309 21.40 2.79 4.09
C PRO D 309 21.85 3.77 5.17
N THR D 310 20.91 4.51 5.74
CA THR D 310 21.22 5.41 6.83
C THR D 310 20.43 5.03 8.10
N ASP D 311 19.31 4.35 7.91
CA ASP D 311 18.48 3.92 9.03
C ASP D 311 19.24 2.88 9.84
N LEU D 312 19.62 3.26 11.06
CA LEU D 312 20.41 2.37 11.92
C LEU D 312 19.67 1.16 12.48
N TYR D 313 18.34 1.22 12.57
CA TYR D 313 17.62 0.05 13.07
C TYR D 313 17.76 -1.08 12.05
N SER D 314 17.61 -0.72 10.78
CA SER D 314 17.73 -1.67 9.69
C SER D 314 19.08 -2.31 9.63
N THR D 315 20.13 -1.49 9.59
CA THR D 315 21.50 -2.00 9.52
C THR D 315 21.79 -2.92 10.70
N THR D 316 21.43 -2.49 11.91
CA THR D 316 21.60 -3.32 13.10
C THR D 316 20.87 -4.65 12.95
N LEU D 317 19.58 -4.56 12.63
CA LEU D 317 18.73 -5.74 12.48
C LEU D 317 19.18 -6.66 11.36
N ALA D 318 19.73 -6.09 10.29
CA ALA D 318 20.21 -6.91 9.17
C ALA D 318 21.49 -7.61 9.59
N MET D 319 22.41 -6.86 10.18
CA MET D 319 23.67 -7.41 10.64
C MET D 319 23.47 -8.53 11.65
N TYR D 320 22.44 -8.41 12.48
CA TYR D 320 22.15 -9.45 13.46
C TYR D 320 21.88 -10.78 12.73
N GLU D 321 21.14 -10.68 11.62
CA GLU D 321 20.83 -11.85 10.80
C GLU D 321 22.07 -12.40 10.13
N ILE D 322 22.88 -11.48 9.61
CA ILE D 322 24.10 -11.85 8.92
C ILE D 322 25.11 -12.52 9.86
N LEU D 323 25.27 -11.98 11.07
CA LEU D 323 26.19 -12.57 12.04
C LEU D 323 25.73 -13.96 12.45
N LYS D 324 24.42 -14.12 12.63
CA LYS D 324 23.90 -15.42 13.01
C LYS D 324 24.02 -16.45 11.90
N ASN D 325 24.15 -15.98 10.67
CA ASN D 325 24.31 -16.84 9.53
C ASN D 325 25.77 -17.30 9.46
N GLY D 326 26.59 -16.73 10.33
CA GLY D 326 28.01 -17.01 10.33
C GLY D 326 28.73 -16.06 9.41
N GLY D 327 28.08 -14.94 9.14
CA GLY D 327 28.67 -13.95 8.24
C GLY D 327 28.21 -14.07 6.80
N LEU D 328 28.72 -13.22 5.93
CA LEU D 328 28.31 -13.20 4.53
C LEU D 328 28.98 -14.32 3.74
N GLY D 329 30.01 -14.91 4.33
CA GLY D 329 30.75 -15.98 3.66
C GLY D 329 31.38 -15.52 2.36
N ARG D 330 30.77 -15.92 1.26
CA ARG D 330 31.28 -15.61 -0.08
C ARG D 330 30.71 -14.32 -0.65
N GLY D 331 29.56 -13.90 -0.11
CA GLY D 331 28.92 -12.68 -0.59
C GLY D 331 29.44 -11.47 0.14
N GLY D 332 28.76 -10.34 -0.04
CA GLY D 332 29.20 -9.11 0.61
C GLY D 332 28.08 -8.11 0.69
N LEU D 333 28.39 -6.89 1.12
CA LEU D 333 27.37 -5.84 1.20
C LEU D 333 27.54 -4.91 0.02
N ASN D 334 26.90 -5.27 -1.10
CA ASN D 334 26.99 -4.47 -2.32
C ASN D 334 26.03 -3.29 -2.24
N PHE D 335 26.57 -2.08 -2.36
CA PHE D 335 25.73 -0.88 -2.32
C PHE D 335 25.01 -0.68 -3.63
N ASP D 336 23.90 -1.39 -3.79
CA ASP D 336 23.04 -1.22 -4.94
C ASP D 336 22.16 -0.02 -4.58
N ALA D 337 22.83 1.08 -4.28
CA ALA D 337 22.14 2.30 -3.89
C ALA D 337 22.55 3.35 -4.91
N LYS D 338 21.88 4.49 -4.86
CA LYS D 338 22.01 5.52 -5.87
C LYS D 338 21.79 6.86 -5.18
N VAL D 339 22.57 7.88 -5.54
CA VAL D 339 22.37 9.18 -4.91
C VAL D 339 21.01 9.78 -5.32
N ARG D 340 20.40 10.57 -4.44
CA ARG D 340 19.13 11.23 -4.76
C ARG D 340 19.36 12.14 -5.96
N ARG D 341 18.33 12.35 -6.78
CA ARG D 341 18.49 13.20 -7.95
C ARG D 341 18.94 14.60 -7.55
N GLY D 342 18.62 14.99 -6.31
CA GLY D 342 19.03 16.28 -5.79
C GLY D 342 20.50 16.33 -5.39
N SER D 343 21.12 15.17 -5.19
CA SER D 343 22.53 15.08 -4.84
C SER D 343 23.30 14.77 -6.12
N PHE D 344 23.33 15.74 -7.03
CA PHE D 344 23.90 15.54 -8.36
C PHE D 344 25.39 15.88 -8.52
N GLU D 345 26.04 16.30 -7.45
CA GLU D 345 27.46 16.67 -7.52
C GLU D 345 28.34 15.44 -7.36
N PRO D 346 29.58 15.49 -7.87
CA PRO D 346 30.50 14.35 -7.80
C PRO D 346 30.80 13.92 -6.37
N GLU D 347 30.95 14.89 -5.48
CA GLU D 347 31.28 14.62 -4.09
C GLU D 347 30.18 13.87 -3.35
N ASP D 348 28.97 13.89 -3.91
CA ASP D 348 27.87 13.19 -3.30
C ASP D 348 28.05 11.67 -3.40
N LEU D 349 28.81 11.22 -4.38
CA LEU D 349 29.08 9.79 -4.51
C LEU D 349 29.84 9.33 -3.27
N PHE D 350 30.70 10.22 -2.76
CA PHE D 350 31.49 9.93 -1.58
C PHE D 350 30.67 10.07 -0.32
N TYR D 351 29.94 11.18 -0.19
CA TYR D 351 29.09 11.38 0.97
C TYR D 351 28.16 10.20 1.15
N ALA D 352 27.52 9.80 0.04
CA ALA D 352 26.58 8.69 0.04
C ALA D 352 27.21 7.39 0.55
N HIS D 353 28.35 7.01 -0.02
CA HIS D 353 29.00 5.79 0.39
C HIS D 353 29.48 5.81 1.83
N ILE D 354 29.99 6.96 2.27
CA ILE D 354 30.42 7.09 3.65
C ILE D 354 29.21 6.86 4.56
N ALA D 355 28.10 7.51 4.24
CA ALA D 355 26.87 7.35 5.01
C ALA D 355 26.48 5.89 5.16
N GLY D 356 26.48 5.16 4.04
CA GLY D 356 26.09 3.77 4.06
C GLY D 356 27.07 2.90 4.82
N MET D 357 28.36 3.18 4.65
CA MET D 357 29.40 2.40 5.31
C MET D 357 29.41 2.61 6.82
N ASP D 358 29.27 3.87 7.24
CA ASP D 358 29.24 4.16 8.66
C ASP D 358 28.02 3.53 9.30
N SER D 359 26.89 3.61 8.59
CA SER D 359 25.65 3.05 9.09
C SER D 359 25.75 1.54 9.29
N PHE D 360 26.44 0.85 8.38
CA PHE D 360 26.62 -0.56 8.55
C PHE D 360 27.68 -0.93 9.58
N ALA D 361 28.68 -0.06 9.72
CA ALA D 361 29.68 -0.22 10.78
C ALA D 361 28.97 -0.17 12.13
N VAL D 362 28.16 0.86 12.35
CA VAL D 362 27.39 0.97 13.58
C VAL D 362 26.52 -0.27 13.77
N GLY D 363 25.79 -0.66 12.73
CA GLY D 363 24.95 -1.84 12.80
C GLY D 363 25.71 -3.09 13.20
N LEU D 364 26.91 -3.27 12.65
CA LEU D 364 27.76 -4.42 12.97
C LEU D 364 28.13 -4.39 14.43
N LYS D 365 28.60 -3.24 14.89
CA LYS D 365 29.03 -3.06 16.27
C LYS D 365 27.91 -3.42 17.25
N VAL D 366 26.74 -2.80 17.12
CA VAL D 366 25.65 -3.12 18.04
C VAL D 366 24.99 -4.49 17.86
N ALA D 367 24.85 -4.97 16.63
CA ALA D 367 24.27 -6.30 16.39
C ALA D 367 25.12 -7.35 17.09
N HIS D 368 26.42 -7.14 17.06
CA HIS D 368 27.35 -8.05 17.69
C HIS D 368 27.18 -8.07 19.21
N ARG D 369 26.99 -6.91 19.83
CA ARG D 369 26.81 -6.84 21.27
C ARG D 369 25.52 -7.55 21.66
N LEU D 370 24.45 -7.30 20.92
CA LEU D 370 23.17 -7.93 21.16
C LEU D 370 23.32 -9.45 21.20
N ILE D 371 24.12 -9.96 20.27
CA ILE D 371 24.38 -11.39 20.17
C ILE D 371 25.26 -11.91 21.31
N GLU D 372 26.37 -11.24 21.61
CA GLU D 372 27.25 -11.74 22.66
C GLU D 372 26.62 -11.62 24.05
N ASP D 373 25.81 -10.59 24.26
CA ASP D 373 25.09 -10.45 25.53
C ASP D 373 23.83 -11.32 25.61
N ARG D 374 23.56 -12.08 24.56
CA ARG D 374 22.37 -12.93 24.46
C ARG D 374 21.09 -12.17 24.82
N VAL D 375 21.01 -10.90 24.41
CA VAL D 375 19.88 -10.04 24.78
C VAL D 375 18.51 -10.66 24.42
N PHE D 376 18.38 -11.06 23.17
CA PHE D 376 17.15 -11.67 22.68
C PHE D 376 17.21 -13.18 22.88
N ASP D 377 18.38 -13.76 22.65
CA ASP D 377 18.52 -15.21 22.78
C ASP D 377 18.18 -15.74 24.16
N GLU D 378 18.60 -15.03 25.20
CA GLU D 378 18.30 -15.37 26.58
C GLU D 378 16.80 -15.64 26.73
N PHE D 379 16.00 -14.68 26.30
CA PHE D 379 14.55 -14.74 26.39
C PHE D 379 13.91 -15.82 25.54
N ILE D 380 14.32 -15.89 24.27
CA ILE D 380 13.74 -16.86 23.32
C ILE D 380 13.94 -18.27 23.90
N GLU D 381 15.14 -18.52 24.41
CA GLU D 381 15.51 -19.78 25.00
C GLU D 381 14.57 -20.11 26.16
N GLU D 382 14.29 -19.10 26.97
CA GLU D 382 13.42 -19.30 28.15
C GLU D 382 11.96 -19.57 27.79
N ARG D 383 11.41 -18.81 26.85
CA ARG D 383 9.99 -18.95 26.49
C ARG D 383 9.62 -20.16 25.65
N TYR D 384 10.60 -20.83 25.07
CA TYR D 384 10.32 -22.04 24.30
C TYR D 384 10.73 -23.33 25.02
N LYS D 385 11.03 -23.24 26.30
CA LYS D 385 11.57 -24.41 26.99
C LYS D 385 10.59 -25.56 27.25
N SER D 386 9.30 -25.35 27.01
CA SER D 386 8.32 -26.42 27.15
C SER D 386 8.66 -27.56 26.20
N TYR D 387 9.34 -27.24 25.11
CA TYR D 387 9.71 -28.25 24.10
C TYR D 387 11.02 -28.98 24.44
N THR D 388 11.50 -28.72 25.64
CA THR D 388 12.72 -29.28 26.18
C THR D 388 12.44 -30.45 27.09
N GLU D 389 11.25 -30.42 27.70
CA GLU D 389 10.89 -31.40 28.71
C GLU D 389 9.51 -31.97 28.45
N GLY D 390 9.11 -32.94 29.27
CA GLY D 390 7.79 -33.57 29.18
C GLY D 390 7.19 -33.77 27.80
N ILE D 391 5.92 -33.40 27.68
CA ILE D 391 5.15 -33.57 26.43
C ILE D 391 5.83 -32.84 25.26
N GLY D 392 6.33 -31.64 25.52
CA GLY D 392 6.98 -30.86 24.50
C GLY D 392 8.12 -31.62 23.86
N ARG D 393 8.98 -32.21 24.68
CA ARG D 393 10.10 -32.95 24.14
C ARG D 393 9.60 -34.13 23.30
N GLU D 394 8.48 -34.74 23.69
CA GLU D 394 7.92 -35.84 22.91
C GLU D 394 7.51 -35.34 21.53
N ILE D 395 6.84 -34.20 21.49
CA ILE D 395 6.46 -33.58 20.22
C ILE D 395 7.67 -33.45 19.30
N VAL D 396 8.76 -32.93 19.84
CA VAL D 396 9.96 -32.70 19.05
C VAL D 396 10.66 -33.99 18.63
N GLU D 397 10.86 -34.91 19.57
CA GLU D 397 11.48 -36.19 19.22
C GLU D 397 10.64 -36.97 18.21
N GLY D 398 9.37 -36.61 18.09
CA GLY D 398 8.49 -37.30 17.16
C GLY D 398 7.93 -38.58 17.75
N THR D 399 7.66 -38.53 19.05
CA THR D 399 7.09 -39.67 19.73
C THR D 399 5.68 -39.33 20.25
N ALA D 400 5.09 -38.27 19.72
CA ALA D 400 3.76 -37.86 20.15
C ALA D 400 2.78 -38.00 18.98
N ASP D 401 1.51 -38.24 19.30
CA ASP D 401 0.47 -38.29 18.28
C ASP D 401 -0.78 -37.62 18.82
N PHE D 402 -1.82 -37.53 17.99
CA PHE D 402 -3.06 -36.90 18.40
C PHE D 402 -3.66 -37.55 19.65
N HIS D 403 -3.41 -38.85 19.82
CA HIS D 403 -3.95 -39.57 20.98
C HIS D 403 -3.37 -39.06 22.30
N LYS D 404 -2.04 -39.06 22.39
CA LYS D 404 -1.34 -38.64 23.59
C LYS D 404 -1.59 -37.16 23.85
N LEU D 405 -1.52 -36.37 22.79
CA LEU D 405 -1.74 -34.94 22.92
C LEU D 405 -3.15 -34.65 23.43
N GLU D 406 -4.15 -35.35 22.91
CA GLU D 406 -5.53 -35.18 23.38
C GLU D 406 -5.66 -35.63 24.83
N ALA D 407 -5.08 -36.80 25.13
CA ALA D 407 -5.09 -37.32 26.49
C ALA D 407 -4.51 -36.27 27.44
N HIS D 408 -3.43 -35.63 27.01
CA HIS D 408 -2.78 -34.60 27.80
C HIS D 408 -3.68 -33.39 27.95
N ALA D 409 -4.21 -32.91 26.84
CA ALA D 409 -5.07 -31.72 26.82
C ALA D 409 -6.28 -31.89 27.73
N LEU D 410 -6.74 -33.13 27.86
CA LEU D 410 -7.92 -33.42 28.65
C LEU D 410 -7.74 -33.20 30.15
N GLN D 411 -6.53 -33.40 30.65
CA GLN D 411 -6.22 -33.24 32.06
C GLN D 411 -5.74 -31.82 32.36
N LEU D 412 -5.77 -30.95 31.36
CA LEU D 412 -5.25 -29.59 31.49
C LEU D 412 -6.30 -28.62 32.02
N GLY D 413 -5.88 -27.76 32.94
CA GLY D 413 -6.78 -26.74 33.48
C GLY D 413 -6.78 -25.51 32.59
N GLU D 414 -6.63 -24.34 33.18
CA GLU D 414 -6.50 -23.13 32.39
C GLU D 414 -5.02 -23.11 32.01
N ILE D 415 -4.74 -22.86 30.75
CA ILE D 415 -3.36 -22.77 30.28
C ILE D 415 -2.85 -21.38 30.60
N GLN D 416 -1.59 -21.30 31.06
CA GLN D 416 -1.01 -20.00 31.37
C GLN D 416 0.11 -19.70 30.38
N ASN D 417 0.09 -18.51 29.80
CA ASN D 417 1.17 -18.07 28.91
C ASN D 417 1.83 -16.88 29.58
N GLN D 418 3.00 -16.49 29.08
CA GLN D 418 3.68 -15.29 29.56
C GLN D 418 3.84 -14.32 28.40
N SER D 419 4.11 -13.07 28.76
CA SER D 419 4.24 -11.98 27.83
C SER D 419 5.29 -12.22 26.77
N GLY D 420 5.05 -11.68 25.59
CA GLY D 420 6.03 -11.74 24.52
C GLY D 420 7.09 -10.68 24.76
N ARG D 421 6.80 -9.74 25.65
CA ARG D 421 7.74 -8.71 26.07
C ARG D 421 8.24 -7.83 24.92
N GLN D 422 7.36 -7.54 23.97
CA GLN D 422 7.77 -6.77 22.81
C GLN D 422 8.32 -5.38 23.10
N GLU D 423 7.60 -4.63 23.92
CA GLU D 423 7.98 -3.25 24.23
C GLU D 423 9.33 -3.28 24.95
N ARG D 424 9.52 -4.28 25.81
CA ARG D 424 10.76 -4.45 26.55
C ARG D 424 11.91 -4.68 25.58
N LEU D 425 11.74 -5.67 24.70
CA LEU D 425 12.75 -6.00 23.71
C LEU D 425 13.11 -4.78 22.83
N LYS D 426 12.10 -4.03 22.44
CA LYS D 426 12.26 -2.84 21.63
C LYS D 426 13.03 -1.76 22.39
N THR D 427 12.72 -1.62 23.67
CA THR D 427 13.39 -0.67 24.55
C THR D 427 14.86 -1.06 24.66
N LEU D 428 15.09 -2.36 24.82
CA LEU D 428 16.44 -2.87 24.95
C LEU D 428 17.25 -2.54 23.72
N LEU D 429 16.67 -2.81 22.55
CA LEU D 429 17.31 -2.51 21.28
C LEU D 429 17.79 -1.06 21.26
N ASN D 430 16.96 -0.14 21.76
CA ASN D 430 17.31 1.28 21.77
C ASN D 430 18.49 1.54 22.67
N GLN D 431 18.45 0.92 23.85
CA GLN D 431 19.51 1.08 24.82
C GLN D 431 20.85 0.67 24.17
N TYR D 432 20.86 -0.48 23.50
CA TYR D 432 22.08 -0.91 22.80
C TYR D 432 22.50 0.00 21.66
N LEU D 433 21.52 0.57 20.96
CA LEU D 433 21.78 1.50 19.87
C LEU D 433 22.53 2.68 20.49
N LEU D 434 21.96 3.25 21.54
CA LEU D 434 22.54 4.41 22.19
C LEU D 434 23.85 4.16 22.94
N GLU D 435 24.19 2.90 23.19
CA GLU D 435 25.43 2.60 23.88
C GLU D 435 26.59 2.43 22.92
N VAL D 436 26.49 2.98 21.72
CA VAL D 436 27.57 2.83 20.75
C VAL D 436 28.88 3.53 21.15
N CYS D 437 28.78 4.62 21.91
CA CYS D 437 29.95 5.36 22.39
C CYS D 437 31.05 4.47 23.02
MN MN E . -6.45 9.06 18.54
MN MN F . -5.38 5.41 16.78
MN MN G . -1.92 14.03 -16.36
MN MN H . -0.34 10.30 -15.32
MN MN I . -11.37 -17.74 4.86
MN MN J . -11.38 -13.56 5.19
MN MN K . 19.75 -5.33 -7.03
MN MN L . 17.10 -2.12 -6.67
#